data_2L98
#
_entry.id   2L98
#
loop_
_entity.id
_entity.type
_entity.pdbx_description
1 polymer 'Troponin C, slow skeletal and cardiac muscles'
2 non-polymer 'CALCIUM ION'
3 non-polymer RESVERATROL
#
_entity_poly.entity_id   1
_entity_poly.type   'polypeptide(L)'
_entity_poly.pdbx_seq_one_letter_code
;MGKSEEELSDLFRMFDKNADGYIDLDELKIMLQATGETITEDDIEELMKDGDKNNDGRIDYDEFLEFMKGVE
;
_entity_poly.pdbx_strand_id   A
#
# COMPACT_ATOMS: atom_id res chain seq x y z
N MET A 1 -4.67 12.51 0.52
CA MET A 1 -3.43 12.25 1.33
C MET A 1 -3.75 12.32 2.84
N GLY A 2 -2.93 11.72 3.67
CA GLY A 2 -3.18 11.77 5.14
C GLY A 2 -2.74 13.13 5.70
N LYS A 3 -2.24 13.17 6.89
CA LYS A 3 -1.78 14.48 7.47
C LYS A 3 -0.27 14.59 7.25
N SER A 4 0.51 13.87 8.02
CA SER A 4 1.99 13.88 7.86
C SER A 4 2.51 12.48 8.14
N GLU A 5 3.79 12.32 8.32
CA GLU A 5 4.34 10.95 8.60
C GLU A 5 3.90 10.42 9.99
N GLU A 6 3.26 11.24 10.80
CA GLU A 6 2.80 10.74 12.14
C GLU A 6 1.66 9.73 11.91
N GLU A 7 0.66 10.13 11.17
CA GLU A 7 -0.47 9.21 10.86
C GLU A 7 -0.05 8.25 9.74
N LEU A 8 0.75 8.73 8.82
CA LEU A 8 1.25 7.87 7.69
C LEU A 8 2.00 6.67 8.24
N SER A 9 2.74 6.86 9.32
CA SER A 9 3.52 5.74 9.93
C SER A 9 2.60 4.58 10.30
N ASP A 10 1.54 4.84 11.04
CA ASP A 10 0.60 3.74 11.43
C ASP A 10 -0.01 3.09 10.18
N LEU A 11 -0.35 3.86 9.18
CA LEU A 11 -0.91 3.27 7.92
C LEU A 11 0.07 2.24 7.34
N PHE A 12 1.34 2.39 7.62
CA PHE A 12 2.34 1.41 7.08
C PHE A 12 2.65 0.30 8.12
N ARG A 13 3.04 0.67 9.32
CA ARG A 13 3.40 -0.35 10.36
C ARG A 13 2.19 -1.16 10.87
N MET A 14 1.06 -0.54 11.06
CA MET A 14 -0.13 -1.31 11.58
C MET A 14 -0.90 -1.99 10.44
N PHE A 15 -0.56 -1.73 9.20
CA PHE A 15 -1.30 -2.36 8.07
C PHE A 15 -0.59 -3.62 7.54
N ASP A 16 0.68 -3.80 7.83
CA ASP A 16 1.40 -5.01 7.30
C ASP A 16 0.79 -6.28 7.91
N LYS A 17 -0.14 -6.89 7.21
CA LYS A 17 -0.79 -8.13 7.73
C LYS A 17 0.21 -9.31 7.71
N ASN A 18 1.26 -9.21 6.94
CA ASN A 18 2.26 -10.32 6.88
C ASN A 18 3.28 -10.22 8.03
N ALA A 19 3.47 -9.06 8.59
CA ALA A 19 4.42 -8.86 9.73
C ALA A 19 5.90 -9.08 9.31
N ASP A 20 6.38 -8.34 8.35
CA ASP A 20 7.81 -8.51 7.93
C ASP A 20 8.52 -7.14 7.72
N GLY A 21 7.78 -6.03 7.76
CA GLY A 21 8.43 -4.69 7.56
C GLY A 21 8.05 -4.09 6.20
N TYR A 22 7.77 -4.90 5.22
CA TYR A 22 7.40 -4.37 3.87
C TYR A 22 6.04 -4.92 3.42
N ILE A 23 5.12 -4.07 3.07
CA ILE A 23 3.78 -4.57 2.63
C ILE A 23 3.87 -5.22 1.24
N ASP A 24 3.18 -6.33 1.05
CA ASP A 24 3.24 -7.04 -0.26
C ASP A 24 1.87 -6.99 -0.96
N LEU A 25 1.82 -7.49 -2.17
CA LEU A 25 0.53 -7.48 -2.96
C LEU A 25 -0.62 -8.17 -2.21
N ASP A 26 -0.33 -9.26 -1.54
CA ASP A 26 -1.42 -10.01 -0.82
C ASP A 26 -2.06 -9.14 0.28
N GLU A 27 -1.27 -8.45 1.07
CA GLU A 27 -1.86 -7.60 2.16
C GLU A 27 -2.56 -6.35 1.59
N LEU A 28 -2.05 -5.78 0.52
CA LEU A 28 -2.72 -4.56 -0.06
C LEU A 28 -4.15 -4.90 -0.47
N LYS A 29 -4.32 -6.00 -1.20
CA LYS A 29 -5.69 -6.42 -1.65
C LYS A 29 -6.57 -6.80 -0.45
N ILE A 30 -6.00 -7.23 0.64
CA ILE A 30 -6.81 -7.62 1.83
C ILE A 30 -7.03 -6.42 2.76
N MET A 31 -6.29 -5.36 2.59
CA MET A 31 -6.45 -4.16 3.48
C MET A 31 -7.64 -3.29 3.04
N LEU A 32 -7.68 -2.92 1.79
CA LEU A 32 -8.80 -2.06 1.30
C LEU A 32 -10.14 -2.82 1.33
N GLN A 33 -10.12 -4.12 1.51
CA GLN A 33 -11.42 -4.89 1.56
C GLN A 33 -12.36 -4.30 2.61
N ALA A 34 -11.84 -3.77 3.68
CA ALA A 34 -12.71 -3.17 4.75
C ALA A 34 -13.39 -1.88 4.26
N THR A 35 -12.78 -1.17 3.33
CA THR A 35 -13.41 0.09 2.82
C THR A 35 -13.92 -0.08 1.37
N GLY A 36 -13.65 -1.21 0.74
CA GLY A 36 -14.13 -1.42 -0.66
C GLY A 36 -13.37 -2.58 -1.31
N GLU A 37 -12.39 -2.27 -2.14
CA GLU A 37 -11.60 -3.34 -2.83
C GLU A 37 -12.52 -4.27 -3.65
N THR A 38 -13.47 -3.70 -4.36
CA THR A 38 -14.39 -4.53 -5.19
C THR A 38 -14.08 -4.31 -6.67
N ILE A 39 -12.99 -4.87 -7.16
CA ILE A 39 -12.61 -4.68 -8.59
C ILE A 39 -11.97 -5.94 -9.18
N THR A 40 -11.37 -5.82 -10.35
CA THR A 40 -10.71 -7.00 -10.99
C THR A 40 -9.26 -7.15 -10.54
N GLU A 41 -8.59 -8.20 -10.97
CA GLU A 41 -7.16 -8.42 -10.56
C GLU A 41 -6.25 -7.26 -11.00
N ASP A 42 -6.53 -6.64 -12.13
CA ASP A 42 -5.67 -5.49 -12.59
C ASP A 42 -5.76 -4.34 -11.59
N ASP A 43 -6.94 -4.07 -11.07
CA ASP A 43 -7.10 -2.97 -10.08
C ASP A 43 -6.21 -3.23 -8.85
N ILE A 44 -6.00 -4.47 -8.50
CA ILE A 44 -5.11 -4.79 -7.34
C ILE A 44 -3.69 -4.27 -7.64
N GLU A 45 -3.25 -4.47 -8.85
CA GLU A 45 -1.89 -3.99 -9.26
C GLU A 45 -1.90 -2.48 -9.53
N GLU A 46 -3.06 -1.88 -9.70
CA GLU A 46 -3.11 -0.40 -9.96
C GLU A 46 -2.41 0.37 -8.84
N LEU A 47 -2.77 0.11 -7.61
CA LEU A 47 -2.09 0.80 -6.47
C LEU A 47 -0.65 0.29 -6.35
N MET A 48 -0.42 -0.99 -6.58
CA MET A 48 0.96 -1.55 -6.49
C MET A 48 1.91 -0.85 -7.48
N LYS A 49 1.41 -0.36 -8.60
CA LYS A 49 2.30 0.33 -9.59
C LYS A 49 2.94 1.57 -8.96
N ASP A 50 2.15 2.42 -8.36
CA ASP A 50 2.71 3.65 -7.73
C ASP A 50 3.46 3.31 -6.44
N GLY A 51 2.99 2.33 -5.69
CA GLY A 51 3.71 1.94 -4.44
C GLY A 51 5.02 1.22 -4.81
N ASP A 52 4.97 0.38 -5.81
CA ASP A 52 6.18 -0.36 -6.26
C ASP A 52 6.35 -0.20 -7.77
N LYS A 53 7.01 0.84 -8.21
CA LYS A 53 7.20 1.03 -9.68
C LYS A 53 8.15 -0.03 -10.25
N ASN A 54 8.91 -0.69 -9.40
CA ASN A 54 9.84 -1.76 -9.89
C ASN A 54 9.09 -3.10 -9.98
N ASN A 55 8.01 -3.23 -9.24
CA ASN A 55 7.20 -4.49 -9.25
C ASN A 55 8.02 -5.67 -8.71
N ASP A 56 8.77 -5.46 -7.65
CA ASP A 56 9.57 -6.58 -7.06
C ASP A 56 8.70 -7.42 -6.10
N GLY A 57 7.68 -6.83 -5.52
CA GLY A 57 6.79 -7.60 -4.60
C GLY A 57 7.02 -7.18 -3.14
N ARG A 58 7.39 -5.95 -2.90
CA ARG A 58 7.62 -5.50 -1.49
C ARG A 58 7.54 -3.98 -1.40
N ILE A 59 6.78 -3.46 -0.46
CA ILE A 59 6.63 -1.99 -0.33
C ILE A 59 7.30 -1.47 0.97
N ASP A 60 8.18 -0.51 0.85
CA ASP A 60 8.87 0.06 2.04
C ASP A 60 8.35 1.47 2.33
N TYR A 61 8.69 2.04 3.46
CA TYR A 61 8.21 3.43 3.79
C TYR A 61 8.70 4.44 2.74
N ASP A 62 9.92 4.30 2.26
CA ASP A 62 10.44 5.26 1.23
C ASP A 62 9.50 5.26 0.00
N GLU A 63 9.17 4.09 -0.50
CA GLU A 63 8.25 4.00 -1.67
C GLU A 63 6.83 4.41 -1.24
N PHE A 64 6.50 4.20 0.02
CA PHE A 64 5.15 4.59 0.54
C PHE A 64 4.90 6.09 0.29
N LEU A 65 5.92 6.90 0.47
CA LEU A 65 5.79 8.38 0.23
C LEU A 65 5.46 8.63 -1.25
N GLU A 66 6.14 7.96 -2.15
CA GLU A 66 5.89 8.16 -3.61
C GLU A 66 4.46 7.71 -3.99
N PHE A 67 3.92 6.73 -3.30
CA PHE A 67 2.54 6.24 -3.63
C PHE A 67 1.48 7.26 -3.20
N MET A 68 1.65 7.91 -2.06
CA MET A 68 0.61 8.90 -1.59
C MET A 68 0.27 9.93 -2.67
N LYS A 69 1.21 10.25 -3.53
CA LYS A 69 0.94 11.26 -4.61
C LYS A 69 -0.01 10.65 -5.66
N GLY A 70 0.16 9.40 -6.00
CA GLY A 70 -0.72 8.76 -7.02
C GLY A 70 -2.06 8.37 -6.41
N VAL A 71 -2.05 7.77 -5.24
CA VAL A 71 -3.34 7.36 -4.59
C VAL A 71 -4.05 8.58 -3.99
N GLU A 72 -3.32 9.61 -3.63
CA GLU A 72 -3.95 10.84 -3.04
C GLU A 72 -4.72 10.49 -1.75
N MET A 1 -6.67 9.87 8.11
CA MET A 1 -6.95 9.58 6.67
C MET A 1 -5.65 9.62 5.83
N GLY A 2 -4.97 10.74 5.84
CA GLY A 2 -3.70 10.86 5.06
C GLY A 2 -3.11 12.26 5.23
N LYS A 3 -2.25 12.43 6.20
CA LYS A 3 -1.63 13.78 6.44
C LYS A 3 -0.10 13.66 6.36
N SER A 4 0.62 14.31 7.23
CA SER A 4 2.12 14.21 7.21
C SER A 4 2.54 12.79 7.65
N GLU A 5 3.80 12.61 7.98
CA GLU A 5 4.27 11.26 8.41
C GLU A 5 3.65 10.83 9.75
N GLU A 6 3.00 11.74 10.47
CA GLU A 6 2.37 11.34 11.78
C GLU A 6 1.22 10.35 11.50
N GLU A 7 0.47 10.59 10.45
CA GLU A 7 -0.66 9.67 10.09
C GLU A 7 -0.17 8.65 9.04
N LEU A 8 0.89 8.98 8.34
CA LEU A 8 1.45 8.05 7.30
C LEU A 8 2.17 6.87 7.94
N SER A 9 2.99 7.11 8.94
CA SER A 9 3.74 6.00 9.60
C SER A 9 2.79 4.89 10.07
N ASP A 10 1.65 5.25 10.64
CA ASP A 10 0.68 4.21 11.10
C ASP A 10 0.14 3.42 9.91
N LEU A 11 -0.22 4.09 8.84
CA LEU A 11 -0.73 3.39 7.63
C LEU A 11 0.30 2.37 7.12
N PHE A 12 1.57 2.57 7.39
CA PHE A 12 2.61 1.60 6.90
C PHE A 12 2.94 0.53 7.96
N ARG A 13 3.13 0.93 9.20
CA ARG A 13 3.51 -0.06 10.27
C ARG A 13 2.34 -0.95 10.73
N MET A 14 1.13 -0.45 10.78
CA MET A 14 -0.01 -1.31 11.25
C MET A 14 -0.76 -1.97 10.07
N PHE A 15 -0.44 -1.63 8.85
CA PHE A 15 -1.16 -2.25 7.69
C PHE A 15 -0.49 -3.54 7.21
N ASP A 16 0.72 -3.81 7.64
CA ASP A 16 1.40 -5.07 7.18
C ASP A 16 0.79 -6.29 7.88
N LYS A 17 -0.25 -6.85 7.30
CA LYS A 17 -0.92 -8.04 7.92
C LYS A 17 -0.05 -9.31 7.82
N ASN A 18 1.01 -9.27 7.05
CA ASN A 18 1.89 -10.47 6.92
C ASN A 18 2.96 -10.50 8.03
N ALA A 19 3.23 -9.35 8.64
CA ALA A 19 4.26 -9.27 9.74
C ALA A 19 5.68 -9.49 9.22
N ASP A 20 6.37 -8.42 8.89
CA ASP A 20 7.78 -8.54 8.38
C ASP A 20 8.41 -7.15 8.13
N GLY A 21 7.62 -6.15 7.79
CA GLY A 21 8.17 -4.78 7.56
C GLY A 21 7.94 -4.33 6.11
N TYR A 22 7.72 -5.24 5.20
CA TYR A 22 7.49 -4.85 3.77
C TYR A 22 6.13 -5.38 3.31
N ILE A 23 5.26 -4.53 2.84
CA ILE A 23 3.91 -5.02 2.38
C ILE A 23 4.04 -5.74 1.04
N ASP A 24 3.27 -6.79 0.84
CA ASP A 24 3.33 -7.55 -0.44
C ASP A 24 2.01 -7.41 -1.20
N LEU A 25 1.99 -7.85 -2.44
CA LEU A 25 0.74 -7.72 -3.27
C LEU A 25 -0.47 -8.40 -2.61
N ASP A 26 -0.27 -9.39 -1.79
CA ASP A 26 -1.43 -10.09 -1.13
C ASP A 26 -2.03 -9.27 0.02
N GLU A 27 -1.32 -8.33 0.58
CA GLU A 27 -1.87 -7.53 1.71
C GLU A 27 -2.49 -6.19 1.21
N LEU A 28 -2.11 -5.73 0.04
CA LEU A 28 -2.69 -4.45 -0.49
C LEU A 28 -4.21 -4.60 -0.72
N LYS A 29 -4.61 -5.65 -1.39
CA LYS A 29 -6.07 -5.89 -1.65
C LYS A 29 -6.85 -6.16 -0.35
N ILE A 30 -6.16 -6.53 0.71
CA ILE A 30 -6.87 -6.81 2.00
C ILE A 30 -7.11 -5.49 2.77
N MET A 31 -6.36 -4.45 2.49
CA MET A 31 -6.56 -3.16 3.22
C MET A 31 -7.71 -2.34 2.61
N LEU A 32 -7.77 -2.23 1.31
CA LEU A 32 -8.87 -1.43 0.66
C LEU A 32 -10.25 -2.06 0.93
N GLN A 33 -10.30 -3.32 1.29
CA GLN A 33 -11.62 -3.97 1.58
C GLN A 33 -12.40 -3.18 2.66
N ALA A 34 -11.71 -2.47 3.51
CA ALA A 34 -12.40 -1.68 4.59
C ALA A 34 -13.00 -0.37 4.03
N THR A 35 -12.32 0.28 3.11
CA THR A 35 -12.87 1.57 2.56
C THR A 35 -13.58 1.37 1.21
N GLY A 36 -13.25 0.33 0.47
CA GLY A 36 -13.93 0.12 -0.84
C GLY A 36 -13.10 -0.82 -1.74
N GLU A 37 -13.38 -2.09 -1.69
CA GLU A 37 -12.63 -3.07 -2.54
C GLU A 37 -13.63 -3.86 -3.40
N THR A 38 -14.07 -3.29 -4.49
CA THR A 38 -15.04 -3.99 -5.38
C THR A 38 -14.40 -4.27 -6.75
N ILE A 39 -13.25 -4.92 -6.75
CA ILE A 39 -12.55 -5.24 -8.03
C ILE A 39 -11.85 -6.61 -7.94
N THR A 40 -11.02 -6.94 -8.89
CA THR A 40 -10.29 -8.26 -8.85
C THR A 40 -8.81 -8.04 -8.52
N GLU A 41 -8.02 -9.09 -8.50
CA GLU A 41 -6.57 -8.93 -8.18
C GLU A 41 -5.88 -8.06 -9.24
N ASP A 42 -6.19 -8.28 -10.50
CA ASP A 42 -5.56 -7.47 -11.60
C ASP A 42 -5.81 -5.97 -11.36
N ASP A 43 -6.90 -5.63 -10.71
CA ASP A 43 -7.21 -4.20 -10.43
C ASP A 43 -6.35 -3.68 -9.26
N ILE A 44 -6.03 -4.53 -8.32
CA ILE A 44 -5.17 -4.10 -7.16
C ILE A 44 -3.81 -3.62 -7.68
N GLU A 45 -3.34 -4.21 -8.73
CA GLU A 45 -2.01 -3.82 -9.31
C GLU A 45 -1.99 -2.34 -9.73
N GLU A 46 -3.13 -1.74 -9.97
CA GLU A 46 -3.16 -0.30 -10.39
C GLU A 46 -2.34 0.55 -9.41
N LEU A 47 -2.69 0.53 -8.15
CA LEU A 47 -1.91 1.33 -7.14
C LEU A 47 -0.55 0.66 -6.89
N MET A 48 -0.48 -0.65 -7.03
CA MET A 48 0.81 -1.37 -6.79
C MET A 48 1.91 -0.86 -7.73
N LYS A 49 1.57 -0.35 -8.90
CA LYS A 49 2.64 0.16 -9.81
C LYS A 49 3.23 1.46 -9.25
N ASP A 50 2.38 2.39 -8.88
CA ASP A 50 2.90 3.66 -8.29
C ASP A 50 3.57 3.36 -6.94
N GLY A 51 3.09 2.36 -6.23
CA GLY A 51 3.71 1.99 -4.93
C GLY A 51 5.01 1.23 -5.22
N ASP A 52 4.91 0.14 -5.94
CA ASP A 52 6.13 -0.65 -6.27
C ASP A 52 6.53 -0.40 -7.73
N LYS A 53 7.15 0.73 -8.00
CA LYS A 53 7.58 1.01 -9.40
C LYS A 53 8.69 0.03 -9.82
N ASN A 54 9.42 -0.50 -8.87
CA ASN A 54 10.49 -1.49 -9.19
C ASN A 54 9.85 -2.85 -9.54
N ASN A 55 8.63 -3.08 -9.09
CA ASN A 55 7.93 -4.37 -9.36
C ASN A 55 8.69 -5.56 -8.76
N ASP A 56 9.21 -5.41 -7.56
CA ASP A 56 9.96 -6.54 -6.93
C ASP A 56 8.99 -7.46 -6.15
N GLY A 57 7.81 -6.97 -5.80
CA GLY A 57 6.83 -7.83 -5.07
C GLY A 57 6.63 -7.33 -3.63
N ARG A 58 7.50 -6.49 -3.11
CA ARG A 58 7.32 -6.00 -1.70
C ARG A 58 7.44 -4.46 -1.65
N ILE A 59 6.47 -3.83 -1.06
CA ILE A 59 6.50 -2.34 -0.96
C ILE A 59 7.24 -1.89 0.30
N ASP A 60 8.23 -1.05 0.15
CA ASP A 60 9.02 -0.59 1.33
C ASP A 60 8.59 0.84 1.72
N TYR A 61 9.25 1.42 2.70
CA TYR A 61 8.88 2.80 3.14
C TYR A 61 9.36 3.87 2.15
N ASP A 62 10.52 3.71 1.56
CA ASP A 62 11.02 4.74 0.58
C ASP A 62 10.04 4.90 -0.59
N GLU A 63 9.49 3.82 -1.10
CA GLU A 63 8.53 3.92 -2.23
C GLU A 63 7.17 4.42 -1.73
N PHE A 64 6.84 4.16 -0.49
CA PHE A 64 5.52 4.61 0.08
C PHE A 64 5.39 6.14 -0.05
N LEU A 65 6.45 6.86 0.21
CA LEU A 65 6.38 8.36 0.10
C LEU A 65 6.16 8.78 -1.36
N GLU A 66 6.86 8.16 -2.28
CA GLU A 66 6.71 8.50 -3.72
C GLU A 66 5.34 8.01 -4.25
N PHE A 67 4.66 7.15 -3.51
CA PHE A 67 3.34 6.65 -3.96
C PHE A 67 2.20 7.44 -3.29
N MET A 68 2.26 7.60 -1.99
CA MET A 68 1.19 8.34 -1.25
C MET A 68 1.03 9.79 -1.73
N LYS A 69 2.00 10.31 -2.44
CA LYS A 69 1.91 11.72 -2.96
C LYS A 69 0.61 11.94 -3.75
N GLY A 70 0.04 10.91 -4.32
CA GLY A 70 -1.23 11.07 -5.09
C GLY A 70 -2.01 9.75 -5.11
N VAL A 71 -2.68 9.42 -4.03
CA VAL A 71 -3.47 8.14 -3.98
C VAL A 71 -4.95 8.43 -3.70
N GLU A 72 -5.82 7.66 -4.27
CA GLU A 72 -7.29 7.86 -4.05
C GLU A 72 -7.91 6.65 -3.33
N MET A 1 -6.67 9.79 8.48
CA MET A 1 -6.07 8.81 7.53
C MET A 1 -5.52 9.53 6.29
N GLY A 2 -4.26 9.34 5.98
CA GLY A 2 -3.66 10.00 4.77
C GLY A 2 -3.55 11.51 5.02
N LYS A 3 -2.58 11.93 5.80
CA LYS A 3 -2.42 13.38 6.08
C LYS A 3 -0.93 13.73 6.26
N SER A 4 -0.32 13.24 7.31
CA SER A 4 1.13 13.53 7.56
C SER A 4 1.83 12.27 8.08
N GLU A 5 3.06 12.39 8.51
CA GLU A 5 3.80 11.19 9.03
C GLU A 5 3.01 10.47 10.15
N GLU A 6 2.11 11.16 10.81
CA GLU A 6 1.29 10.51 11.90
C GLU A 6 0.58 9.26 11.35
N GLU A 7 -0.37 9.43 10.47
CA GLU A 7 -1.08 8.25 9.88
C GLU A 7 -0.21 7.58 8.81
N LEU A 8 0.69 8.33 8.21
CA LEU A 8 1.59 7.76 7.16
C LEU A 8 2.28 6.49 7.66
N SER A 9 2.80 6.53 8.87
CA SER A 9 3.49 5.33 9.43
C SER A 9 2.48 4.19 9.64
N ASP A 10 1.36 4.48 10.25
CA ASP A 10 0.32 3.42 10.48
C ASP A 10 -0.15 2.83 9.14
N LEU A 11 -0.32 3.66 8.14
CA LEU A 11 -0.75 3.15 6.80
C LEU A 11 0.22 2.07 6.30
N PHE A 12 1.46 2.12 6.74
CA PHE A 12 2.46 1.10 6.29
C PHE A 12 2.55 -0.06 7.31
N ARG A 13 2.83 0.23 8.57
CA ARG A 13 2.98 -0.86 9.59
C ARG A 13 1.63 -1.32 10.18
N MET A 14 0.71 -0.42 10.41
CA MET A 14 -0.61 -0.84 10.99
C MET A 14 -1.51 -1.47 9.92
N PHE A 15 -1.14 -1.36 8.67
CA PHE A 15 -1.97 -1.94 7.56
C PHE A 15 -1.46 -3.33 7.16
N ASP A 16 -0.16 -3.51 7.14
CA ASP A 16 0.42 -4.82 6.72
C ASP A 16 -0.18 -5.99 7.52
N LYS A 17 -1.01 -6.77 6.88
CA LYS A 17 -1.62 -7.95 7.57
C LYS A 17 -0.57 -9.05 7.77
N ASN A 18 0.53 -8.98 7.04
CA ASN A 18 1.60 -10.01 7.18
C ASN A 18 2.52 -9.64 8.36
N ALA A 19 2.59 -8.38 8.70
CA ALA A 19 3.45 -7.92 9.84
C ALA A 19 4.92 -8.35 9.70
N ASP A 20 5.58 -7.94 8.63
CA ASP A 20 7.02 -8.31 8.44
C ASP A 20 7.88 -7.07 8.09
N GLY A 21 7.29 -5.89 8.00
CA GLY A 21 8.08 -4.67 7.68
C GLY A 21 7.93 -4.26 6.21
N TYR A 22 7.45 -5.13 5.35
CA TYR A 22 7.29 -4.76 3.90
C TYR A 22 5.90 -5.12 3.39
N ILE A 23 5.17 -4.18 2.85
CA ILE A 23 3.80 -4.49 2.33
C ILE A 23 3.92 -5.29 1.02
N ASP A 24 3.06 -6.28 0.85
CA ASP A 24 3.12 -7.10 -0.41
C ASP A 24 1.85 -6.88 -1.23
N LEU A 25 1.86 -7.33 -2.47
CA LEU A 25 0.66 -7.13 -3.36
C LEU A 25 -0.62 -7.73 -2.75
N ASP A 26 -0.55 -8.92 -2.21
CA ASP A 26 -1.77 -9.55 -1.60
C ASP A 26 -2.31 -8.73 -0.42
N GLU A 27 -1.44 -8.21 0.42
CA GLU A 27 -1.91 -7.43 1.60
C GLU A 27 -2.49 -6.06 1.15
N LEU A 28 -1.97 -5.50 0.09
CA LEU A 28 -2.48 -4.16 -0.39
C LEU A 28 -4.00 -4.17 -0.57
N LYS A 29 -4.53 -5.10 -1.34
CA LYS A 29 -6.01 -5.14 -1.56
C LYS A 29 -6.76 -5.48 -0.26
N ILE A 30 -6.18 -6.31 0.60
CA ILE A 30 -6.86 -6.65 1.89
C ILE A 30 -6.98 -5.40 2.77
N MET A 31 -5.97 -4.54 2.74
CA MET A 31 -6.04 -3.27 3.55
C MET A 31 -7.16 -2.38 2.99
N LEU A 32 -7.33 -2.37 1.69
CA LEU A 32 -8.40 -1.55 1.07
C LEU A 32 -9.77 -2.22 1.29
N GLN A 33 -9.80 -3.52 1.51
CA GLN A 33 -11.10 -4.22 1.73
C GLN A 33 -11.79 -3.70 2.99
N ALA A 34 -11.03 -3.38 4.02
CA ALA A 34 -11.63 -2.85 5.29
C ALA A 34 -12.38 -1.53 5.00
N THR A 35 -11.78 -0.66 4.21
CA THR A 35 -12.45 0.64 3.89
C THR A 35 -13.56 0.41 2.85
N GLY A 36 -13.38 -0.51 1.94
CA GLY A 36 -14.43 -0.79 0.92
C GLY A 36 -13.83 -0.66 -0.49
N GLU A 37 -12.97 -1.57 -0.86
CA GLU A 37 -12.35 -1.51 -2.23
C GLU A 37 -13.16 -2.33 -3.24
N THR A 38 -13.70 -3.46 -2.81
CA THR A 38 -14.51 -4.35 -3.72
C THR A 38 -14.10 -4.20 -5.20
N ILE A 39 -12.87 -4.51 -5.51
CA ILE A 39 -12.39 -4.37 -6.93
C ILE A 39 -11.67 -5.64 -7.40
N THR A 40 -11.47 -5.79 -8.68
CA THR A 40 -10.77 -6.99 -9.22
C THR A 40 -9.29 -6.95 -8.83
N GLU A 41 -8.64 -8.09 -8.80
CA GLU A 41 -7.19 -8.13 -8.41
C GLU A 41 -6.36 -7.22 -9.33
N ASP A 42 -6.54 -7.33 -10.62
CA ASP A 42 -5.76 -6.48 -11.58
C ASP A 42 -5.85 -4.99 -11.21
N ASP A 43 -6.93 -4.57 -10.61
CA ASP A 43 -7.05 -3.12 -10.21
C ASP A 43 -6.09 -2.82 -9.06
N ILE A 44 -5.90 -3.76 -8.16
CA ILE A 44 -4.95 -3.55 -7.02
C ILE A 44 -3.55 -3.26 -7.59
N GLU A 45 -3.20 -3.90 -8.67
CA GLU A 45 -1.86 -3.70 -9.29
C GLU A 45 -1.67 -2.23 -9.70
N GLU A 46 -2.72 -1.52 -10.00
CA GLU A 46 -2.57 -0.08 -10.39
C GLU A 46 -2.00 0.70 -9.19
N LEU A 47 -2.44 0.39 -8.00
CA LEU A 47 -1.90 1.08 -6.79
C LEU A 47 -0.50 0.51 -6.45
N MET A 48 -0.18 -0.67 -6.94
CA MET A 48 1.17 -1.27 -6.66
C MET A 48 2.20 -0.75 -7.67
N LYS A 49 1.79 -0.40 -8.87
CA LYS A 49 2.77 0.12 -9.89
C LYS A 49 3.48 1.35 -9.34
N ASP A 50 2.74 2.36 -8.95
CA ASP A 50 3.38 3.59 -8.40
C ASP A 50 3.90 3.32 -6.99
N GLY A 51 3.29 2.39 -6.26
CA GLY A 51 3.78 2.06 -4.90
C GLY A 51 5.12 1.34 -5.01
N ASP A 52 5.23 0.46 -5.97
CA ASP A 52 6.50 -0.30 -6.18
C ASP A 52 6.86 -0.25 -7.68
N LYS A 53 7.31 0.89 -8.16
CA LYS A 53 7.66 1.03 -9.61
C LYS A 53 8.73 0.00 -10.03
N ASN A 54 9.61 -0.37 -9.12
CA ASN A 54 10.65 -1.38 -9.47
C ASN A 54 10.05 -2.79 -9.45
N ASN A 55 9.00 -3.00 -8.67
CA ASN A 55 8.32 -4.34 -8.60
C ASN A 55 9.28 -5.45 -8.15
N ASP A 56 9.76 -5.37 -6.93
CA ASP A 56 10.68 -6.45 -6.41
C ASP A 56 9.90 -7.48 -5.57
N GLY A 57 8.63 -7.23 -5.30
CA GLY A 57 7.83 -8.19 -4.49
C GLY A 57 7.46 -7.57 -3.14
N ARG A 58 8.24 -6.65 -2.62
CA ARG A 58 7.91 -6.02 -1.30
C ARG A 58 7.96 -4.50 -1.40
N ILE A 59 6.95 -3.84 -0.88
CA ILE A 59 6.92 -2.35 -0.92
C ILE A 59 7.70 -1.76 0.26
N ASP A 60 8.50 -0.76 0.02
CA ASP A 60 9.30 -0.13 1.11
C ASP A 60 8.72 1.24 1.47
N TYR A 61 9.16 1.82 2.57
CA TYR A 61 8.64 3.16 2.96
C TYR A 61 9.17 4.24 2.01
N ASP A 62 10.34 4.04 1.44
CA ASP A 62 10.89 5.05 0.48
C ASP A 62 9.93 5.21 -0.71
N GLU A 63 9.54 4.12 -1.32
CA GLU A 63 8.58 4.20 -2.47
C GLU A 63 7.16 4.54 -1.96
N PHE A 64 6.89 4.24 -0.71
CA PHE A 64 5.54 4.55 -0.13
C PHE A 64 5.24 6.04 -0.24
N LEU A 65 6.17 6.88 0.14
CA LEU A 65 5.95 8.37 0.05
C LEU A 65 5.77 8.80 -1.41
N GLU A 66 6.56 8.24 -2.31
CA GLU A 66 6.44 8.60 -3.75
C GLU A 66 5.09 8.15 -4.35
N PHE A 67 4.41 7.24 -3.69
CA PHE A 67 3.10 6.76 -4.23
C PHE A 67 1.94 7.47 -3.53
N MET A 68 1.92 7.41 -2.22
CA MET A 68 0.80 8.05 -1.44
C MET A 68 0.55 9.49 -1.91
N LYS A 69 1.57 10.20 -2.32
CA LYS A 69 1.38 11.60 -2.80
C LYS A 69 0.30 11.65 -3.91
N GLY A 70 0.20 10.60 -4.70
CA GLY A 70 -0.83 10.56 -5.78
C GLY A 70 -1.42 9.16 -5.90
N VAL A 71 -2.00 8.65 -4.84
CA VAL A 71 -2.61 7.27 -4.87
C VAL A 71 -3.68 7.19 -5.96
N GLU A 72 -3.65 6.16 -6.77
CA GLU A 72 -4.66 6.02 -7.86
C GLU A 72 -5.93 5.34 -7.32
N MET A 1 -8.00 8.12 7.96
CA MET A 1 -6.90 7.29 7.39
C MET A 1 -6.58 7.76 5.96
N GLY A 2 -5.32 7.88 5.64
CA GLY A 2 -4.93 8.35 4.27
C GLY A 2 -4.82 9.87 4.27
N LYS A 3 -3.67 10.38 4.63
CA LYS A 3 -3.47 11.87 4.66
C LYS A 3 -1.99 12.18 4.41
N SER A 4 -1.47 13.22 5.03
CA SER A 4 -0.03 13.56 4.85
C SER A 4 0.85 12.51 5.56
N GLU A 5 2.11 12.79 5.74
CA GLU A 5 3.01 11.81 6.43
C GLU A 5 2.59 11.58 7.90
N GLU A 6 1.66 12.36 8.42
CA GLU A 6 1.23 12.15 9.83
C GLU A 6 0.39 10.87 9.94
N GLU A 7 -0.47 10.63 8.97
CA GLU A 7 -1.29 9.38 8.98
C GLU A 7 -0.59 8.31 8.13
N LEU A 8 0.12 8.74 7.10
CA LEU A 8 0.87 7.79 6.22
C LEU A 8 1.66 6.78 7.06
N SER A 9 2.36 7.25 8.06
CA SER A 9 3.17 6.33 8.92
C SER A 9 2.25 5.35 9.65
N ASP A 10 1.20 5.83 10.27
CA ASP A 10 0.25 4.93 11.00
C ASP A 10 -0.43 3.96 10.01
N LEU A 11 -0.79 4.43 8.85
CA LEU A 11 -1.43 3.54 7.83
C LEU A 11 -0.51 2.36 7.51
N PHE A 12 0.75 2.64 7.24
CA PHE A 12 1.72 1.53 6.94
C PHE A 12 1.85 0.59 8.15
N ARG A 13 1.87 1.15 9.33
CA ARG A 13 1.98 0.32 10.58
C ARG A 13 0.77 -0.63 10.70
N MET A 14 -0.39 -0.20 10.25
CA MET A 14 -1.62 -1.07 10.35
C MET A 14 -1.86 -1.84 9.04
N PHE A 15 -1.11 -1.57 8.00
CA PHE A 15 -1.36 -2.27 6.70
C PHE A 15 -0.48 -3.52 6.56
N ASP A 16 0.74 -3.49 7.06
CA ASP A 16 1.60 -4.71 6.94
C ASP A 16 1.06 -5.85 7.81
N LYS A 17 0.06 -6.55 7.33
CA LYS A 17 -0.53 -7.68 8.12
C LYS A 17 0.47 -8.84 8.23
N ASN A 18 1.34 -8.98 7.26
CA ASN A 18 2.34 -10.08 7.31
C ASN A 18 3.36 -9.82 8.43
N ALA A 19 3.50 -8.57 8.86
CA ALA A 19 4.45 -8.21 9.97
C ALA A 19 5.92 -8.44 9.57
N ASP A 20 6.54 -7.45 8.97
CA ASP A 20 8.00 -7.59 8.56
C ASP A 20 8.56 -6.24 8.06
N GLY A 21 7.73 -5.40 7.47
CA GLY A 21 8.22 -4.08 6.96
C GLY A 21 8.06 -3.98 5.44
N TYR A 22 7.98 -5.10 4.77
CA TYR A 22 7.81 -5.07 3.28
C TYR A 22 6.43 -5.60 2.91
N ILE A 23 5.64 -4.83 2.20
CA ILE A 23 4.27 -5.29 1.83
C ILE A 23 4.25 -6.01 0.48
N ASP A 24 3.57 -7.12 0.41
CA ASP A 24 3.48 -7.87 -0.88
C ASP A 24 2.11 -7.64 -1.53
N LEU A 25 1.95 -8.04 -2.77
CA LEU A 25 0.64 -7.84 -3.47
C LEU A 25 -0.53 -8.48 -2.70
N ASP A 26 -0.27 -9.56 -1.99
CA ASP A 26 -1.35 -10.24 -1.24
C ASP A 26 -1.89 -9.35 -0.09
N GLU A 27 -1.01 -8.67 0.60
CA GLU A 27 -1.46 -7.79 1.73
C GLU A 27 -2.08 -6.49 1.19
N LEU A 28 -1.57 -5.98 0.09
CA LEU A 28 -2.12 -4.71 -0.50
C LEU A 28 -3.65 -4.74 -0.67
N LYS A 29 -4.23 -5.89 -0.91
CA LYS A 29 -5.72 -5.97 -1.12
C LYS A 29 -6.52 -6.25 0.17
N ILE A 30 -5.87 -6.58 1.26
CA ILE A 30 -6.64 -6.91 2.52
C ILE A 30 -7.02 -5.66 3.33
N MET A 31 -6.25 -4.60 3.26
CA MET A 31 -6.59 -3.37 4.07
C MET A 31 -7.71 -2.54 3.42
N LEU A 32 -7.70 -2.43 2.12
CA LEU A 32 -8.77 -1.63 1.44
C LEU A 32 -10.17 -2.22 1.72
N GLN A 33 -10.24 -3.45 2.17
CA GLN A 33 -11.57 -4.08 2.49
C GLN A 33 -12.35 -3.24 3.53
N ALA A 34 -11.66 -2.46 4.33
CA ALA A 34 -12.38 -1.63 5.36
C ALA A 34 -12.70 -0.22 4.82
N THR A 35 -11.83 0.34 4.01
CA THR A 35 -12.09 1.71 3.47
C THR A 35 -13.04 1.67 2.27
N GLY A 36 -12.96 0.65 1.46
CA GLY A 36 -13.87 0.57 0.28
C GLY A 36 -13.25 -0.30 -0.81
N GLU A 37 -13.15 -1.58 -0.57
CA GLU A 37 -12.55 -2.48 -1.60
C GLU A 37 -13.62 -2.93 -2.61
N THR A 38 -13.77 -2.19 -3.67
CA THR A 38 -14.79 -2.55 -4.71
C THR A 38 -14.12 -2.72 -6.08
N ILE A 39 -13.05 -3.49 -6.14
CA ILE A 39 -12.34 -3.71 -7.44
C ILE A 39 -11.89 -5.18 -7.56
N THR A 40 -11.04 -5.48 -8.52
CA THR A 40 -10.57 -6.89 -8.69
C THR A 40 -9.04 -6.96 -8.62
N GLU A 41 -8.47 -8.12 -8.83
CA GLU A 41 -6.97 -8.26 -8.77
C GLU A 41 -6.28 -7.31 -9.77
N ASP A 42 -6.90 -7.04 -10.89
CA ASP A 42 -6.28 -6.10 -11.89
C ASP A 42 -6.08 -4.71 -11.26
N ASP A 43 -7.09 -4.21 -10.58
CA ASP A 43 -6.97 -2.86 -9.94
C ASP A 43 -5.89 -2.88 -8.86
N ILE A 44 -5.67 -4.01 -8.22
CA ILE A 44 -4.60 -4.08 -7.16
C ILE A 44 -3.25 -3.71 -7.78
N GLU A 45 -2.97 -4.22 -8.96
CA GLU A 45 -1.68 -3.90 -9.63
C GLU A 45 -1.59 -2.40 -9.96
N GLU A 46 -2.70 -1.74 -10.18
CA GLU A 46 -2.66 -0.27 -10.48
C GLU A 46 -2.06 0.47 -9.28
N LEU A 47 -2.54 0.17 -8.09
CA LEU A 47 -1.97 0.83 -6.88
C LEU A 47 -0.55 0.31 -6.61
N MET A 48 -0.29 -0.93 -6.96
CA MET A 48 1.07 -1.53 -6.75
C MET A 48 2.09 -0.94 -7.74
N LYS A 49 1.72 -0.75 -8.98
CA LYS A 49 2.69 -0.18 -9.98
C LYS A 49 3.34 1.11 -9.46
N ASP A 50 2.56 2.03 -8.92
CA ASP A 50 3.16 3.28 -8.38
C ASP A 50 3.90 2.99 -7.08
N GLY A 51 3.34 2.15 -6.23
CA GLY A 51 4.01 1.80 -4.94
C GLY A 51 5.35 1.14 -5.25
N ASP A 52 5.33 0.07 -6.00
CA ASP A 52 6.60 -0.63 -6.37
C ASP A 52 6.81 -0.54 -7.88
N LYS A 53 7.31 0.57 -8.36
CA LYS A 53 7.56 0.72 -9.84
C LYS A 53 8.62 -0.28 -10.31
N ASN A 54 9.38 -0.85 -9.39
CA ASN A 54 10.42 -1.85 -9.78
C ASN A 54 9.77 -3.24 -9.90
N ASN A 55 8.67 -3.45 -9.21
CA ASN A 55 7.96 -4.76 -9.24
C ASN A 55 8.92 -5.89 -8.81
N ASP A 56 9.72 -5.64 -7.81
CA ASP A 56 10.68 -6.68 -7.32
C ASP A 56 9.96 -7.74 -6.47
N GLY A 57 8.68 -7.55 -6.18
CA GLY A 57 7.93 -8.57 -5.38
C GLY A 57 7.55 -8.03 -4.00
N ARG A 58 8.32 -7.14 -3.43
CA ARG A 58 7.96 -6.61 -2.07
C ARG A 58 8.07 -5.08 -2.01
N ILE A 59 7.07 -4.44 -1.47
CA ILE A 59 7.08 -2.95 -1.37
C ILE A 59 7.96 -2.52 -0.19
N ASP A 60 8.57 -1.36 -0.27
CA ASP A 60 9.44 -0.88 0.85
C ASP A 60 8.83 0.39 1.47
N TYR A 61 9.10 0.63 2.74
CA TYR A 61 8.53 1.85 3.42
C TYR A 61 8.93 3.12 2.66
N ASP A 62 10.17 3.25 2.28
CA ASP A 62 10.61 4.48 1.54
C ASP A 62 9.79 4.65 0.25
N GLU A 63 9.62 3.59 -0.49
CA GLU A 63 8.82 3.66 -1.76
C GLU A 63 7.36 3.99 -1.42
N PHE A 64 6.84 3.44 -0.35
CA PHE A 64 5.42 3.71 0.05
C PHE A 64 5.18 5.22 0.24
N LEU A 65 6.08 5.90 0.91
CA LEU A 65 5.89 7.37 1.13
C LEU A 65 5.87 8.14 -0.20
N GLU A 66 6.89 7.98 -1.01
CA GLU A 66 6.90 8.70 -2.33
C GLU A 66 5.73 8.26 -3.20
N PHE A 67 5.25 7.06 -3.01
CA PHE A 67 4.08 6.57 -3.81
C PHE A 67 2.79 7.16 -3.23
N MET A 68 2.71 7.27 -1.92
CA MET A 68 1.47 7.82 -1.28
C MET A 68 1.36 9.34 -1.52
N LYS A 69 2.40 9.99 -1.99
CA LYS A 69 2.33 11.46 -2.25
C LYS A 69 1.15 11.77 -3.20
N GLY A 70 0.84 10.86 -4.09
CA GLY A 70 -0.31 11.08 -5.03
C GLY A 70 -1.58 10.41 -4.48
N VAL A 71 -1.44 9.44 -3.62
CA VAL A 71 -2.63 8.73 -3.04
C VAL A 71 -3.25 9.57 -1.92
N GLU A 72 -4.54 9.84 -2.00
CA GLU A 72 -5.22 10.65 -0.94
C GLU A 72 -6.46 9.91 -0.42
N MET A 1 -2.88 7.91 10.43
CA MET A 1 -3.97 8.17 9.44
C MET A 1 -3.38 8.67 8.11
N GLY A 2 -4.19 9.27 7.26
CA GLY A 2 -3.67 9.77 5.94
C GLY A 2 -3.54 11.30 5.98
N LYS A 3 -2.35 11.79 6.23
CA LYS A 3 -2.13 13.27 6.27
C LYS A 3 -0.77 13.61 5.64
N SER A 4 0.30 13.38 6.37
CA SER A 4 1.67 13.65 5.83
C SER A 4 2.63 12.57 6.34
N GLU A 5 3.91 12.73 6.16
CA GLU A 5 4.87 11.68 6.64
C GLU A 5 4.67 11.38 8.13
N GLU A 6 4.08 12.27 8.89
CA GLU A 6 3.83 11.98 10.33
C GLU A 6 2.75 10.90 10.45
N GLU A 7 1.65 11.08 9.76
CA GLU A 7 0.54 10.07 9.80
C GLU A 7 0.83 8.95 8.78
N LEU A 8 1.54 9.27 7.71
CA LEU A 8 1.89 8.25 6.68
C LEU A 8 2.55 7.04 7.35
N SER A 9 3.45 7.31 8.27
CA SER A 9 4.15 6.20 8.99
C SER A 9 3.13 5.20 9.58
N ASP A 10 2.04 5.69 10.12
CA ASP A 10 1.00 4.77 10.69
C ASP A 10 0.31 3.99 9.56
N LEU A 11 0.01 4.65 8.46
CA LEU A 11 -0.65 3.94 7.31
C LEU A 11 0.26 2.81 6.78
N PHE A 12 1.53 2.85 7.11
CA PHE A 12 2.47 1.78 6.64
C PHE A 12 2.62 0.67 7.70
N ARG A 13 2.92 1.04 8.92
CA ARG A 13 3.10 0.02 10.01
C ARG A 13 1.77 -0.54 10.53
N MET A 14 0.71 0.24 10.52
CA MET A 14 -0.60 -0.25 11.03
C MET A 14 -1.41 -0.96 9.94
N PHE A 15 -0.97 -0.92 8.70
CA PHE A 15 -1.74 -1.58 7.60
C PHE A 15 -1.18 -2.97 7.25
N ASP A 16 0.09 -3.23 7.54
CA ASP A 16 0.67 -4.58 7.21
C ASP A 16 -0.04 -5.69 8.00
N LYS A 17 -0.90 -6.43 7.35
CA LYS A 17 -1.64 -7.53 8.04
C LYS A 17 -0.77 -8.81 8.07
N ASN A 18 0.17 -8.93 7.17
CA ASN A 18 1.06 -10.13 7.14
C ASN A 18 2.07 -10.09 8.31
N ALA A 19 2.34 -8.92 8.84
CA ALA A 19 3.30 -8.76 9.99
C ALA A 19 4.76 -9.04 9.57
N ASP A 20 5.50 -8.01 9.25
CA ASP A 20 6.93 -8.18 8.84
C ASP A 20 7.60 -6.82 8.64
N GLY A 21 6.87 -5.81 8.18
CA GLY A 21 7.48 -4.46 7.97
C GLY A 21 7.46 -4.09 6.48
N TYR A 22 7.17 -5.02 5.61
CA TYR A 22 7.15 -4.71 4.15
C TYR A 22 5.81 -5.15 3.56
N ILE A 23 5.11 -4.26 2.91
CA ILE A 23 3.79 -4.63 2.33
C ILE A 23 3.96 -5.30 0.97
N ASP A 24 3.56 -6.55 0.87
CA ASP A 24 3.67 -7.30 -0.42
C ASP A 24 2.53 -6.92 -1.38
N LEU A 25 2.22 -7.75 -2.35
CA LEU A 25 1.13 -7.42 -3.32
C LEU A 25 -0.24 -7.93 -2.85
N ASP A 26 -0.28 -8.80 -1.86
CA ASP A 26 -1.60 -9.37 -1.43
C ASP A 26 -2.31 -8.53 -0.34
N GLU A 27 -1.62 -8.09 0.69
CA GLU A 27 -2.32 -7.29 1.75
C GLU A 27 -2.99 -6.04 1.16
N LEU A 28 -2.46 -5.51 0.06
CA LEU A 28 -3.07 -4.29 -0.56
C LEU A 28 -4.55 -4.55 -0.90
N LYS A 29 -4.87 -5.70 -1.44
CA LYS A 29 -6.30 -6.00 -1.79
C LYS A 29 -7.04 -6.63 -0.59
N ILE A 30 -6.35 -7.30 0.29
CA ILE A 30 -7.04 -7.92 1.47
C ILE A 30 -7.40 -6.84 2.51
N MET A 31 -6.67 -5.77 2.56
CA MET A 31 -6.97 -4.68 3.54
C MET A 31 -8.05 -3.72 3.00
N LEU A 32 -8.10 -3.53 1.69
CA LEU A 32 -9.13 -2.61 1.10
C LEU A 32 -10.55 -3.13 1.33
N GLN A 33 -10.71 -4.37 1.78
CA GLN A 33 -12.07 -4.91 2.04
C GLN A 33 -12.86 -3.98 2.97
N ALA A 34 -12.19 -3.37 3.93
CA ALA A 34 -12.87 -2.44 4.87
C ALA A 34 -13.44 -1.21 4.13
N THR A 35 -12.66 -0.62 3.25
CA THR A 35 -13.16 0.57 2.49
C THR A 35 -14.14 0.14 1.38
N GLY A 36 -13.95 -1.03 0.81
CA GLY A 36 -14.87 -1.50 -0.26
C GLY A 36 -14.07 -2.20 -1.36
N GLU A 37 -13.53 -3.36 -1.07
CA GLU A 37 -12.73 -4.09 -2.10
C GLU A 37 -13.63 -5.04 -2.90
N THR A 38 -14.16 -4.58 -4.00
CA THR A 38 -15.04 -5.43 -4.85
C THR A 38 -14.69 -5.22 -6.33
N ILE A 39 -13.44 -5.39 -6.69
CA ILE A 39 -13.01 -5.21 -8.11
C ILE A 39 -12.20 -6.42 -8.59
N THR A 40 -11.56 -6.31 -9.73
CA THR A 40 -10.76 -7.46 -10.27
C THR A 40 -9.33 -7.42 -9.70
N GLU A 41 -8.59 -8.47 -9.89
CA GLU A 41 -7.18 -8.49 -9.37
C GLU A 41 -6.32 -7.53 -10.21
N ASP A 42 -6.44 -7.59 -11.51
CA ASP A 42 -5.63 -6.65 -12.38
C ASP A 42 -5.85 -5.20 -11.93
N ASP A 43 -6.98 -4.93 -11.31
CA ASP A 43 -7.26 -3.55 -10.81
C ASP A 43 -6.30 -3.25 -9.64
N ILE A 44 -6.05 -4.23 -8.81
CA ILE A 44 -5.11 -4.04 -7.66
C ILE A 44 -3.70 -3.78 -8.19
N GLU A 45 -3.31 -4.53 -9.20
CA GLU A 45 -1.97 -4.37 -9.83
C GLU A 45 -1.66 -2.91 -10.15
N GLU A 46 -2.63 -2.13 -10.54
CA GLU A 46 -2.37 -0.69 -10.85
C GLU A 46 -2.00 0.05 -9.56
N LEU A 47 -2.70 -0.25 -8.48
CA LEU A 47 -2.37 0.40 -7.18
C LEU A 47 -0.94 -0.03 -6.77
N MET A 48 -0.60 -1.28 -7.03
CA MET A 48 0.76 -1.78 -6.69
C MET A 48 1.80 -1.21 -7.66
N LYS A 49 1.45 -1.06 -8.92
CA LYS A 49 2.42 -0.51 -9.92
C LYS A 49 2.95 0.85 -9.47
N ASP A 50 2.08 1.76 -9.13
CA ASP A 50 2.54 3.12 -8.68
C ASP A 50 3.29 3.02 -7.34
N GLY A 51 2.82 2.18 -6.43
CA GLY A 51 3.52 2.05 -5.11
C GLY A 51 4.87 1.34 -5.31
N ASP A 52 4.89 0.28 -6.06
CA ASP A 52 6.16 -0.46 -6.30
C ASP A 52 6.47 -0.47 -7.80
N LYS A 53 6.79 0.68 -8.36
CA LYS A 53 7.11 0.74 -9.82
C LYS A 53 8.34 -0.11 -10.13
N ASN A 54 9.30 -0.16 -9.24
CA ASN A 54 10.51 -1.00 -9.48
C ASN A 54 10.15 -2.49 -9.29
N ASN A 55 9.14 -2.77 -8.50
CA ASN A 55 8.70 -4.20 -8.26
C ASN A 55 9.88 -5.08 -7.80
N ASP A 56 10.26 -4.98 -6.55
CA ASP A 56 11.38 -5.83 -6.05
C ASP A 56 10.86 -6.96 -5.14
N GLY A 57 9.57 -7.21 -5.14
CA GLY A 57 9.02 -8.30 -4.28
C GLY A 57 8.16 -7.73 -3.14
N ARG A 58 8.42 -6.52 -2.69
CA ARG A 58 7.59 -5.94 -1.58
C ARG A 58 7.62 -4.41 -1.56
N ILE A 59 6.55 -3.79 -1.12
CA ILE A 59 6.50 -2.30 -1.06
C ILE A 59 7.28 -1.82 0.17
N ASP A 60 8.22 -0.92 -0.02
CA ASP A 60 9.04 -0.42 1.13
C ASP A 60 8.54 0.95 1.61
N TYR A 61 9.10 1.44 2.69
CA TYR A 61 8.68 2.76 3.25
C TYR A 61 9.07 3.91 2.29
N ASP A 62 10.20 3.81 1.64
CA ASP A 62 10.65 4.88 0.71
C ASP A 62 9.68 5.01 -0.48
N GLU A 63 9.30 3.91 -1.09
CA GLU A 63 8.36 3.98 -2.25
C GLU A 63 6.93 4.31 -1.75
N PHE A 64 6.64 4.02 -0.50
CA PHE A 64 5.29 4.32 0.07
C PHE A 64 5.06 5.83 0.15
N LEU A 65 6.03 6.58 0.62
CA LEU A 65 5.86 8.07 0.73
C LEU A 65 5.68 8.71 -0.65
N GLU A 66 6.60 8.47 -1.55
CA GLU A 66 6.50 9.06 -2.93
C GLU A 66 5.17 8.68 -3.58
N PHE A 67 4.64 7.53 -3.23
CA PHE A 67 3.34 7.10 -3.83
C PHE A 67 2.17 7.79 -3.10
N MET A 68 2.20 7.83 -1.79
CA MET A 68 1.09 8.48 -1.03
C MET A 68 1.02 9.98 -1.35
N LYS A 69 2.13 10.57 -1.75
CA LYS A 69 2.13 12.03 -2.09
C LYS A 69 1.21 12.31 -3.30
N GLY A 70 0.95 11.31 -4.11
CA GLY A 70 0.07 11.52 -5.30
C GLY A 70 -1.08 10.49 -5.33
N VAL A 71 -1.62 10.16 -4.18
CA VAL A 71 -2.76 9.17 -4.14
C VAL A 71 -3.75 9.54 -3.02
N GLU A 72 -4.98 9.13 -3.16
CA GLU A 72 -6.01 9.45 -2.11
C GLU A 72 -7.03 8.30 -1.99
N MET A 1 -5.28 8.10 10.34
CA MET A 1 -6.13 7.94 9.12
C MET A 1 -5.45 8.56 7.88
N GLY A 2 -4.74 9.65 8.05
CA GLY A 2 -4.07 10.29 6.88
C GLY A 2 -3.72 11.74 7.24
N LYS A 3 -2.48 12.00 7.54
CA LYS A 3 -2.05 13.40 7.90
C LYS A 3 -0.59 13.60 7.47
N SER A 4 0.21 14.26 8.27
CA SER A 4 1.65 14.44 7.90
C SER A 4 2.40 13.14 8.15
N GLU A 5 3.71 13.18 8.16
CA GLU A 5 4.50 11.94 8.42
C GLU A 5 4.19 11.36 9.81
N GLU A 6 3.53 12.11 10.67
CA GLU A 6 3.18 11.59 12.03
C GLU A 6 2.14 10.48 11.90
N GLU A 7 1.18 10.65 11.02
CA GLU A 7 0.14 9.60 10.81
C GLU A 7 0.53 8.69 9.63
N LEU A 8 1.31 9.22 8.71
CA LEU A 8 1.74 8.41 7.52
C LEU A 8 2.45 7.13 7.99
N SER A 9 3.36 7.26 8.92
CA SER A 9 4.10 6.06 9.44
C SER A 9 3.11 5.02 9.95
N ASP A 10 2.09 5.43 10.67
CA ASP A 10 1.07 4.46 11.18
C ASP A 10 0.38 3.77 9.99
N LEU A 11 0.02 4.53 8.97
CA LEU A 11 -0.63 3.90 7.76
C LEU A 11 0.34 2.87 7.13
N PHE A 12 1.62 2.96 7.44
CA PHE A 12 2.61 2.00 6.86
C PHE A 12 2.87 0.82 7.84
N ARG A 13 3.41 1.10 9.00
CA ARG A 13 3.74 0.01 10.00
C ARG A 13 2.48 -0.64 10.60
N MET A 14 1.41 0.08 10.75
CA MET A 14 0.18 -0.52 11.37
C MET A 14 -0.75 -1.13 10.31
N PHE A 15 -0.46 -0.94 9.04
CA PHE A 15 -1.34 -1.51 7.97
C PHE A 15 -0.88 -2.91 7.55
N ASP A 16 0.42 -3.13 7.44
CA ASP A 16 0.92 -4.48 7.01
C ASP A 16 0.25 -5.61 7.80
N LYS A 17 -0.69 -6.28 7.19
CA LYS A 17 -1.41 -7.40 7.89
C LYS A 17 -0.54 -8.66 7.92
N ASN A 18 0.36 -8.81 6.96
CA ASN A 18 1.24 -10.02 6.94
C ASN A 18 2.29 -9.96 8.07
N ALA A 19 2.52 -8.79 8.63
CA ALA A 19 3.52 -8.64 9.75
C ALA A 19 4.96 -8.94 9.30
N ASP A 20 5.67 -7.94 8.84
CA ASP A 20 7.09 -8.13 8.40
C ASP A 20 7.79 -6.77 8.16
N GLY A 21 7.05 -5.75 7.77
CA GLY A 21 7.68 -4.41 7.53
C GLY A 21 7.52 -3.98 6.07
N TYR A 22 7.27 -4.91 5.17
CA TYR A 22 7.11 -4.54 3.73
C TYR A 22 5.76 -5.05 3.21
N ILE A 23 4.95 -4.18 2.68
CA ILE A 23 3.62 -4.61 2.15
C ILE A 23 3.77 -5.28 0.77
N ASP A 24 3.41 -6.53 0.68
CA ASP A 24 3.52 -7.28 -0.61
C ASP A 24 2.39 -6.89 -1.59
N LEU A 25 2.11 -7.72 -2.55
CA LEU A 25 1.04 -7.40 -3.55
C LEU A 25 -0.35 -7.91 -3.11
N ASP A 26 -0.41 -8.72 -2.08
CA ASP A 26 -1.73 -9.28 -1.64
C ASP A 26 -2.42 -8.42 -0.56
N GLU A 27 -1.76 -8.14 0.54
CA GLU A 27 -2.43 -7.32 1.62
C GLU A 27 -2.94 -5.98 1.05
N LEU A 28 -2.37 -5.50 -0.03
CA LEU A 28 -2.84 -4.20 -0.64
C LEU A 28 -4.36 -4.26 -0.89
N LYS A 29 -4.84 -5.38 -1.37
CA LYS A 29 -6.31 -5.52 -1.66
C LYS A 29 -7.08 -6.06 -0.44
N ILE A 30 -6.45 -6.88 0.38
CA ILE A 30 -7.17 -7.45 1.57
C ILE A 30 -7.57 -6.32 2.54
N MET A 31 -6.65 -5.46 2.88
CA MET A 31 -7.00 -4.34 3.82
C MET A 31 -7.96 -3.35 3.14
N LEU A 32 -7.88 -3.21 1.84
CA LEU A 32 -8.79 -2.28 1.11
C LEU A 32 -10.24 -2.79 1.13
N GLN A 33 -10.44 -4.06 1.43
CA GLN A 33 -11.83 -4.62 1.47
C GLN A 33 -12.74 -3.79 2.40
N ALA A 34 -12.22 -3.32 3.51
CA ALA A 34 -13.05 -2.50 4.44
C ALA A 34 -13.11 -1.04 3.97
N THR A 35 -12.05 -0.55 3.40
CA THR A 35 -12.05 0.88 2.91
C THR A 35 -12.88 1.01 1.63
N GLY A 36 -12.86 0.02 0.78
CA GLY A 36 -13.65 0.10 -0.50
C GLY A 36 -12.95 -0.71 -1.60
N GLU A 37 -13.05 -2.01 -1.55
CA GLU A 37 -12.40 -2.86 -2.61
C GLU A 37 -13.47 -3.40 -3.55
N THR A 38 -13.79 -2.67 -4.60
CA THR A 38 -14.83 -3.13 -5.57
C THR A 38 -14.20 -3.42 -6.93
N ILE A 39 -13.06 -4.05 -6.95
CA ILE A 39 -12.39 -4.38 -8.25
C ILE A 39 -11.69 -5.73 -8.16
N THR A 40 -11.03 -6.14 -9.22
CA THR A 40 -10.32 -7.45 -9.22
C THR A 40 -8.86 -7.25 -8.77
N GLU A 41 -8.17 -8.34 -8.48
CA GLU A 41 -6.73 -8.21 -8.05
C GLU A 41 -5.91 -7.49 -9.13
N ASP A 42 -6.32 -7.61 -10.37
CA ASP A 42 -5.58 -6.92 -11.48
C ASP A 42 -5.63 -5.40 -11.26
N ASP A 43 -6.79 -4.90 -10.89
CA ASP A 43 -6.93 -3.43 -10.62
C ASP A 43 -6.07 -3.05 -9.42
N ILE A 44 -5.92 -3.94 -8.46
CA ILE A 44 -5.07 -3.63 -7.26
C ILE A 44 -3.62 -3.42 -7.71
N GLU A 45 -3.16 -4.20 -8.66
CA GLU A 45 -1.76 -4.04 -9.16
C GLU A 45 -1.61 -2.68 -9.88
N GLU A 46 -2.69 -2.15 -10.40
CA GLU A 46 -2.61 -0.82 -11.09
C GLU A 46 -2.06 0.24 -10.12
N LEU A 47 -2.56 0.27 -8.91
CA LEU A 47 -2.03 1.26 -7.92
C LEU A 47 -0.75 0.70 -7.26
N MET A 48 -0.55 -0.60 -7.29
CA MET A 48 0.69 -1.20 -6.69
C MET A 48 1.93 -0.72 -7.44
N LYS A 49 1.86 -0.55 -8.75
CA LYS A 49 3.07 -0.09 -9.50
C LYS A 49 3.56 1.25 -8.94
N ASP A 50 2.67 2.12 -8.51
CA ASP A 50 3.11 3.41 -7.92
C ASP A 50 3.82 3.14 -6.59
N GLY A 51 3.50 2.04 -5.96
CA GLY A 51 4.17 1.67 -4.68
C GLY A 51 5.46 0.92 -5.02
N ASP A 52 5.35 -0.27 -5.56
CA ASP A 52 6.56 -1.04 -5.93
C ASP A 52 6.96 -0.73 -7.39
N LYS A 53 7.57 0.40 -7.63
CA LYS A 53 8.00 0.74 -9.02
C LYS A 53 9.09 -0.23 -9.47
N ASN A 54 9.93 -0.68 -8.56
CA ASN A 54 11.01 -1.65 -8.93
C ASN A 54 10.40 -3.04 -9.22
N ASN A 55 9.22 -3.30 -8.69
CA ASN A 55 8.55 -4.62 -8.91
C ASN A 55 9.38 -5.76 -8.29
N ASP A 56 9.82 -5.58 -7.06
CA ASP A 56 10.62 -6.66 -6.40
C ASP A 56 9.71 -7.59 -5.59
N GLY A 57 8.43 -7.26 -5.43
CA GLY A 57 7.51 -8.16 -4.69
C GLY A 57 7.09 -7.52 -3.35
N ARG A 58 7.91 -6.69 -2.76
CA ARG A 58 7.52 -6.07 -1.45
C ARG A 58 7.62 -4.53 -1.50
N ILE A 59 6.65 -3.87 -0.97
CA ILE A 59 6.64 -2.38 -0.97
C ILE A 59 7.45 -1.84 0.23
N ASP A 60 8.30 -0.87 0.00
CA ASP A 60 9.14 -0.30 1.10
C ASP A 60 8.64 1.08 1.52
N TYR A 61 9.34 1.73 2.42
CA TYR A 61 8.91 3.09 2.89
C TYR A 61 9.27 4.17 1.85
N ASP A 62 10.46 4.12 1.32
CA ASP A 62 10.88 5.13 0.29
C ASP A 62 9.91 5.16 -0.90
N GLU A 63 9.40 4.03 -1.29
CA GLU A 63 8.44 3.98 -2.44
C GLU A 63 7.03 4.42 -2.00
N PHE A 64 6.72 4.35 -0.73
CA PHE A 64 5.36 4.77 -0.26
C PHE A 64 5.16 6.28 -0.49
N LEU A 65 6.22 7.05 -0.49
CA LEU A 65 6.09 8.52 -0.74
C LEU A 65 5.59 8.77 -2.17
N GLU A 66 6.26 8.20 -3.13
CA GLU A 66 5.84 8.38 -4.56
C GLU A 66 4.51 7.67 -4.84
N PHE A 67 4.12 6.75 -3.99
CA PHE A 67 2.83 6.01 -4.19
C PHE A 67 1.63 6.86 -3.73
N MET A 68 1.83 7.77 -2.80
CA MET A 68 0.70 8.62 -2.31
C MET A 68 0.06 9.40 -3.47
N LYS A 69 0.85 9.86 -4.42
CA LYS A 69 0.27 10.64 -5.56
C LYS A 69 -0.37 9.67 -6.60
N GLY A 70 -1.35 8.92 -6.18
CA GLY A 70 -2.02 7.96 -7.11
C GLY A 70 -2.98 7.05 -6.33
N VAL A 71 -2.60 6.63 -5.15
CA VAL A 71 -3.49 5.73 -4.33
C VAL A 71 -4.78 6.47 -3.91
N GLU A 72 -4.72 7.78 -3.78
CA GLU A 72 -5.94 8.53 -3.37
C GLU A 72 -6.65 9.12 -4.60
N MET A 1 -7.24 12.36 7.07
CA MET A 1 -6.66 10.99 6.97
C MET A 1 -5.96 10.81 5.61
N GLY A 2 -4.73 10.37 5.61
CA GLY A 2 -4.00 10.19 4.32
C GLY A 2 -3.44 11.53 3.86
N LYS A 3 -2.30 11.93 4.37
CA LYS A 3 -1.70 13.24 3.98
C LYS A 3 -0.17 13.15 4.00
N SER A 4 0.40 12.95 5.17
CA SER A 4 1.89 12.84 5.27
C SER A 4 2.26 11.78 6.31
N GLU A 5 3.52 11.72 6.68
CA GLU A 5 3.97 10.70 7.69
C GLU A 5 3.10 10.73 8.96
N GLU A 6 2.50 11.86 9.29
CA GLU A 6 1.63 11.94 10.51
C GLU A 6 0.58 10.81 10.47
N GLU A 7 -0.18 10.73 9.41
CA GLU A 7 -1.20 9.64 9.28
C GLU A 7 -0.59 8.41 8.58
N LEU A 8 0.44 8.61 7.80
CA LEU A 8 1.09 7.48 7.07
C LEU A 8 1.71 6.47 8.05
N SER A 9 2.37 6.95 9.08
CA SER A 9 3.02 6.03 10.07
C SER A 9 2.01 4.97 10.55
N ASP A 10 0.83 5.40 10.97
CA ASP A 10 -0.19 4.42 11.45
C ASP A 10 -0.74 3.58 10.27
N LEU A 11 -0.82 4.17 9.11
CA LEU A 11 -1.35 3.41 7.92
C LEU A 11 -0.45 2.20 7.61
N PHE A 12 0.85 2.38 7.63
CA PHE A 12 1.79 1.26 7.31
C PHE A 12 1.88 0.24 8.46
N ARG A 13 2.03 0.69 9.68
CA ARG A 13 2.17 -0.28 10.83
C ARG A 13 0.89 -1.11 11.04
N MET A 14 -0.26 -0.58 10.73
CA MET A 14 -1.52 -1.36 10.93
C MET A 14 -1.97 -2.06 9.63
N PHE A 15 -1.31 -1.81 8.53
CA PHE A 15 -1.73 -2.46 7.25
C PHE A 15 -1.06 -3.82 7.08
N ASP A 16 0.25 -3.85 7.01
CA ASP A 16 1.00 -5.14 6.79
C ASP A 16 0.36 -6.33 7.51
N LYS A 17 -0.38 -7.14 6.78
CA LYS A 17 -1.01 -8.34 7.40
C LYS A 17 0.08 -9.40 7.63
N ASN A 18 1.02 -9.48 6.73
CA ASN A 18 2.14 -10.45 6.88
C ASN A 18 3.33 -9.77 7.60
N ALA A 19 3.04 -8.94 8.58
CA ALA A 19 4.08 -8.18 9.36
C ALA A 19 5.51 -8.75 9.22
N ASP A 20 6.30 -8.15 8.37
CA ASP A 20 7.72 -8.60 8.21
C ASP A 20 8.64 -7.42 7.79
N GLY A 21 8.17 -6.21 7.92
CA GLY A 21 9.01 -5.02 7.54
C GLY A 21 8.67 -4.55 6.12
N TYR A 22 8.30 -5.46 5.25
CA TYR A 22 7.96 -5.04 3.84
C TYR A 22 6.52 -5.43 3.48
N ILE A 23 6.07 -5.10 2.30
CA ILE A 23 4.67 -5.43 1.90
C ILE A 23 4.65 -6.25 0.60
N ASP A 24 3.67 -7.12 0.46
CA ASP A 24 3.57 -7.94 -0.79
C ASP A 24 2.30 -7.58 -1.57
N LEU A 25 2.19 -8.05 -2.80
CA LEU A 25 0.98 -7.73 -3.61
C LEU A 25 -0.27 -8.38 -3.03
N ASP A 26 -0.14 -9.52 -2.39
CA ASP A 26 -1.33 -10.21 -1.81
C ASP A 26 -1.88 -9.43 -0.60
N GLU A 27 -1.01 -8.89 0.24
CA GLU A 27 -1.50 -8.12 1.43
C GLU A 27 -2.19 -6.80 1.00
N LEU A 28 -1.95 -6.33 -0.20
CA LEU A 28 -2.58 -5.05 -0.67
C LEU A 28 -4.11 -5.17 -0.81
N LYS A 29 -4.59 -6.30 -1.24
CA LYS A 29 -6.07 -6.47 -1.44
C LYS A 29 -6.83 -6.77 -0.13
N ILE A 30 -6.15 -7.05 0.95
CA ILE A 30 -6.87 -7.38 2.23
C ILE A 30 -6.98 -6.17 3.18
N MET A 31 -6.21 -5.13 2.98
CA MET A 31 -6.30 -3.96 3.92
C MET A 31 -7.44 -3.01 3.55
N LEU A 32 -7.59 -2.67 2.29
CA LEU A 32 -8.69 -1.73 1.89
C LEU A 32 -10.09 -2.38 2.08
N GLN A 33 -10.15 -3.66 2.36
CA GLN A 33 -11.47 -4.34 2.55
C GLN A 33 -12.25 -3.70 3.72
N ALA A 34 -11.57 -3.38 4.80
CA ALA A 34 -12.26 -2.76 5.97
C ALA A 34 -12.89 -1.41 5.61
N THR A 35 -12.26 -0.64 4.73
CA THR A 35 -12.84 0.68 4.34
C THR A 35 -13.66 0.62 3.05
N GLY A 36 -13.72 -0.52 2.39
CA GLY A 36 -14.51 -0.62 1.12
C GLY A 36 -13.60 -1.04 -0.03
N GLU A 37 -13.37 -2.32 -0.18
CA GLU A 37 -12.49 -2.81 -1.29
C GLU A 37 -13.35 -3.19 -2.51
N THR A 38 -13.86 -2.22 -3.22
CA THR A 38 -14.70 -2.52 -4.42
C THR A 38 -13.84 -2.39 -5.70
N ILE A 39 -12.84 -3.23 -5.83
CA ILE A 39 -11.95 -3.17 -7.05
C ILE A 39 -11.66 -4.59 -7.57
N THR A 40 -10.95 -4.68 -8.67
CA THR A 40 -10.61 -6.02 -9.25
C THR A 40 -9.08 -6.21 -9.26
N GLU A 41 -8.61 -7.23 -9.93
CA GLU A 41 -7.13 -7.48 -9.99
C GLU A 41 -6.39 -6.30 -10.64
N ASP A 42 -6.97 -5.67 -11.64
CA ASP A 42 -6.30 -4.50 -12.29
C ASP A 42 -6.00 -3.42 -11.26
N ASP A 43 -6.90 -3.18 -10.35
CA ASP A 43 -6.68 -2.14 -9.29
C ASP A 43 -5.52 -2.54 -8.38
N ILE A 44 -5.43 -3.81 -8.03
CA ILE A 44 -4.31 -4.27 -7.15
C ILE A 44 -2.96 -3.86 -7.77
N GLU A 45 -2.76 -4.16 -9.03
CA GLU A 45 -1.48 -3.78 -9.69
C GLU A 45 -1.45 -2.29 -10.03
N GLU A 46 -2.60 -1.67 -10.22
CA GLU A 46 -2.63 -0.20 -10.54
C GLU A 46 -2.00 0.59 -9.39
N LEU A 47 -2.19 0.15 -8.17
CA LEU A 47 -1.58 0.86 -7.01
C LEU A 47 -0.18 0.31 -6.75
N MET A 48 0.04 -0.96 -7.02
CA MET A 48 1.38 -1.56 -6.79
C MET A 48 2.45 -0.93 -7.70
N LYS A 49 2.07 -0.49 -8.89
CA LYS A 49 3.08 0.14 -9.80
C LYS A 49 3.63 1.42 -9.14
N ASP A 50 2.79 2.15 -8.45
CA ASP A 50 3.26 3.39 -7.77
C ASP A 50 3.94 3.01 -6.45
N GLY A 51 3.39 2.05 -5.75
CA GLY A 51 4.01 1.59 -4.47
C GLY A 51 5.39 0.99 -4.78
N ASP A 52 5.46 0.19 -5.82
CA ASP A 52 6.76 -0.44 -6.22
C ASP A 52 7.02 -0.23 -7.72
N LYS A 53 7.63 0.88 -8.08
CA LYS A 53 7.92 1.12 -9.53
C LYS A 53 9.04 0.17 -10.01
N ASN A 54 9.79 -0.41 -9.10
CA ASN A 54 10.87 -1.37 -9.51
C ASN A 54 10.26 -2.75 -9.80
N ASN A 55 9.12 -3.04 -9.21
CA ASN A 55 8.43 -4.35 -9.43
C ASN A 55 9.24 -5.52 -8.84
N ASP A 56 9.88 -5.32 -7.71
CA ASP A 56 10.65 -6.44 -7.08
C ASP A 56 9.70 -7.33 -6.24
N GLY A 57 8.52 -6.84 -5.93
CA GLY A 57 7.54 -7.67 -5.15
C GLY A 57 7.47 -7.21 -3.69
N ARG A 58 8.14 -6.14 -3.31
CA ARG A 58 8.09 -5.68 -1.89
C ARG A 58 7.92 -4.15 -1.81
N ILE A 59 6.94 -3.70 -1.05
CA ILE A 59 6.74 -2.22 -0.91
C ILE A 59 7.13 -1.79 0.52
N ASP A 60 7.99 -0.81 0.62
CA ASP A 60 8.45 -0.35 1.98
C ASP A 60 7.86 1.03 2.33
N TYR A 61 8.03 1.45 3.56
CA TYR A 61 7.51 2.79 4.00
C TYR A 61 8.17 3.91 3.19
N ASP A 62 9.46 3.77 2.90
CA ASP A 62 10.17 4.83 2.10
C ASP A 62 9.62 4.90 0.68
N GLU A 63 9.29 3.77 0.08
CA GLU A 63 8.74 3.77 -1.30
C GLU A 63 7.26 4.19 -1.28
N PHE A 64 6.60 4.02 -0.16
CA PHE A 64 5.16 4.42 -0.05
C PHE A 64 5.00 5.94 -0.19
N LEU A 65 6.04 6.71 0.12
CA LEU A 65 5.95 8.20 0.02
C LEU A 65 5.56 8.63 -1.41
N GLU A 66 6.29 8.19 -2.40
CA GLU A 66 5.96 8.56 -3.82
C GLU A 66 4.59 7.99 -4.21
N PHE A 67 4.28 6.80 -3.74
CA PHE A 67 2.95 6.18 -4.07
C PHE A 67 1.80 7.00 -3.47
N MET A 68 2.02 7.65 -2.34
CA MET A 68 0.93 8.46 -1.71
C MET A 68 0.36 9.48 -2.71
N LYS A 69 1.20 10.05 -3.55
CA LYS A 69 0.71 11.04 -4.56
C LYS A 69 -0.19 10.34 -5.61
N GLY A 70 0.00 9.07 -5.83
CA GLY A 70 -0.83 8.33 -6.84
C GLY A 70 -2.11 7.81 -6.17
N VAL A 71 -2.02 7.34 -4.95
CA VAL A 71 -3.24 6.82 -4.26
C VAL A 71 -4.09 7.98 -3.70
N GLU A 72 -3.48 9.12 -3.44
CA GLU A 72 -4.25 10.28 -2.90
C GLU A 72 -3.94 11.53 -3.72
N MET A 1 -6.77 10.02 5.65
CA MET A 1 -6.90 10.10 4.16
C MET A 1 -5.51 10.12 3.47
N GLY A 2 -4.46 9.72 4.16
CA GLY A 2 -3.11 9.72 3.53
C GLY A 2 -2.60 11.16 3.40
N LYS A 3 -1.75 11.59 4.30
CA LYS A 3 -1.23 13.00 4.23
C LYS A 3 0.30 13.02 4.37
N SER A 4 0.81 12.99 5.59
CA SER A 4 2.28 13.01 5.79
C SER A 4 2.70 11.90 6.76
N GLU A 5 3.94 11.92 7.22
CA GLU A 5 4.44 10.85 8.15
C GLU A 5 3.59 10.74 9.42
N GLU A 6 2.73 11.69 9.71
CA GLU A 6 1.89 11.59 10.95
C GLU A 6 0.81 10.52 10.72
N GLU A 7 0.21 10.53 9.55
CA GLU A 7 -0.86 9.53 9.23
C GLU A 7 -0.27 8.34 8.45
N LEU A 8 0.65 8.59 7.56
CA LEU A 8 1.26 7.48 6.75
C LEU A 8 1.98 6.47 7.65
N SER A 9 2.63 6.94 8.69
CA SER A 9 3.35 6.01 9.62
C SER A 9 2.40 4.93 10.14
N ASP A 10 1.21 5.31 10.54
CA ASP A 10 0.22 4.30 11.05
C ASP A 10 -0.40 3.52 9.89
N LEU A 11 -0.71 4.18 8.80
CA LEU A 11 -1.33 3.49 7.62
C LEU A 11 -0.44 2.34 7.14
N PHE A 12 0.85 2.53 7.08
CA PHE A 12 1.77 1.45 6.60
C PHE A 12 2.06 0.42 7.71
N ARG A 13 2.29 0.85 8.92
CA ARG A 13 2.61 -0.11 10.02
C ARG A 13 1.39 -0.92 10.49
N MET A 14 0.20 -0.39 10.36
CA MET A 14 -1.01 -1.13 10.83
C MET A 14 -1.67 -1.95 9.70
N PHE A 15 -1.20 -1.82 8.48
CA PHE A 15 -1.84 -2.59 7.36
C PHE A 15 -1.01 -3.81 6.93
N ASP A 16 0.13 -4.05 7.54
CA ASP A 16 0.96 -5.22 7.13
C ASP A 16 0.18 -6.53 7.37
N LYS A 17 -0.42 -7.06 6.33
CA LYS A 17 -1.20 -8.33 6.47
C LYS A 17 -0.29 -9.47 6.96
N ASN A 18 0.79 -9.69 6.27
CA ASN A 18 1.74 -10.78 6.69
C ASN A 18 2.64 -10.29 7.85
N ALA A 19 2.80 -8.98 7.97
CA ALA A 19 3.64 -8.39 9.07
C ALA A 19 5.12 -8.80 8.98
N ASP A 20 5.89 -8.12 8.16
CA ASP A 20 7.36 -8.42 8.05
C ASP A 20 8.15 -7.17 7.62
N GLY A 21 7.60 -5.98 7.82
CA GLY A 21 8.31 -4.74 7.43
C GLY A 21 7.88 -4.29 6.03
N TYR A 22 7.46 -5.20 5.18
CA TYR A 22 7.05 -4.82 3.79
C TYR A 22 5.66 -5.38 3.46
N ILE A 23 5.02 -4.85 2.45
CA ILE A 23 3.66 -5.35 2.06
C ILE A 23 3.72 -5.96 0.66
N ASP A 24 3.16 -7.14 0.48
CA ASP A 24 3.18 -7.81 -0.85
C ASP A 24 1.87 -7.54 -1.63
N LEU A 25 1.83 -7.91 -2.88
CA LEU A 25 0.59 -7.68 -3.70
C LEU A 25 -0.64 -8.31 -3.03
N ASP A 26 -0.52 -9.52 -2.53
CA ASP A 26 -1.67 -10.18 -1.87
C ASP A 26 -2.03 -9.46 -0.55
N GLU A 27 -1.04 -8.97 0.16
CA GLU A 27 -1.33 -8.24 1.43
C GLU A 27 -2.12 -6.96 1.17
N LEU A 28 -2.04 -6.42 -0.03
CA LEU A 28 -2.79 -5.15 -0.35
C LEU A 28 -4.28 -5.44 -0.60
N LYS A 29 -4.58 -6.35 -1.52
CA LYS A 29 -6.02 -6.66 -1.85
C LYS A 29 -6.82 -7.12 -0.61
N ILE A 30 -6.15 -7.65 0.39
CA ILE A 30 -6.90 -8.11 1.61
C ILE A 30 -6.83 -7.04 2.72
N MET A 31 -5.95 -6.07 2.59
CA MET A 31 -5.82 -5.02 3.64
C MET A 31 -6.81 -3.86 3.41
N LEU A 32 -6.86 -3.31 2.22
CA LEU A 32 -7.79 -2.17 1.94
C LEU A 32 -9.27 -2.61 2.04
N GLN A 33 -9.54 -3.90 2.15
CA GLN A 33 -10.97 -4.37 2.25
C GLN A 33 -11.75 -3.53 3.27
N ALA A 34 -11.18 -3.29 4.44
CA ALA A 34 -11.89 -2.46 5.47
C ALA A 34 -12.07 -1.02 4.99
N THR A 35 -11.08 -0.49 4.30
CA THR A 35 -11.19 0.92 3.79
C THR A 35 -12.17 0.98 2.61
N GLY A 36 -12.20 -0.03 1.79
CA GLY A 36 -13.13 -0.04 0.62
C GLY A 36 -12.47 -0.74 -0.57
N GLU A 37 -12.31 -2.04 -0.48
CA GLU A 37 -11.67 -2.79 -1.61
C GLU A 37 -12.72 -3.60 -2.38
N THR A 38 -13.60 -2.93 -3.08
CA THR A 38 -14.66 -3.63 -3.87
C THR A 38 -14.35 -3.56 -5.36
N ILE A 39 -13.19 -4.04 -5.76
CA ILE A 39 -12.79 -4.02 -7.20
C ILE A 39 -12.15 -5.35 -7.62
N THR A 40 -11.92 -5.53 -8.89
CA THR A 40 -11.29 -6.81 -9.38
C THR A 40 -9.83 -6.88 -8.89
N GLU A 41 -9.26 -8.05 -8.80
CA GLU A 41 -7.83 -8.16 -8.34
C GLU A 41 -6.91 -7.32 -9.22
N ASP A 42 -7.07 -7.43 -10.52
CA ASP A 42 -6.21 -6.61 -11.45
C ASP A 42 -6.41 -5.12 -11.17
N ASP A 43 -7.59 -4.73 -10.75
CA ASP A 43 -7.86 -3.29 -10.42
C ASP A 43 -7.01 -2.87 -9.21
N ILE A 44 -6.78 -3.78 -8.31
CA ILE A 44 -5.95 -3.48 -7.09
C ILE A 44 -4.49 -3.32 -7.48
N GLU A 45 -4.02 -4.12 -8.40
CA GLU A 45 -2.60 -4.02 -8.85
C GLU A 45 -2.28 -2.63 -9.39
N GLU A 46 -3.26 -1.92 -9.89
CA GLU A 46 -3.03 -0.55 -10.43
C GLU A 46 -2.50 0.37 -9.31
N LEU A 47 -3.04 0.25 -8.13
CA LEU A 47 -2.56 1.10 -6.98
C LEU A 47 -1.16 0.63 -6.56
N MET A 48 -0.93 -0.66 -6.57
CA MET A 48 0.41 -1.20 -6.18
C MET A 48 1.51 -0.63 -7.08
N LYS A 49 1.20 -0.36 -8.33
CA LYS A 49 2.22 0.22 -9.27
C LYS A 49 2.83 1.48 -8.67
N ASP A 50 2.01 2.38 -8.19
CA ASP A 50 2.55 3.63 -7.58
C ASP A 50 3.26 3.30 -6.25
N GLY A 51 2.72 2.35 -5.51
CA GLY A 51 3.36 1.94 -4.23
C GLY A 51 4.76 1.42 -4.53
N ASP A 52 4.86 0.42 -5.36
CA ASP A 52 6.20 -0.13 -5.71
C ASP A 52 6.58 0.31 -7.13
N LYS A 53 6.66 1.61 -7.36
CA LYS A 53 7.04 2.11 -8.71
C LYS A 53 8.43 1.58 -9.11
N ASN A 54 9.27 1.30 -8.13
CA ASN A 54 10.63 0.74 -8.43
C ASN A 54 10.50 -0.76 -8.81
N ASN A 55 9.46 -1.41 -8.30
CA ASN A 55 9.21 -2.86 -8.62
C ASN A 55 10.36 -3.77 -8.16
N ASP A 56 10.34 -4.16 -6.90
CA ASP A 56 11.40 -5.09 -6.39
C ASP A 56 10.76 -6.37 -5.80
N GLY A 57 9.44 -6.45 -5.76
CA GLY A 57 8.78 -7.67 -5.21
C GLY A 57 8.06 -7.37 -3.89
N ARG A 58 8.52 -6.40 -3.12
CA ARG A 58 7.84 -6.08 -1.82
C ARG A 58 7.75 -4.57 -1.60
N ILE A 59 6.58 -4.09 -1.21
CA ILE A 59 6.41 -2.63 -0.96
C ILE A 59 7.03 -2.25 0.38
N ASP A 60 7.76 -1.16 0.41
CA ASP A 60 8.40 -0.70 1.68
C ASP A 60 7.91 0.70 2.03
N TYR A 61 8.13 1.12 3.25
CA TYR A 61 7.70 2.48 3.68
C TYR A 61 8.44 3.57 2.90
N ASP A 62 9.67 3.31 2.52
CA ASP A 62 10.46 4.32 1.75
C ASP A 62 9.74 4.70 0.44
N GLU A 63 9.25 3.72 -0.29
CA GLU A 63 8.52 4.03 -1.56
C GLU A 63 7.08 4.46 -1.24
N PHE A 64 6.57 4.05 -0.10
CA PHE A 64 5.17 4.43 0.29
C PHE A 64 5.03 5.95 0.42
N LEU A 65 6.07 6.64 0.84
CA LEU A 65 5.98 8.14 0.97
C LEU A 65 5.76 8.76 -0.42
N GLU A 66 6.62 8.44 -1.38
CA GLU A 66 6.43 8.99 -2.75
C GLU A 66 5.12 8.42 -3.34
N PHE A 67 4.79 7.21 -3.00
CA PHE A 67 3.53 6.59 -3.52
C PHE A 67 2.31 7.35 -2.98
N MET A 68 2.22 7.55 -1.68
CA MET A 68 1.07 8.31 -1.11
C MET A 68 1.07 9.75 -1.65
N LYS A 69 2.22 10.26 -2.02
CA LYS A 69 2.31 11.64 -2.57
C LYS A 69 1.67 11.73 -3.98
N GLY A 70 1.63 10.63 -4.70
CA GLY A 70 1.03 10.68 -6.08
C GLY A 70 0.04 9.52 -6.28
N VAL A 71 -0.86 9.31 -5.36
CA VAL A 71 -1.86 8.21 -5.52
C VAL A 71 -3.26 8.68 -5.07
N GLU A 72 -4.29 8.14 -5.67
CA GLU A 72 -5.68 8.56 -5.30
C GLU A 72 -6.25 7.65 -4.21
N MET A 1 -6.28 12.62 7.81
CA MET A 1 -6.08 12.22 6.37
C MET A 1 -4.59 12.03 6.08
N GLY A 2 -4.25 11.77 4.83
CA GLY A 2 -2.81 11.56 4.47
C GLY A 2 -2.06 12.89 4.50
N LYS A 3 -1.65 13.33 5.67
CA LYS A 3 -0.90 14.62 5.78
C LYS A 3 0.60 14.32 5.85
N SER A 4 1.04 13.75 6.94
CA SER A 4 2.47 13.39 7.11
C SER A 4 2.53 11.96 7.63
N GLU A 5 3.69 11.45 7.97
CA GLU A 5 3.75 10.06 8.49
C GLU A 5 3.13 9.96 9.89
N GLU A 6 2.79 11.08 10.51
CA GLU A 6 2.15 11.01 11.86
C GLU A 6 0.95 10.03 11.81
N GLU A 7 0.11 10.17 10.82
CA GLU A 7 -1.05 9.24 10.64
C GLU A 7 -0.68 8.16 9.62
N LEU A 8 0.07 8.54 8.60
CA LEU A 8 0.48 7.57 7.52
C LEU A 8 1.19 6.34 8.11
N SER A 9 1.96 6.51 9.15
CA SER A 9 2.69 5.35 9.75
C SER A 9 1.71 4.20 10.04
N ASP A 10 0.52 4.51 10.52
CA ASP A 10 -0.49 3.43 10.80
C ASP A 10 -0.86 2.70 9.50
N LEU A 11 -1.02 3.43 8.42
CA LEU A 11 -1.36 2.79 7.11
C LEU A 11 -0.27 1.79 6.72
N PHE A 12 0.95 1.98 7.18
CA PHE A 12 2.06 1.04 6.84
C PHE A 12 2.23 -0.05 7.91
N ARG A 13 2.11 0.29 9.17
CA ARG A 13 2.30 -0.73 10.26
C ARG A 13 1.00 -1.48 10.59
N MET A 14 -0.14 -0.86 10.43
CA MET A 14 -1.43 -1.56 10.78
C MET A 14 -1.97 -2.39 9.59
N PHE A 15 -1.44 -2.23 8.41
CA PHE A 15 -1.97 -3.01 7.25
C PHE A 15 -1.04 -4.17 6.84
N ASP A 16 0.10 -4.32 7.47
CA ASP A 16 1.00 -5.44 7.09
C ASP A 16 0.48 -6.74 7.73
N LYS A 17 -0.54 -7.32 7.14
CA LYS A 17 -1.13 -8.58 7.69
C LYS A 17 -0.08 -9.70 7.78
N ASN A 18 0.92 -9.65 6.94
CA ASN A 18 1.98 -10.71 6.98
C ASN A 18 3.00 -10.41 8.09
N ALA A 19 3.11 -9.16 8.48
CA ALA A 19 4.04 -8.75 9.58
C ALA A 19 5.51 -9.12 9.27
N ASP A 20 6.10 -8.50 8.26
CA ASP A 20 7.54 -8.77 7.96
C ASP A 20 8.29 -7.47 7.61
N GLY A 21 7.74 -6.33 7.93
CA GLY A 21 8.44 -5.04 7.64
C GLY A 21 7.88 -4.37 6.37
N TYR A 22 7.43 -5.13 5.41
CA TYR A 22 6.89 -4.50 4.15
C TYR A 22 5.53 -5.09 3.78
N ILE A 23 4.84 -4.47 2.86
CA ILE A 23 3.50 -5.01 2.43
C ILE A 23 3.67 -5.71 1.07
N ASP A 24 2.99 -6.81 0.86
CA ASP A 24 3.13 -7.55 -0.43
C ASP A 24 1.85 -7.44 -1.27
N LEU A 25 1.92 -7.86 -2.52
CA LEU A 25 0.72 -7.77 -3.43
C LEU A 25 -0.51 -8.42 -2.80
N ASP A 26 -0.38 -9.61 -2.30
CA ASP A 26 -1.55 -10.31 -1.66
C ASP A 26 -2.06 -9.51 -0.44
N GLU A 27 -1.22 -8.70 0.16
CA GLU A 27 -1.65 -7.92 1.34
C GLU A 27 -2.16 -6.53 0.90
N LEU A 28 -1.83 -6.09 -0.31
CA LEU A 28 -2.33 -4.76 -0.79
C LEU A 28 -3.86 -4.77 -0.79
N LYS A 29 -4.46 -5.75 -1.43
CA LYS A 29 -5.95 -5.85 -1.45
C LYS A 29 -6.49 -5.96 -0.01
N ILE A 30 -5.76 -6.62 0.86
CA ILE A 30 -6.20 -6.72 2.29
C ILE A 30 -6.12 -5.33 2.94
N MET A 31 -5.17 -4.52 2.51
CA MET A 31 -5.03 -3.14 3.05
C MET A 31 -6.24 -2.30 2.60
N LEU A 32 -6.69 -2.51 1.39
CA LEU A 32 -7.87 -1.73 0.88
C LEU A 32 -9.18 -2.30 1.44
N GLN A 33 -9.19 -3.53 1.86
CA GLN A 33 -10.44 -4.15 2.42
C GLN A 33 -11.01 -3.32 3.58
N ALA A 34 -10.17 -2.72 4.39
CA ALA A 34 -10.66 -1.91 5.54
C ALA A 34 -11.43 -0.67 5.05
N THR A 35 -10.88 0.05 4.09
CA THR A 35 -11.59 1.27 3.58
C THR A 35 -12.68 0.88 2.57
N GLY A 36 -12.52 -0.22 1.89
CA GLY A 36 -13.56 -0.66 0.90
C GLY A 36 -12.88 -1.33 -0.29
N GLU A 37 -12.54 -2.59 -0.16
CA GLU A 37 -11.89 -3.31 -1.29
C GLU A 37 -12.94 -3.70 -2.34
N THR A 38 -13.13 -2.87 -3.33
CA THR A 38 -14.13 -3.18 -4.40
C THR A 38 -13.45 -3.10 -5.78
N ILE A 39 -12.29 -3.70 -5.90
CA ILE A 39 -11.55 -3.67 -7.20
C ILE A 39 -11.23 -5.10 -7.66
N THR A 40 -10.68 -5.24 -8.85
CA THR A 40 -10.33 -6.61 -9.36
C THR A 40 -8.91 -6.98 -8.94
N GLU A 41 -8.56 -8.24 -8.98
CA GLU A 41 -7.18 -8.67 -8.59
C GLU A 41 -6.15 -7.98 -9.47
N ASP A 42 -6.31 -8.04 -10.77
CA ASP A 42 -5.33 -7.37 -11.70
C ASP A 42 -5.32 -5.85 -11.40
N ASP A 43 -6.42 -5.32 -10.93
CA ASP A 43 -6.49 -3.86 -10.60
C ASP A 43 -5.59 -3.56 -9.40
N ILE A 44 -5.45 -4.48 -8.48
CA ILE A 44 -4.56 -4.24 -7.30
C ILE A 44 -3.15 -3.89 -7.79
N GLU A 45 -2.68 -4.59 -8.79
CA GLU A 45 -1.33 -4.31 -9.35
C GLU A 45 -1.31 -2.92 -10.00
N GLU A 46 -2.39 -2.52 -10.63
CA GLU A 46 -2.45 -1.17 -11.28
C GLU A 46 -2.20 -0.06 -10.26
N LEU A 47 -2.96 -0.04 -9.19
CA LEU A 47 -2.75 1.01 -8.15
C LEU A 47 -1.42 0.78 -7.40
N MET A 48 -0.83 -0.39 -7.50
CA MET A 48 0.47 -0.64 -6.80
C MET A 48 1.65 -0.09 -7.61
N LYS A 49 1.53 0.06 -8.92
CA LYS A 49 2.68 0.57 -9.74
C LYS A 49 3.28 1.84 -9.10
N ASP A 50 2.47 2.83 -8.82
CA ASP A 50 3.01 4.08 -8.17
C ASP A 50 3.61 3.73 -6.79
N GLY A 51 3.06 2.75 -6.12
CA GLY A 51 3.61 2.34 -4.79
C GLY A 51 4.91 1.58 -5.02
N ASP A 52 4.85 0.54 -5.83
CA ASP A 52 6.08 -0.24 -6.13
C ASP A 52 6.46 -0.05 -7.60
N LYS A 53 7.14 1.02 -7.92
CA LYS A 53 7.54 1.24 -9.34
C LYS A 53 8.52 0.15 -9.80
N ASN A 54 9.19 -0.49 -8.87
CA ASN A 54 10.14 -1.60 -9.24
C ASN A 54 9.35 -2.89 -9.53
N ASN A 55 8.13 -2.97 -9.05
CA ASN A 55 7.28 -4.19 -9.27
C ASN A 55 7.99 -5.46 -8.74
N ASP A 56 8.62 -5.36 -7.59
CA ASP A 56 9.31 -6.56 -7.01
C ASP A 56 8.35 -7.39 -6.14
N GLY A 57 7.23 -6.82 -5.74
CA GLY A 57 6.25 -7.59 -4.91
C GLY A 57 6.15 -7.01 -3.50
N ARG A 58 7.20 -6.43 -2.96
CA ARG A 58 7.11 -5.87 -1.57
C ARG A 58 7.19 -4.34 -1.57
N ILE A 59 6.25 -3.70 -0.93
CA ILE A 59 6.26 -2.20 -0.86
C ILE A 59 6.96 -1.75 0.43
N ASP A 60 7.82 -0.76 0.32
CA ASP A 60 8.56 -0.28 1.53
C ASP A 60 8.15 1.15 1.91
N TYR A 61 8.52 1.57 3.10
CA TYR A 61 8.18 2.94 3.59
C TYR A 61 8.75 4.01 2.65
N ASP A 62 9.94 3.80 2.12
CA ASP A 62 10.55 4.81 1.19
C ASP A 62 9.65 4.99 -0.04
N GLU A 63 9.23 3.91 -0.64
CA GLU A 63 8.33 4.02 -1.84
C GLU A 63 6.93 4.47 -1.41
N PHE A 64 6.57 4.23 -0.17
CA PHE A 64 5.23 4.67 0.33
C PHE A 64 5.07 6.19 0.17
N LEU A 65 6.13 6.93 0.42
CA LEU A 65 6.09 8.43 0.25
C LEU A 65 5.88 8.77 -1.22
N GLU A 66 6.59 8.09 -2.09
CA GLU A 66 6.47 8.35 -3.56
C GLU A 66 5.03 8.11 -4.04
N PHE A 67 4.32 7.20 -3.41
CA PHE A 67 2.92 6.91 -3.82
C PHE A 67 1.95 7.92 -3.21
N MET A 68 2.11 8.27 -1.95
CA MET A 68 1.19 9.25 -1.27
C MET A 68 0.95 10.50 -2.14
N LYS A 69 1.90 10.88 -2.96
CA LYS A 69 1.74 12.10 -3.82
C LYS A 69 0.43 12.04 -4.64
N GLY A 70 -0.01 10.87 -5.02
CA GLY A 70 -1.28 10.76 -5.82
C GLY A 70 -2.21 9.70 -5.21
N VAL A 71 -1.76 8.47 -5.16
CA VAL A 71 -2.60 7.35 -4.60
C VAL A 71 -3.89 7.19 -5.43
N GLU A 72 -4.96 7.87 -5.07
CA GLU A 72 -6.23 7.75 -5.86
C GLU A 72 -7.21 8.90 -5.50
N MET A 1 -5.14 11.35 8.68
CA MET A 1 -5.27 10.51 7.45
C MET A 1 -4.04 10.69 6.54
N GLY A 2 -4.11 10.24 5.31
CA GLY A 2 -2.96 10.39 4.37
C GLY A 2 -2.62 11.88 4.21
N LYS A 3 -1.63 12.36 4.92
CA LYS A 3 -1.27 13.80 4.81
C LYS A 3 0.25 13.97 5.01
N SER A 4 0.74 13.63 6.17
CA SER A 4 2.21 13.77 6.44
C SER A 4 2.71 12.52 7.19
N GLU A 5 3.99 12.49 7.51
CA GLU A 5 4.54 11.31 8.25
C GLU A 5 3.82 11.09 9.58
N GLU A 6 3.13 12.08 10.10
CA GLU A 6 2.38 11.91 11.39
C GLU A 6 1.38 10.76 11.24
N GLU A 7 0.54 10.83 10.22
CA GLU A 7 -0.46 9.74 10.00
C GLU A 7 0.12 8.67 9.04
N LEU A 8 1.05 9.05 8.20
CA LEU A 8 1.67 8.07 7.25
C LEU A 8 2.19 6.85 8.02
N SER A 9 2.74 7.05 9.19
CA SER A 9 3.25 5.90 10.00
C SER A 9 2.08 4.99 10.38
N ASP A 10 0.97 5.54 10.80
CA ASP A 10 -0.21 4.70 11.18
C ASP A 10 -0.79 4.00 9.94
N LEU A 11 -0.91 4.71 8.84
CA LEU A 11 -1.45 4.09 7.59
C LEU A 11 -0.58 2.89 7.18
N PHE A 12 0.70 2.95 7.46
CA PHE A 12 1.61 1.82 7.12
C PHE A 12 1.67 0.81 8.27
N ARG A 13 1.85 1.28 9.48
CA ARG A 13 1.92 0.37 10.67
C ARG A 13 0.64 -0.47 10.78
N MET A 14 -0.51 0.13 10.55
CA MET A 14 -1.79 -0.64 10.64
C MET A 14 -2.09 -1.40 9.34
N PHE A 15 -1.34 -1.17 8.29
CA PHE A 15 -1.61 -1.89 7.01
C PHE A 15 -0.82 -3.20 6.92
N ASP A 16 0.40 -3.25 7.40
CA ASP A 16 1.20 -4.51 7.32
C ASP A 16 0.57 -5.60 8.22
N LYS A 17 -0.43 -6.28 7.72
CA LYS A 17 -1.10 -7.37 8.51
C LYS A 17 -0.26 -8.65 8.48
N ASN A 18 0.62 -8.80 7.51
CA ASN A 18 1.47 -10.03 7.44
C ASN A 18 2.52 -10.03 8.57
N ALA A 19 2.77 -8.89 9.19
CA ALA A 19 3.77 -8.79 10.31
C ALA A 19 5.20 -8.98 9.82
N ASP A 20 5.81 -7.94 9.29
CA ASP A 20 7.22 -8.02 8.80
C ASP A 20 7.73 -6.61 8.40
N GLY A 21 6.88 -5.78 7.84
CA GLY A 21 7.32 -4.41 7.45
C GLY A 21 7.24 -4.21 5.92
N TYR A 22 7.25 -5.28 5.16
CA TYR A 22 7.20 -5.15 3.67
C TYR A 22 5.87 -5.68 3.14
N ILE A 23 5.14 -4.88 2.40
CA ILE A 23 3.82 -5.35 1.86
C ILE A 23 4.02 -6.03 0.49
N ASP A 24 3.23 -7.03 0.20
CA ASP A 24 3.35 -7.74 -1.11
C ASP A 24 2.08 -7.51 -1.95
N LEU A 25 2.08 -7.96 -3.17
CA LEU A 25 0.88 -7.77 -4.06
C LEU A 25 -0.40 -8.34 -3.42
N ASP A 26 -0.28 -9.40 -2.64
CA ASP A 26 -1.49 -10.02 -2.01
C ASP A 26 -2.01 -9.19 -0.82
N GLU A 27 -1.15 -8.57 -0.05
CA GLU A 27 -1.63 -7.78 1.13
C GLU A 27 -2.31 -6.47 0.69
N LEU A 28 -1.91 -5.93 -0.45
CA LEU A 28 -2.52 -4.64 -0.93
C LEU A 28 -4.05 -4.71 -1.01
N LYS A 29 -4.60 -5.78 -1.52
CA LYS A 29 -6.10 -5.88 -1.64
C LYS A 29 -6.77 -6.18 -0.29
N ILE A 30 -6.10 -6.87 0.60
CA ILE A 30 -6.73 -7.20 1.92
C ILE A 30 -6.96 -5.94 2.76
N MET A 31 -5.98 -5.08 2.89
CA MET A 31 -6.17 -3.84 3.71
C MET A 31 -7.17 -2.88 3.03
N LEU A 32 -7.32 -2.99 1.73
CA LEU A 32 -8.28 -2.11 1.01
C LEU A 32 -9.73 -2.54 1.28
N GLN A 33 -9.94 -3.77 1.70
CA GLN A 33 -11.34 -4.25 1.99
C GLN A 33 -11.99 -3.37 3.07
N ALA A 34 -11.21 -2.75 3.93
CA ALA A 34 -11.78 -1.89 5.01
C ALA A 34 -12.62 -0.75 4.40
N THR A 35 -12.18 -0.20 3.29
CA THR A 35 -12.96 0.89 2.63
C THR A 35 -13.82 0.33 1.49
N GLY A 36 -14.17 -0.94 1.53
CA GLY A 36 -15.02 -1.54 0.46
C GLY A 36 -14.24 -1.54 -0.86
N GLU A 37 -13.18 -2.31 -0.94
CA GLU A 37 -12.38 -2.33 -2.21
C GLU A 37 -13.18 -3.00 -3.34
N THR A 38 -13.91 -4.05 -3.06
CA THR A 38 -14.73 -4.76 -4.11
C THR A 38 -14.02 -4.74 -5.47
N ILE A 39 -12.82 -5.27 -5.53
CA ILE A 39 -12.05 -5.27 -6.81
C ILE A 39 -11.30 -6.60 -6.99
N THR A 40 -10.58 -6.75 -8.08
CA THR A 40 -9.82 -8.03 -8.31
C THR A 40 -8.31 -7.80 -8.18
N GLU A 41 -7.54 -8.86 -8.20
CA GLU A 41 -6.05 -8.72 -8.09
C GLU A 41 -5.48 -7.96 -9.31
N ASP A 42 -5.97 -8.24 -10.48
CA ASP A 42 -5.46 -7.53 -11.71
C ASP A 42 -5.59 -6.00 -11.55
N ASP A 43 -6.62 -5.56 -10.87
CA ASP A 43 -6.81 -4.08 -10.67
C ASP A 43 -5.83 -3.54 -9.61
N ILE A 44 -5.37 -4.39 -8.71
CA ILE A 44 -4.41 -3.92 -7.65
C ILE A 44 -3.13 -3.39 -8.31
N GLU A 45 -2.77 -3.92 -9.47
CA GLU A 45 -1.54 -3.44 -10.16
C GLU A 45 -1.65 -1.96 -10.54
N GLU A 46 -2.85 -1.46 -10.76
CA GLU A 46 -3.00 -0.01 -11.10
C GLU A 46 -2.45 0.84 -9.95
N LEU A 47 -2.64 0.39 -8.73
CA LEU A 47 -2.10 1.14 -7.55
C LEU A 47 -0.67 0.64 -7.26
N MET A 48 -0.40 -0.62 -7.55
CA MET A 48 0.95 -1.19 -7.29
C MET A 48 2.02 -0.57 -8.21
N LYS A 49 1.64 -0.11 -9.39
CA LYS A 49 2.68 0.50 -10.29
C LYS A 49 3.39 1.68 -9.60
N ASP A 50 2.66 2.46 -8.84
CA ASP A 50 3.31 3.62 -8.14
C ASP A 50 4.03 3.11 -6.88
N GLY A 51 3.43 2.18 -6.17
CA GLY A 51 4.08 1.63 -4.94
C GLY A 51 5.27 0.76 -5.33
N ASP A 52 5.19 0.06 -6.43
CA ASP A 52 6.30 -0.79 -6.89
C ASP A 52 6.68 -0.47 -8.34
N LYS A 53 7.24 0.69 -8.57
CA LYS A 53 7.65 1.06 -9.97
C LYS A 53 8.75 0.11 -10.45
N ASN A 54 9.44 -0.54 -9.54
CA ASN A 54 10.52 -1.51 -9.94
C ASN A 54 9.89 -2.89 -10.22
N ASN A 55 8.64 -3.09 -9.84
CA ASN A 55 7.95 -4.39 -10.06
C ASN A 55 8.72 -5.55 -9.40
N ASP A 56 9.36 -5.32 -8.29
CA ASP A 56 10.11 -6.42 -7.60
C ASP A 56 9.13 -7.33 -6.83
N GLY A 57 7.98 -6.81 -6.46
CA GLY A 57 6.97 -7.65 -5.73
C GLY A 57 6.78 -7.19 -4.28
N ARG A 58 7.79 -6.62 -3.67
CA ARG A 58 7.65 -6.17 -2.25
C ARG A 58 7.72 -4.64 -2.14
N ILE A 59 6.79 -4.05 -1.44
CA ILE A 59 6.78 -2.56 -1.27
C ILE A 59 7.40 -2.17 0.08
N ASP A 60 8.22 -1.15 0.10
CA ASP A 60 8.87 -0.72 1.38
C ASP A 60 8.27 0.60 1.88
N TYR A 61 8.77 1.11 2.99
CA TYR A 61 8.25 2.40 3.53
C TYR A 61 8.73 3.57 2.65
N ASP A 62 9.97 3.54 2.23
CA ASP A 62 10.50 4.64 1.35
C ASP A 62 9.65 4.71 0.08
N GLU A 63 9.29 3.58 -0.47
CA GLU A 63 8.45 3.56 -1.71
C GLU A 63 7.02 4.04 -1.37
N PHE A 64 6.55 3.72 -0.20
CA PHE A 64 5.17 4.15 0.21
C PHE A 64 5.02 5.67 0.12
N LEU A 65 6.02 6.41 0.55
CA LEU A 65 5.93 7.90 0.48
C LEU A 65 5.80 8.34 -0.99
N GLU A 66 6.56 7.73 -1.88
CA GLU A 66 6.46 8.10 -3.32
C GLU A 66 5.15 7.58 -3.93
N PHE A 67 4.45 6.71 -3.24
CA PHE A 67 3.16 6.20 -3.78
C PHE A 67 1.99 7.00 -3.20
N MET A 68 1.90 7.08 -1.89
CA MET A 68 0.79 7.84 -1.23
C MET A 68 0.74 9.30 -1.70
N LYS A 69 1.84 9.84 -2.21
CA LYS A 69 1.82 11.26 -2.70
C LYS A 69 0.61 11.50 -3.64
N GLY A 70 0.12 10.46 -4.28
CA GLY A 70 -1.06 10.62 -5.18
C GLY A 70 -2.10 9.54 -4.83
N VAL A 71 -2.25 9.21 -3.57
CA VAL A 71 -3.24 8.18 -3.16
C VAL A 71 -3.98 8.64 -1.88
N GLU A 72 -4.64 9.76 -1.94
CA GLU A 72 -5.39 10.27 -0.75
C GLU A 72 -6.90 10.06 -0.90
N MET A 1 -7.80 10.31 3.55
CA MET A 1 -6.51 11.04 3.56
C MET A 1 -5.71 10.71 4.84
N GLY A 2 -4.44 11.01 4.86
CA GLY A 2 -3.60 10.71 6.06
C GLY A 2 -3.09 12.04 6.66
N LYS A 3 -2.00 11.98 7.39
CA LYS A 3 -1.44 13.22 7.99
C LYS A 3 0.08 13.25 7.76
N SER A 4 0.84 13.79 8.69
CA SER A 4 2.33 13.81 8.52
C SER A 4 2.88 12.38 8.60
N GLU A 5 4.18 12.22 8.69
CA GLU A 5 4.75 10.84 8.77
C GLU A 5 4.31 10.12 10.07
N GLU A 6 3.69 10.82 10.99
CA GLU A 6 3.21 10.16 12.26
C GLU A 6 2.10 9.18 11.90
N GLU A 7 1.08 9.65 11.23
CA GLU A 7 -0.03 8.73 10.81
C GLU A 7 0.44 7.87 9.63
N LEU A 8 1.28 8.42 8.78
CA LEU A 8 1.82 7.66 7.60
C LEU A 8 2.53 6.39 8.08
N SER A 9 3.30 6.50 9.15
CA SER A 9 4.02 5.28 9.68
C SER A 9 3.01 4.20 10.04
N ASP A 10 1.92 4.57 10.67
CA ASP A 10 0.89 3.56 11.05
C ASP A 10 0.21 3.00 9.80
N LEU A 11 -0.08 3.83 8.82
CA LEU A 11 -0.72 3.32 7.56
C LEU A 11 0.18 2.26 6.92
N PHE A 12 1.47 2.36 7.09
CA PHE A 12 2.41 1.35 6.49
C PHE A 12 2.72 0.23 7.50
N ARG A 13 3.04 0.59 8.73
CA ARG A 13 3.38 -0.43 9.78
C ARG A 13 2.13 -1.15 10.30
N MET A 14 1.12 -0.42 10.69
CA MET A 14 -0.13 -1.06 11.23
C MET A 14 -0.92 -1.80 10.13
N PHE A 15 -0.57 -1.62 8.88
CA PHE A 15 -1.32 -2.32 7.79
C PHE A 15 -0.69 -3.65 7.41
N ASP A 16 0.64 -3.73 7.39
CA ASP A 16 1.32 -5.01 7.02
C ASP A 16 0.68 -6.19 7.77
N LYS A 17 -0.15 -6.96 7.10
CA LYS A 17 -0.82 -8.13 7.75
C LYS A 17 0.13 -9.33 7.83
N ASN A 18 1.07 -9.43 6.92
CA ASN A 18 2.02 -10.58 6.94
C ASN A 18 3.02 -10.45 8.09
N ALA A 19 3.18 -9.28 8.65
CA ALA A 19 4.13 -9.06 9.81
C ALA A 19 5.59 -9.30 9.39
N ASP A 20 6.24 -8.27 8.87
CA ASP A 20 7.68 -8.41 8.45
C ASP A 20 8.32 -7.03 8.20
N GLY A 21 7.54 -6.01 7.87
CA GLY A 21 8.13 -4.65 7.63
C GLY A 21 7.90 -4.21 6.18
N TYR A 22 7.64 -5.12 5.28
CA TYR A 22 7.41 -4.73 3.86
C TYR A 22 6.01 -5.22 3.42
N ILE A 23 5.17 -4.33 2.96
CA ILE A 23 3.80 -4.75 2.52
C ILE A 23 3.86 -5.46 1.15
N ASP A 24 3.00 -6.41 0.92
CA ASP A 24 3.00 -7.14 -0.39
C ASP A 24 1.70 -6.86 -1.16
N LEU A 25 1.63 -7.30 -2.39
CA LEU A 25 0.40 -7.07 -3.23
C LEU A 25 -0.87 -7.59 -2.54
N ASP A 26 -0.85 -8.81 -2.06
CA ASP A 26 -2.08 -9.40 -1.40
C ASP A 26 -2.48 -8.62 -0.14
N GLU A 27 -1.56 -8.28 0.71
CA GLU A 27 -1.92 -7.54 1.97
C GLU A 27 -2.57 -6.18 1.65
N LEU A 28 -2.15 -5.52 0.59
CA LEU A 28 -2.78 -4.20 0.22
C LEU A 28 -4.29 -4.38 -0.03
N LYS A 29 -4.66 -5.46 -0.67
CA LYS A 29 -6.10 -5.72 -1.00
C LYS A 29 -6.95 -5.94 0.27
N ILE A 30 -6.53 -6.82 1.15
CA ILE A 30 -7.33 -7.11 2.39
C ILE A 30 -7.67 -5.82 3.17
N MET A 31 -6.76 -4.89 3.27
CA MET A 31 -7.06 -3.64 4.04
C MET A 31 -7.96 -2.69 3.24
N LEU A 32 -7.67 -2.48 1.98
CA LEU A 32 -8.51 -1.54 1.15
C LEU A 32 -9.97 -2.04 1.05
N GLN A 33 -10.22 -3.30 1.35
CA GLN A 33 -11.62 -3.84 1.27
C GLN A 33 -12.55 -3.02 2.16
N ALA A 34 -12.07 -2.57 3.30
CA ALA A 34 -12.93 -1.76 4.22
C ALA A 34 -13.31 -0.43 3.58
N THR A 35 -12.43 0.16 2.79
CA THR A 35 -12.76 1.47 2.14
C THR A 35 -12.91 1.30 0.61
N GLY A 36 -13.32 0.14 0.16
CA GLY A 36 -13.51 -0.06 -1.31
C GLY A 36 -12.99 -1.44 -1.72
N GLU A 37 -12.01 -1.47 -2.58
CA GLU A 37 -11.42 -2.77 -3.06
C GLU A 37 -12.53 -3.73 -3.53
N THR A 38 -13.12 -3.44 -4.66
CA THR A 38 -14.19 -4.33 -5.21
C THR A 38 -13.80 -4.80 -6.60
N ILE A 39 -12.58 -5.28 -6.74
CA ILE A 39 -12.09 -5.75 -8.07
C ILE A 39 -11.29 -7.07 -7.92
N THR A 40 -10.68 -7.53 -8.98
CA THR A 40 -9.91 -8.81 -8.92
C THR A 40 -8.43 -8.56 -8.57
N GLU A 41 -7.60 -9.57 -8.69
CA GLU A 41 -6.14 -9.43 -8.34
C GLU A 41 -5.40 -8.50 -9.33
N ASP A 42 -5.61 -8.66 -10.62
CA ASP A 42 -4.89 -7.76 -11.60
C ASP A 42 -5.35 -6.30 -11.45
N ASP A 43 -6.55 -6.09 -10.95
CA ASP A 43 -7.04 -4.70 -10.74
C ASP A 43 -6.24 -4.03 -9.61
N ILE A 44 -5.78 -4.80 -8.65
CA ILE A 44 -4.97 -4.21 -7.52
C ILE A 44 -3.71 -3.52 -8.06
N GLU A 45 -3.20 -3.97 -9.18
CA GLU A 45 -1.96 -3.35 -9.77
C GLU A 45 -2.16 -1.85 -10.03
N GLU A 46 -3.39 -1.39 -10.13
CA GLU A 46 -3.64 0.07 -10.38
C GLU A 46 -2.88 0.92 -9.35
N LEU A 47 -2.92 0.53 -8.09
CA LEU A 47 -2.19 1.30 -7.05
C LEU A 47 -0.78 0.70 -6.88
N MET A 48 -0.67 -0.61 -6.81
CA MET A 48 0.67 -1.26 -6.65
C MET A 48 1.68 -0.76 -7.70
N LYS A 49 1.24 -0.51 -8.92
CA LYS A 49 2.20 -0.01 -9.97
C LYS A 49 2.83 1.32 -9.52
N ASP A 50 2.05 2.20 -8.93
CA ASP A 50 2.61 3.50 -8.46
C ASP A 50 3.28 3.30 -7.09
N GLY A 51 2.78 2.39 -6.28
CA GLY A 51 3.39 2.13 -4.95
C GLY A 51 4.74 1.42 -5.15
N ASP A 52 4.74 0.39 -5.97
CA ASP A 52 6.00 -0.36 -6.24
C ASP A 52 6.26 -0.40 -7.75
N LYS A 53 6.84 0.64 -8.30
CA LYS A 53 7.13 0.65 -9.77
C LYS A 53 8.17 -0.43 -10.11
N ASN A 54 9.03 -0.76 -9.18
CA ASN A 54 10.05 -1.83 -9.44
C ASN A 54 9.37 -3.20 -9.55
N ASN A 55 8.23 -3.35 -8.89
CA ASN A 55 7.50 -4.65 -8.92
C ASN A 55 8.32 -5.75 -8.25
N ASP A 56 9.17 -5.41 -7.31
CA ASP A 56 9.98 -6.46 -6.61
C ASP A 56 9.06 -7.35 -5.76
N GLY A 57 7.84 -6.91 -5.48
CA GLY A 57 6.91 -7.76 -4.68
C GLY A 57 6.64 -7.14 -3.30
N ARG A 58 7.50 -6.28 -2.82
CA ARG A 58 7.27 -5.68 -1.47
C ARG A 58 7.33 -4.15 -1.49
N ILE A 59 6.33 -3.50 -0.95
CA ILE A 59 6.33 -2.01 -0.91
C ILE A 59 7.06 -1.53 0.35
N ASP A 60 8.08 -0.73 0.19
CA ASP A 60 8.86 -0.24 1.37
C ASP A 60 8.48 1.22 1.68
N TYR A 61 9.13 1.81 2.66
CA TYR A 61 8.81 3.23 3.03
C TYR A 61 9.34 4.20 1.97
N ASP A 62 10.48 3.93 1.38
CA ASP A 62 11.04 4.86 0.34
C ASP A 62 10.02 5.05 -0.80
N GLU A 63 9.47 3.99 -1.31
CA GLU A 63 8.46 4.12 -2.41
C GLU A 63 7.11 4.57 -1.82
N PHE A 64 6.90 4.32 -0.54
CA PHE A 64 5.62 4.72 0.12
C PHE A 64 5.42 6.25 0.01
N LEU A 65 6.45 7.00 0.21
CA LEU A 65 6.34 8.50 0.12
C LEU A 65 6.00 8.92 -1.32
N GLU A 66 6.55 8.25 -2.30
CA GLU A 66 6.27 8.60 -3.72
C GLU A 66 4.81 8.27 -4.09
N PHE A 67 4.29 7.17 -3.60
CA PHE A 67 2.87 6.80 -3.95
C PHE A 67 1.87 7.82 -3.36
N MET A 68 2.11 8.30 -2.16
CA MET A 68 1.15 9.28 -1.53
C MET A 68 1.05 10.60 -2.33
N LYS A 69 1.88 10.80 -3.34
CA LYS A 69 1.80 12.07 -4.13
C LYS A 69 0.38 12.23 -4.74
N GLY A 70 -0.34 11.16 -4.91
CA GLY A 70 -1.71 11.25 -5.49
C GLY A 70 -2.35 9.85 -5.49
N VAL A 71 -2.85 9.43 -4.36
CA VAL A 71 -3.48 8.07 -4.28
C VAL A 71 -5.00 8.17 -4.49
N GLU A 72 -5.65 9.07 -3.80
CA GLU A 72 -7.13 9.23 -3.95
C GLU A 72 -7.54 10.70 -3.72
N MET A 1 -6.53 8.85 8.81
CA MET A 1 -6.68 8.65 7.34
C MET A 1 -5.40 9.09 6.59
N GLY A 2 -5.46 9.19 5.30
CA GLY A 2 -4.25 9.63 4.52
C GLY A 2 -4.09 11.14 4.63
N LYS A 3 -3.44 11.61 5.67
CA LYS A 3 -3.24 13.08 5.84
C LYS A 3 -1.79 13.44 5.46
N SER A 4 -0.85 13.13 6.31
CA SER A 4 0.58 13.43 6.00
C SER A 4 1.47 12.32 6.55
N GLU A 5 2.76 12.52 6.59
CA GLU A 5 3.67 11.45 7.12
C GLU A 5 3.31 11.07 8.57
N GLU A 6 2.50 11.86 9.24
CA GLU A 6 2.10 11.50 10.65
C GLU A 6 1.12 10.32 10.58
N GLU A 7 0.07 10.47 9.82
CA GLU A 7 -0.93 9.37 9.67
C GLU A 7 -0.41 8.32 8.67
N LEU A 8 0.42 8.74 7.74
CA LEU A 8 1.00 7.80 6.74
C LEU A 8 1.68 6.62 7.44
N SER A 9 2.47 6.91 8.45
CA SER A 9 3.17 5.81 9.20
C SER A 9 2.13 4.90 9.85
N ASP A 10 1.12 5.48 10.47
CA ASP A 10 0.06 4.66 11.13
C ASP A 10 -0.68 3.83 10.07
N LEU A 11 -0.97 4.42 8.94
CA LEU A 11 -1.67 3.68 7.85
C LEU A 11 -0.77 2.51 7.37
N PHE A 12 0.52 2.71 7.38
CA PHE A 12 1.46 1.62 6.93
C PHE A 12 1.46 0.46 7.93
N ARG A 13 1.74 0.72 9.19
CA ARG A 13 1.77 -0.37 10.22
C ARG A 13 0.41 -1.06 10.39
N MET A 14 -0.67 -0.40 10.03
CA MET A 14 -2.02 -1.03 10.18
C MET A 14 -2.49 -1.69 8.87
N PHE A 15 -1.75 -1.52 7.79
CA PHE A 15 -2.19 -2.14 6.49
C PHE A 15 -1.52 -3.48 6.23
N ASP A 16 -0.24 -3.62 6.48
CA ASP A 16 0.43 -4.95 6.23
C ASP A 16 -0.17 -6.01 7.16
N LYS A 17 -1.03 -6.85 6.64
CA LYS A 17 -1.64 -7.92 7.50
C LYS A 17 -0.65 -9.07 7.76
N ASN A 18 0.37 -9.19 6.93
CA ASN A 18 1.36 -10.29 7.13
C ASN A 18 2.31 -9.98 8.32
N ALA A 19 2.45 -8.71 8.66
CA ALA A 19 3.32 -8.30 9.81
C ALA A 19 4.79 -8.70 9.60
N ASP A 20 5.44 -8.20 8.58
CA ASP A 20 6.88 -8.54 8.34
C ASP A 20 7.70 -7.27 8.03
N GLY A 21 7.07 -6.18 7.65
CA GLY A 21 7.83 -4.93 7.33
C GLY A 21 7.66 -4.56 5.85
N TYR A 22 7.49 -5.53 4.99
CA TYR A 22 7.34 -5.25 3.53
C TYR A 22 5.99 -5.77 3.02
N ILE A 23 5.19 -4.93 2.42
CA ILE A 23 3.87 -5.38 1.90
C ILE A 23 3.99 -6.10 0.55
N ASP A 24 3.18 -7.10 0.33
CA ASP A 24 3.22 -7.87 -0.96
C ASP A 24 1.92 -7.67 -1.75
N LEU A 25 1.95 -7.94 -3.04
CA LEU A 25 0.74 -7.74 -3.90
C LEU A 25 -0.51 -8.39 -3.29
N ASP A 26 -0.42 -9.62 -2.86
CA ASP A 26 -1.62 -10.30 -2.27
C ASP A 26 -2.16 -9.52 -1.06
N GLU A 27 -1.31 -8.85 -0.34
CA GLU A 27 -1.76 -8.08 0.86
C GLU A 27 -2.26 -6.67 0.43
N LEU A 28 -1.86 -6.20 -0.73
CA LEU A 28 -2.30 -4.85 -1.19
C LEU A 28 -3.83 -4.77 -1.27
N LYS A 29 -4.49 -5.80 -1.74
CA LYS A 29 -5.98 -5.76 -1.85
C LYS A 29 -6.63 -5.77 -0.46
N ILE A 30 -6.09 -6.50 0.49
CA ILE A 30 -6.69 -6.53 1.86
C ILE A 30 -6.54 -5.17 2.57
N MET A 31 -5.71 -4.30 2.04
CA MET A 31 -5.53 -2.95 2.68
C MET A 31 -6.79 -2.09 2.51
N LEU A 32 -7.36 -2.09 1.33
CA LEU A 32 -8.60 -1.28 1.06
C LEU A 32 -9.82 -1.84 1.80
N GLN A 33 -9.73 -3.02 2.36
CA GLN A 33 -10.90 -3.62 3.10
C GLN A 33 -11.36 -2.68 4.21
N ALA A 34 -10.46 -1.91 4.78
CA ALA A 34 -10.84 -0.97 5.88
C ALA A 34 -11.80 0.11 5.36
N THR A 35 -11.72 0.48 4.10
CA THR A 35 -12.65 1.53 3.56
C THR A 35 -13.56 0.96 2.46
N GLY A 36 -13.71 -0.33 2.38
CA GLY A 36 -14.60 -0.93 1.33
C GLY A 36 -13.74 -1.45 0.17
N GLU A 37 -13.34 -2.70 0.22
CA GLU A 37 -12.51 -3.27 -0.88
C GLU A 37 -13.41 -3.75 -2.03
N THR A 38 -13.68 -2.90 -2.98
CA THR A 38 -14.56 -3.30 -4.13
C THR A 38 -13.70 -3.91 -5.26
N ILE A 39 -12.47 -3.52 -5.39
CA ILE A 39 -11.59 -4.07 -6.47
C ILE A 39 -10.95 -5.39 -6.01
N THR A 40 -10.43 -6.17 -6.93
CA THR A 40 -9.79 -7.47 -6.55
C THR A 40 -8.26 -7.37 -6.74
N GLU A 41 -7.54 -8.44 -6.48
CA GLU A 41 -6.04 -8.41 -6.67
C GLU A 41 -5.68 -8.00 -8.10
N ASP A 42 -6.52 -8.32 -9.06
CA ASP A 42 -6.24 -7.93 -10.47
C ASP A 42 -6.22 -6.40 -10.62
N ASP A 43 -7.07 -5.71 -9.90
CA ASP A 43 -7.11 -4.22 -9.98
C ASP A 43 -5.98 -3.59 -9.15
N ILE A 44 -5.46 -4.31 -8.17
CA ILE A 44 -4.37 -3.75 -7.31
C ILE A 44 -3.16 -3.31 -8.15
N GLU A 45 -2.94 -3.93 -9.28
CA GLU A 45 -1.78 -3.54 -10.15
C GLU A 45 -1.79 -2.02 -10.42
N GLU A 46 -2.95 -1.41 -10.47
CA GLU A 46 -3.03 0.07 -10.71
C GLU A 46 -2.28 0.82 -9.60
N LEU A 47 -2.45 0.40 -8.37
CA LEU A 47 -1.74 1.09 -7.23
C LEU A 47 -0.33 0.49 -7.03
N MET A 48 -0.12 -0.74 -7.42
CA MET A 48 1.23 -1.38 -7.23
C MET A 48 2.28 -0.77 -8.17
N LYS A 49 1.95 -0.52 -9.42
CA LYS A 49 2.99 0.08 -10.33
C LYS A 49 3.57 1.37 -9.73
N ASP A 50 2.76 2.16 -9.08
CA ASP A 50 3.28 3.41 -8.46
C ASP A 50 3.88 3.10 -7.08
N GLY A 51 3.34 2.11 -6.39
CA GLY A 51 3.90 1.74 -5.05
C GLY A 51 5.29 1.12 -5.26
N ASP A 52 5.43 0.27 -6.25
CA ASP A 52 6.76 -0.36 -6.51
C ASP A 52 7.13 -0.18 -8.00
N LYS A 53 7.65 0.97 -8.35
CA LYS A 53 8.05 1.17 -9.79
C LYS A 53 9.21 0.25 -10.16
N ASN A 54 9.94 -0.24 -9.18
CA ASN A 54 11.07 -1.18 -9.47
C ASN A 54 10.53 -2.55 -9.89
N ASN A 55 9.34 -2.89 -9.43
CA ASN A 55 8.72 -4.20 -9.78
C ASN A 55 9.58 -5.37 -9.26
N ASP A 56 10.21 -5.19 -8.12
CA ASP A 56 11.03 -6.31 -7.55
C ASP A 56 10.13 -7.36 -6.88
N GLY A 57 8.91 -7.00 -6.54
CA GLY A 57 7.98 -8.00 -5.92
C GLY A 57 7.69 -7.64 -4.45
N ARG A 58 8.35 -6.66 -3.90
CA ARG A 58 8.09 -6.29 -2.47
C ARG A 58 8.05 -4.77 -2.28
N ILE A 59 7.03 -4.27 -1.65
CA ILE A 59 6.94 -2.79 -1.43
C ILE A 59 7.65 -2.43 -0.12
N ASP A 60 8.36 -1.33 -0.10
CA ASP A 60 9.10 -0.92 1.14
C ASP A 60 8.50 0.35 1.74
N TYR A 61 8.98 0.74 2.90
CA TYR A 61 8.47 1.97 3.57
C TYR A 61 8.92 3.22 2.81
N ASP A 62 10.13 3.23 2.31
CA ASP A 62 10.64 4.41 1.56
C ASP A 62 9.83 4.66 0.28
N GLU A 63 9.51 3.62 -0.46
CA GLU A 63 8.71 3.80 -1.71
C GLU A 63 7.25 4.13 -1.37
N PHE A 64 6.80 3.84 -0.17
CA PHE A 64 5.38 4.16 0.21
C PHE A 64 5.13 5.67 0.16
N LEU A 65 5.98 6.45 0.78
CA LEU A 65 5.78 7.93 0.77
C LEU A 65 5.89 8.48 -0.66
N GLU A 66 6.77 7.93 -1.46
CA GLU A 66 6.91 8.41 -2.87
C GLU A 66 5.65 8.07 -3.67
N PHE A 67 5.02 6.96 -3.38
CA PHE A 67 3.78 6.55 -4.11
C PHE A 67 2.56 7.27 -3.53
N MET A 68 2.48 7.39 -2.23
CA MET A 68 1.32 8.08 -1.60
C MET A 68 1.19 9.52 -2.10
N LYS A 69 2.27 10.13 -2.54
CA LYS A 69 2.18 11.54 -3.06
C LYS A 69 1.41 11.54 -4.39
N GLY A 70 0.12 11.40 -4.31
CA GLY A 70 -0.74 11.36 -5.54
C GLY A 70 -1.94 10.44 -5.29
N VAL A 71 -1.78 9.46 -4.42
CA VAL A 71 -2.92 8.53 -4.10
C VAL A 71 -4.02 9.30 -3.36
N GLU A 72 -3.65 10.00 -2.30
CA GLU A 72 -4.64 10.80 -1.50
C GLU A 72 -5.82 9.92 -1.05
N MET A 1 -5.28 9.43 10.01
CA MET A 1 -6.12 9.71 8.80
C MET A 1 -5.31 9.50 7.52
N GLY A 2 -4.20 10.17 7.39
CA GLY A 2 -3.35 10.02 6.16
C GLY A 2 -3.02 11.40 5.60
N LYS A 3 -1.98 12.02 6.10
CA LYS A 3 -1.60 13.38 5.62
C LYS A 3 -0.11 13.42 5.28
N SER A 4 0.75 13.39 6.26
CA SER A 4 2.21 13.41 5.98
C SER A 4 2.89 12.24 6.70
N GLU A 5 4.20 12.27 6.80
CA GLU A 5 4.93 11.15 7.48
C GLU A 5 4.35 10.84 8.86
N GLU A 6 3.67 11.78 9.48
CA GLU A 6 3.07 11.52 10.82
C GLU A 6 2.13 10.30 10.75
N GLU A 7 1.18 10.33 9.84
CA GLU A 7 0.23 9.18 9.68
C GLU A 7 0.71 8.24 8.57
N LEU A 8 1.47 8.75 7.63
CA LEU A 8 1.99 7.88 6.50
C LEU A 8 2.78 6.70 7.05
N SER A 9 3.64 6.93 8.02
CA SER A 9 4.45 5.82 8.60
C SER A 9 3.53 4.71 9.15
N ASP A 10 2.52 5.08 9.92
CA ASP A 10 1.59 4.05 10.48
C ASP A 10 0.88 3.32 9.35
N LEU A 11 0.47 4.01 8.32
CA LEU A 11 -0.21 3.34 7.16
C LEU A 11 0.71 2.27 6.56
N PHE A 12 2.00 2.42 6.72
CA PHE A 12 2.96 1.42 6.15
C PHE A 12 3.34 0.33 7.20
N ARG A 13 3.77 0.74 8.37
CA ARG A 13 4.20 -0.26 9.41
C ARG A 13 3.02 -0.79 10.27
N MET A 14 1.99 -0.01 10.48
CA MET A 14 0.86 -0.49 11.35
C MET A 14 -0.28 -1.07 10.49
N PHE A 15 -0.31 -0.76 9.23
CA PHE A 15 -1.41 -1.29 8.35
C PHE A 15 -1.04 -2.67 7.77
N ASP A 16 0.22 -3.02 7.76
CA ASP A 16 0.63 -4.36 7.20
C ASP A 16 -0.08 -5.50 7.93
N LYS A 17 -0.97 -6.18 7.26
CA LYS A 17 -1.72 -7.31 7.92
C LYS A 17 -0.78 -8.50 8.18
N ASN A 18 0.19 -8.71 7.32
CA ASN A 18 1.13 -9.86 7.51
C ASN A 18 2.20 -9.50 8.56
N ALA A 19 2.45 -8.21 8.75
CA ALA A 19 3.46 -7.75 9.77
C ALA A 19 4.88 -8.32 9.52
N ASP A 20 5.65 -7.67 8.67
CA ASP A 20 7.04 -8.16 8.40
C ASP A 20 7.95 -6.99 7.94
N GLY A 21 7.59 -5.77 8.26
CA GLY A 21 8.44 -4.60 7.86
C GLY A 21 8.02 -4.04 6.50
N TYR A 22 7.53 -4.87 5.60
CA TYR A 22 7.14 -4.36 4.23
C TYR A 22 5.75 -4.86 3.85
N ILE A 23 5.08 -4.17 2.95
CA ILE A 23 3.73 -4.61 2.51
C ILE A 23 3.86 -5.37 1.17
N ASP A 24 3.43 -6.61 1.13
CA ASP A 24 3.56 -7.42 -0.12
C ASP A 24 2.43 -7.09 -1.12
N LEU A 25 2.19 -7.96 -2.07
CA LEU A 25 1.12 -7.71 -3.09
C LEU A 25 -0.24 -8.31 -2.62
N ASP A 26 -0.23 -9.15 -1.62
CA ASP A 26 -1.51 -9.79 -1.17
C ASP A 26 -2.28 -8.93 -0.15
N GLU A 27 -1.65 -8.43 0.88
CA GLU A 27 -2.40 -7.62 1.90
C GLU A 27 -2.92 -6.29 1.30
N LEU A 28 -2.34 -5.80 0.23
CA LEU A 28 -2.83 -4.51 -0.37
C LEU A 28 -4.36 -4.58 -0.60
N LYS A 29 -4.83 -5.66 -1.18
CA LYS A 29 -6.30 -5.79 -1.42
C LYS A 29 -7.06 -6.04 -0.09
N ILE A 30 -6.47 -6.78 0.81
CA ILE A 30 -7.15 -7.05 2.13
C ILE A 30 -7.31 -5.73 2.89
N MET A 31 -6.31 -4.87 2.84
CA MET A 31 -6.41 -3.56 3.54
C MET A 31 -7.52 -2.73 2.88
N LEU A 32 -7.53 -2.69 1.56
CA LEU A 32 -8.59 -1.93 0.82
C LEU A 32 -9.95 -2.63 0.95
N GLN A 33 -9.97 -3.89 1.35
CA GLN A 33 -11.27 -4.61 1.51
C GLN A 33 -12.12 -3.91 2.59
N ALA A 34 -11.48 -3.36 3.59
CA ALA A 34 -12.23 -2.65 4.68
C ALA A 34 -12.98 -1.44 4.08
N THR A 35 -12.37 -0.76 3.15
CA THR A 35 -13.05 0.42 2.52
C THR A 35 -13.91 -0.04 1.33
N GLY A 36 -13.51 -1.10 0.64
CA GLY A 36 -14.31 -1.61 -0.51
C GLY A 36 -13.41 -1.81 -1.74
N GLU A 37 -12.78 -2.96 -1.86
CA GLU A 37 -11.90 -3.21 -3.04
C GLU A 37 -12.68 -3.96 -4.14
N THR A 38 -13.71 -3.33 -4.67
CA THR A 38 -14.52 -3.99 -5.74
C THR A 38 -13.87 -3.74 -7.11
N ILE A 39 -12.72 -4.34 -7.34
CA ILE A 39 -12.01 -4.14 -8.63
C ILE A 39 -11.46 -5.48 -9.15
N THR A 40 -10.72 -5.46 -10.24
CA THR A 40 -10.15 -6.74 -10.79
C THR A 40 -8.69 -6.91 -10.36
N GLU A 41 -8.12 -8.08 -10.57
CA GLU A 41 -6.70 -8.35 -10.15
C GLU A 41 -5.73 -7.26 -10.63
N ASP A 42 -5.90 -6.75 -11.83
CA ASP A 42 -4.98 -5.67 -12.33
C ASP A 42 -5.15 -4.40 -11.49
N ASP A 43 -6.37 -4.07 -11.11
CA ASP A 43 -6.61 -2.86 -10.28
C ASP A 43 -5.93 -3.04 -8.91
N ILE A 44 -5.90 -4.25 -8.40
CA ILE A 44 -5.20 -4.49 -7.09
C ILE A 44 -3.72 -4.14 -7.28
N GLU A 45 -3.14 -4.60 -8.36
CA GLU A 45 -1.71 -4.30 -8.64
C GLU A 45 -1.54 -2.84 -9.09
N GLU A 46 -2.61 -2.16 -9.47
CA GLU A 46 -2.48 -0.73 -9.90
C GLU A 46 -1.87 0.08 -8.76
N LEU A 47 -2.40 -0.04 -7.57
CA LEU A 47 -1.83 0.71 -6.40
C LEU A 47 -0.43 0.15 -6.09
N MET A 48 -0.16 -1.09 -6.45
CA MET A 48 1.18 -1.70 -6.20
C MET A 48 2.19 -1.20 -7.24
N LYS A 49 1.78 -1.03 -8.48
CA LYS A 49 2.74 -0.53 -9.52
C LYS A 49 3.19 0.88 -9.14
N ASP A 50 2.26 1.76 -8.88
CA ASP A 50 2.63 3.15 -8.47
C ASP A 50 3.31 3.10 -7.08
N GLY A 51 2.97 2.13 -6.28
CA GLY A 51 3.63 2.00 -4.94
C GLY A 51 5.04 1.45 -5.18
N ASP A 52 5.13 0.21 -5.56
CA ASP A 52 6.45 -0.41 -5.87
C ASP A 52 6.64 -0.47 -7.38
N LYS A 53 7.23 0.56 -7.96
CA LYS A 53 7.45 0.56 -9.44
C LYS A 53 8.44 -0.54 -9.85
N ASN A 54 9.15 -1.11 -8.91
CA ASN A 54 10.10 -2.22 -9.23
C ASN A 54 9.35 -3.55 -9.18
N ASN A 55 8.27 -3.61 -8.43
CA ASN A 55 7.49 -4.89 -8.30
C ASN A 55 8.41 -6.05 -7.91
N ASP A 56 9.14 -5.90 -6.84
CA ASP A 56 10.06 -6.99 -6.38
C ASP A 56 9.39 -7.89 -5.35
N GLY A 57 8.08 -7.83 -5.23
CA GLY A 57 7.37 -8.71 -4.25
C GLY A 57 6.77 -7.87 -3.11
N ARG A 58 7.36 -6.75 -2.76
CA ARG A 58 6.80 -5.93 -1.65
C ARG A 58 7.03 -4.42 -1.84
N ILE A 59 6.13 -3.63 -1.33
CA ILE A 59 6.26 -2.13 -1.42
C ILE A 59 7.13 -1.65 -0.25
N ASP A 60 8.06 -0.77 -0.51
CA ASP A 60 8.97 -0.28 0.59
C ASP A 60 8.50 1.07 1.14
N TYR A 61 9.14 1.54 2.20
CA TYR A 61 8.75 2.85 2.83
C TYR A 61 8.96 4.00 1.83
N ASP A 62 10.09 4.03 1.16
CA ASP A 62 10.36 5.11 0.17
C ASP A 62 9.25 5.11 -0.91
N GLU A 63 8.92 3.94 -1.41
CA GLU A 63 7.84 3.84 -2.44
C GLU A 63 6.51 4.33 -1.84
N PHE A 64 6.30 4.04 -0.57
CA PHE A 64 5.04 4.47 0.11
C PHE A 64 4.91 6.00 0.07
N LEU A 65 6.00 6.72 0.27
CA LEU A 65 5.93 8.21 0.24
C LEU A 65 5.57 8.69 -1.18
N GLU A 66 6.11 8.05 -2.18
CA GLU A 66 5.83 8.44 -3.60
C GLU A 66 4.37 8.11 -3.99
N PHE A 67 3.81 7.07 -3.41
CA PHE A 67 2.40 6.70 -3.77
C PHE A 67 1.39 7.42 -2.87
N MET A 68 1.61 7.43 -1.58
CA MET A 68 0.63 8.09 -0.64
C MET A 68 0.29 9.52 -1.08
N LYS A 69 1.24 10.24 -1.63
CA LYS A 69 0.96 11.65 -2.09
C LYS A 69 -0.18 11.66 -3.14
N GLY A 70 -0.39 10.57 -3.84
CA GLY A 70 -1.49 10.54 -4.86
C GLY A 70 -2.51 9.45 -4.51
N VAL A 71 -2.96 9.41 -3.27
CA VAL A 71 -3.96 8.37 -2.87
C VAL A 71 -5.32 9.03 -2.59
N GLU A 72 -6.23 8.96 -3.55
CA GLU A 72 -7.59 9.57 -3.38
C GLU A 72 -7.48 11.03 -2.90
N MET A 1 -4.99 10.71 8.89
CA MET A 1 -5.65 10.28 7.61
C MET A 1 -4.64 10.25 6.45
N GLY A 2 -3.59 11.03 6.51
CA GLY A 2 -2.58 11.05 5.40
C GLY A 2 -2.07 12.47 5.21
N LYS A 3 -0.97 12.81 5.84
CA LYS A 3 -0.42 14.19 5.70
C LYS A 3 1.11 14.18 5.88
N SER A 4 1.58 13.98 7.08
CA SER A 4 3.04 13.94 7.33
C SER A 4 3.43 12.63 8.04
N GLU A 5 4.67 12.50 8.41
CA GLU A 5 5.12 11.24 9.10
C GLU A 5 4.19 10.86 10.26
N GLU A 6 3.56 11.84 10.87
CA GLU A 6 2.63 11.55 12.01
C GLU A 6 1.56 10.52 11.57
N GLU A 7 0.94 10.75 10.44
CA GLU A 7 -0.09 9.79 9.95
C GLU A 7 0.53 8.76 9.00
N LEU A 8 1.59 9.12 8.30
CA LEU A 8 2.24 8.16 7.36
C LEU A 8 2.67 6.89 8.09
N SER A 9 3.29 7.02 9.24
CA SER A 9 3.72 5.82 10.02
C SER A 9 2.50 4.95 10.36
N ASP A 10 1.44 5.56 10.84
CA ASP A 10 0.21 4.78 11.19
C ASP A 10 -0.37 4.09 9.95
N LEU A 11 -0.53 4.83 8.87
CA LEU A 11 -1.09 4.25 7.62
C LEU A 11 -0.21 3.08 7.11
N PHE A 12 1.05 3.07 7.46
CA PHE A 12 1.97 1.97 7.00
C PHE A 12 2.05 0.84 8.04
N ARG A 13 2.50 1.14 9.24
CA ARG A 13 2.65 0.08 10.30
C ARG A 13 1.31 -0.62 10.59
N MET A 14 0.20 0.10 10.53
CA MET A 14 -1.11 -0.55 10.80
C MET A 14 -1.64 -1.30 9.57
N PHE A 15 -1.01 -1.16 8.43
CA PHE A 15 -1.49 -1.87 7.21
C PHE A 15 -0.73 -3.19 6.99
N ASP A 16 0.55 -3.25 7.29
CA ASP A 16 1.31 -4.54 7.09
C ASP A 16 0.66 -5.67 7.90
N LYS A 17 -0.23 -6.40 7.28
CA LYS A 17 -0.94 -7.51 7.99
C LYS A 17 -0.03 -8.75 8.12
N ASN A 18 1.00 -8.85 7.32
CA ASN A 18 1.90 -10.05 7.42
C ASN A 18 2.91 -9.88 8.59
N ALA A 19 3.13 -8.66 9.04
CA ALA A 19 4.07 -8.41 10.19
C ALA A 19 5.53 -8.71 9.81
N ASP A 20 6.22 -7.72 9.31
CA ASP A 20 7.67 -7.90 8.91
C ASP A 20 8.32 -6.56 8.52
N GLY A 21 7.54 -5.60 8.05
CA GLY A 21 8.13 -4.28 7.66
C GLY A 21 7.95 -4.03 6.16
N TYR A 22 7.91 -5.07 5.36
CA TYR A 22 7.74 -4.88 3.88
C TYR A 22 6.35 -5.35 3.45
N ILE A 23 5.58 -4.52 2.81
CA ILE A 23 4.21 -4.93 2.37
C ILE A 23 4.28 -5.78 1.10
N ASP A 24 3.46 -6.80 1.01
CA ASP A 24 3.45 -7.68 -0.20
C ASP A 24 2.11 -7.54 -0.95
N LEU A 25 2.07 -8.01 -2.17
CA LEU A 25 0.83 -7.90 -3.00
C LEU A 25 -0.39 -8.54 -2.31
N ASP A 26 -0.22 -9.63 -1.60
CA ASP A 26 -1.38 -10.28 -0.93
C ASP A 26 -1.97 -9.42 0.20
N GLU A 27 -1.20 -8.53 0.77
CA GLU A 27 -1.75 -7.68 1.88
C GLU A 27 -2.39 -6.39 1.34
N LEU A 28 -2.10 -6.00 0.12
CA LEU A 28 -2.71 -4.73 -0.44
C LEU A 28 -4.24 -4.84 -0.56
N LYS A 29 -4.74 -6.00 -0.91
CA LYS A 29 -6.23 -6.16 -1.07
C LYS A 29 -6.92 -6.64 0.22
N ILE A 30 -6.18 -7.02 1.24
CA ILE A 30 -6.84 -7.53 2.49
C ILE A 30 -7.46 -6.38 3.32
N MET A 31 -6.67 -5.47 3.83
CA MET A 31 -7.24 -4.35 4.67
C MET A 31 -8.02 -3.33 3.83
N LEU A 32 -7.70 -3.20 2.55
CA LEU A 32 -8.44 -2.22 1.69
C LEU A 32 -9.91 -2.65 1.50
N GLN A 33 -10.23 -3.89 1.82
CA GLN A 33 -11.65 -4.38 1.66
C GLN A 33 -12.63 -3.48 2.41
N ALA A 34 -12.32 -3.11 3.63
CA ALA A 34 -13.23 -2.23 4.42
C ALA A 34 -13.49 -0.91 3.69
N THR A 35 -12.50 -0.39 3.00
CA THR A 35 -12.69 0.89 2.25
C THR A 35 -13.50 0.63 0.98
N GLY A 36 -13.31 -0.51 0.35
CA GLY A 36 -14.07 -0.82 -0.89
C GLY A 36 -13.55 -2.14 -1.49
N GLU A 37 -12.40 -2.09 -2.15
CA GLU A 37 -11.80 -3.32 -2.77
C GLU A 37 -12.82 -4.02 -3.70
N THR A 38 -13.59 -3.26 -4.44
CA THR A 38 -14.59 -3.87 -5.38
C THR A 38 -13.99 -3.95 -6.79
N ILE A 39 -12.87 -4.59 -6.93
CA ILE A 39 -12.21 -4.70 -8.26
C ILE A 39 -11.74 -6.15 -8.51
N THR A 40 -11.05 -6.38 -9.61
CA THR A 40 -10.57 -7.78 -9.89
C THR A 40 -9.06 -7.89 -9.63
N GLU A 41 -8.35 -8.73 -10.36
CA GLU A 41 -6.89 -8.91 -10.10
C GLU A 41 -6.05 -7.82 -10.79
N ASP A 42 -6.37 -7.43 -12.00
CA ASP A 42 -5.56 -6.38 -12.68
C ASP A 42 -5.65 -5.04 -11.93
N ASP A 43 -6.78 -4.75 -11.32
CA ASP A 43 -6.91 -3.47 -10.55
C ASP A 43 -5.94 -3.44 -9.36
N ILE A 44 -5.68 -4.57 -8.76
CA ILE A 44 -4.73 -4.62 -7.59
C ILE A 44 -3.33 -4.18 -8.06
N GLU A 45 -2.90 -4.70 -9.18
CA GLU A 45 -1.55 -4.35 -9.72
C GLU A 45 -1.46 -2.86 -10.09
N GLU A 46 -2.57 -2.23 -10.41
CA GLU A 46 -2.52 -0.77 -10.76
C GLU A 46 -2.15 0.05 -9.53
N LEU A 47 -2.69 -0.27 -8.39
CA LEU A 47 -2.33 0.48 -7.14
C LEU A 47 -0.85 0.20 -6.81
N MET A 48 -0.35 -0.95 -7.19
CA MET A 48 1.07 -1.29 -6.92
C MET A 48 2.01 -0.54 -7.87
N LYS A 49 1.51 0.03 -8.94
CA LYS A 49 2.41 0.78 -9.89
C LYS A 49 3.10 1.93 -9.14
N ASP A 50 2.33 2.77 -8.49
CA ASP A 50 2.95 3.91 -7.73
C ASP A 50 3.60 3.38 -6.44
N GLY A 51 3.02 2.36 -5.84
CA GLY A 51 3.62 1.79 -4.59
C GLY A 51 4.95 1.14 -4.95
N ASP A 52 4.96 0.35 -6.01
CA ASP A 52 6.22 -0.32 -6.46
C ASP A 52 6.40 -0.09 -7.97
N LYS A 53 6.96 1.03 -8.35
CA LYS A 53 7.17 1.29 -9.80
C LYS A 53 8.07 0.20 -10.42
N ASN A 54 8.92 -0.40 -9.62
CA ASN A 54 9.80 -1.50 -10.13
C ASN A 54 8.97 -2.77 -10.36
N ASN A 55 7.87 -2.90 -9.67
CA ASN A 55 6.98 -4.09 -9.80
C ASN A 55 7.71 -5.38 -9.39
N ASP A 56 8.53 -5.32 -8.36
CA ASP A 56 9.25 -6.56 -7.91
C ASP A 56 8.36 -7.36 -6.94
N GLY A 57 7.38 -6.74 -6.33
CA GLY A 57 6.47 -7.47 -5.39
C GLY A 57 6.68 -7.03 -3.94
N ARG A 58 7.75 -6.32 -3.65
CA ARG A 58 7.99 -5.88 -2.24
C ARG A 58 7.83 -4.35 -2.12
N ILE A 59 7.04 -3.91 -1.16
CA ILE A 59 6.83 -2.44 -0.98
C ILE A 59 7.43 -2.00 0.37
N ASP A 60 8.22 -0.96 0.37
CA ASP A 60 8.84 -0.48 1.64
C ASP A 60 8.43 0.97 1.94
N TYR A 61 8.70 1.43 3.15
CA TYR A 61 8.35 2.84 3.53
C TYR A 61 8.99 3.85 2.58
N ASP A 62 10.20 3.58 2.14
CA ASP A 62 10.88 4.53 1.19
C ASP A 62 10.04 4.74 -0.06
N GLU A 63 9.52 3.68 -0.64
CA GLU A 63 8.69 3.82 -1.87
C GLU A 63 7.27 4.27 -1.51
N PHE A 64 6.86 4.05 -0.28
CA PHE A 64 5.48 4.46 0.14
C PHE A 64 5.31 5.98 0.10
N LEU A 65 6.37 6.72 0.39
CA LEU A 65 6.27 8.22 0.37
C LEU A 65 5.91 8.72 -1.03
N GLU A 66 6.48 8.13 -2.06
CA GLU A 66 6.16 8.56 -3.45
C GLU A 66 4.82 7.95 -3.90
N PHE A 67 4.34 6.95 -3.21
CA PHE A 67 3.04 6.31 -3.59
C PHE A 67 1.87 7.02 -2.89
N MET A 68 1.97 7.20 -1.60
CA MET A 68 0.85 7.88 -0.85
C MET A 68 0.60 9.28 -1.41
N LYS A 69 1.55 9.83 -2.13
CA LYS A 69 1.37 11.20 -2.73
C LYS A 69 0.03 11.31 -3.47
N GLY A 70 -0.45 10.25 -4.10
CA GLY A 70 -1.75 10.34 -4.81
C GLY A 70 -2.36 8.93 -4.97
N VAL A 71 -2.95 8.41 -3.92
CA VAL A 71 -3.57 7.05 -4.01
C VAL A 71 -5.10 7.19 -4.12
N GLU A 72 -5.59 7.50 -5.30
CA GLU A 72 -7.06 7.66 -5.49
C GLU A 72 -7.67 6.37 -6.07
N MET A 1 -6.52 9.12 3.58
CA MET A 1 -5.89 10.26 2.83
C MET A 1 -4.40 10.38 3.19
N GLY A 2 -3.54 10.29 2.21
CA GLY A 2 -2.07 10.39 2.48
C GLY A 2 -1.65 11.87 2.42
N LYS A 3 -0.85 12.31 3.35
CA LYS A 3 -0.41 13.73 3.37
C LYS A 3 1.09 13.82 3.70
N SER A 4 1.45 13.47 4.91
CA SER A 4 2.89 13.53 5.32
C SER A 4 3.24 12.30 6.16
N GLU A 5 4.40 12.26 6.76
CA GLU A 5 4.79 11.08 7.59
C GLU A 5 3.89 10.96 8.84
N GLU A 6 3.15 11.99 9.18
CA GLU A 6 2.25 11.91 10.38
C GLU A 6 1.29 10.72 10.25
N GLU A 7 0.62 10.62 9.12
CA GLU A 7 -0.32 9.47 8.89
C GLU A 7 0.40 8.35 8.13
N LEU A 8 1.36 8.72 7.30
CA LEU A 8 2.13 7.71 6.51
C LEU A 8 2.75 6.64 7.42
N SER A 9 3.49 7.05 8.42
CA SER A 9 4.14 6.06 9.35
C SER A 9 3.12 5.12 9.98
N ASP A 10 2.04 5.65 10.50
CA ASP A 10 1.00 4.78 11.14
C ASP A 10 0.31 3.89 10.09
N LEU A 11 0.05 4.43 8.92
CA LEU A 11 -0.63 3.63 7.84
C LEU A 11 0.15 2.34 7.55
N PHE A 12 1.46 2.44 7.39
CA PHE A 12 2.28 1.22 7.10
C PHE A 12 2.34 0.29 8.33
N ARG A 13 2.11 0.81 9.50
CA ARG A 13 2.19 -0.01 10.74
C ARG A 13 0.84 -0.68 11.08
N MET A 14 -0.26 -0.20 10.55
CA MET A 14 -1.59 -0.81 10.90
C MET A 14 -2.08 -1.85 9.87
N PHE A 15 -1.65 -1.78 8.63
CA PHE A 15 -2.17 -2.76 7.62
C PHE A 15 -1.19 -3.89 7.31
N ASP A 16 -0.01 -3.91 7.90
CA ASP A 16 0.96 -5.02 7.62
C ASP A 16 0.44 -6.34 8.23
N LYS A 17 -0.52 -6.95 7.58
CA LYS A 17 -1.10 -8.24 8.10
C LYS A 17 -0.06 -9.37 8.07
N ASN A 18 0.81 -9.36 7.11
CA ASN A 18 1.85 -10.44 7.01
C ASN A 18 2.85 -10.35 8.19
N ALA A 19 2.99 -9.18 8.79
CA ALA A 19 3.92 -9.01 9.97
C ALA A 19 5.39 -9.23 9.60
N ASP A 20 6.11 -8.17 9.29
CA ASP A 20 7.56 -8.30 8.94
C ASP A 20 8.19 -6.90 8.65
N GLY A 21 7.41 -5.95 8.19
CA GLY A 21 7.96 -4.58 7.91
C GLY A 21 7.87 -4.25 6.41
N TYR A 22 7.31 -5.13 5.60
CA TYR A 22 7.20 -4.84 4.13
C TYR A 22 5.83 -5.29 3.63
N ILE A 23 5.09 -4.40 3.01
CA ILE A 23 3.75 -4.79 2.49
C ILE A 23 3.88 -5.50 1.14
N ASP A 24 3.05 -6.47 0.89
CA ASP A 24 3.12 -7.22 -0.40
C ASP A 24 1.85 -6.96 -1.24
N LEU A 25 1.83 -7.45 -2.45
CA LEU A 25 0.64 -7.25 -3.34
C LEU A 25 -0.64 -7.73 -2.65
N ASP A 26 -0.58 -8.83 -1.93
CA ASP A 26 -1.79 -9.35 -1.24
C ASP A 26 -2.14 -8.49 -0.01
N GLU A 27 -1.17 -8.19 0.82
CA GLU A 27 -1.47 -7.36 2.05
C GLU A 27 -2.21 -6.06 1.67
N LEU A 28 -1.83 -5.42 0.59
CA LEU A 28 -2.54 -4.17 0.18
C LEU A 28 -4.04 -4.47 -0.01
N LYS A 29 -4.34 -5.63 -0.54
CA LYS A 29 -5.75 -6.04 -0.77
C LYS A 29 -6.43 -6.45 0.56
N ILE A 30 -5.67 -7.03 1.47
CA ILE A 30 -6.28 -7.44 2.78
C ILE A 30 -6.96 -6.26 3.46
N MET A 31 -6.23 -5.18 3.64
CA MET A 31 -6.83 -3.96 4.29
C MET A 31 -7.87 -3.30 3.36
N LEU A 32 -7.73 -3.47 2.06
CA LEU A 32 -8.71 -2.85 1.11
C LEU A 32 -10.09 -3.49 1.27
N GLN A 33 -10.16 -4.74 1.69
CA GLN A 33 -11.49 -5.41 1.86
C GLN A 33 -12.37 -4.64 2.86
N ALA A 34 -11.78 -4.00 3.84
CA ALA A 34 -12.59 -3.23 4.84
C ALA A 34 -13.15 -1.94 4.23
N THR A 35 -12.48 -1.38 3.23
CA THR A 35 -12.99 -0.12 2.60
C THR A 35 -13.68 -0.42 1.26
N GLY A 36 -13.54 -1.62 0.73
CA GLY A 36 -14.19 -1.94 -0.58
C GLY A 36 -13.64 -3.25 -1.14
N GLU A 37 -12.60 -3.16 -1.94
CA GLU A 37 -11.98 -4.39 -2.54
C GLU A 37 -13.04 -5.21 -3.30
N THR A 38 -13.60 -4.65 -4.34
CA THR A 38 -14.63 -5.38 -5.14
C THR A 38 -14.37 -5.22 -6.64
N ILE A 39 -13.15 -5.48 -7.07
CA ILE A 39 -12.82 -5.35 -8.53
C ILE A 39 -11.81 -6.44 -8.96
N THR A 40 -11.44 -6.45 -10.22
CA THR A 40 -10.46 -7.47 -10.71
C THR A 40 -9.06 -7.21 -10.13
N GLU A 41 -8.17 -8.17 -10.21
CA GLU A 41 -6.80 -7.99 -9.66
C GLU A 41 -6.11 -6.76 -10.28
N ASP A 42 -6.47 -6.36 -11.48
CA ASP A 42 -5.84 -5.16 -12.12
C ASP A 42 -6.00 -3.93 -11.22
N ASP A 43 -7.16 -3.76 -10.63
CA ASP A 43 -7.39 -2.58 -9.73
C ASP A 43 -6.39 -2.61 -8.56
N ILE A 44 -6.02 -3.79 -8.10
CA ILE A 44 -5.04 -3.88 -6.98
C ILE A 44 -3.67 -3.39 -7.46
N GLU A 45 -3.32 -3.73 -8.66
CA GLU A 45 -2.00 -3.29 -9.23
C GLU A 45 -2.00 -1.78 -9.50
N GLU A 46 -3.14 -1.16 -9.62
CA GLU A 46 -3.17 0.32 -9.87
C GLU A 46 -2.40 1.06 -8.77
N LEU A 47 -2.66 0.73 -7.53
CA LEU A 47 -1.92 1.38 -6.41
C LEU A 47 -0.53 0.74 -6.26
N MET A 48 -0.41 -0.53 -6.58
CA MET A 48 0.92 -1.22 -6.48
C MET A 48 1.90 -0.69 -7.53
N LYS A 49 1.42 -0.28 -8.68
CA LYS A 49 2.35 0.26 -9.73
C LYS A 49 3.10 1.49 -9.21
N ASP A 50 2.38 2.49 -8.75
CA ASP A 50 3.07 3.70 -8.20
C ASP A 50 3.63 3.39 -6.80
N GLY A 51 2.91 2.62 -6.02
CA GLY A 51 3.40 2.24 -4.65
C GLY A 51 4.69 1.44 -4.80
N ASP A 52 4.78 0.64 -5.84
CA ASP A 52 6.01 -0.18 -6.07
C ASP A 52 6.38 -0.14 -7.56
N LYS A 53 6.91 0.97 -8.01
CA LYS A 53 7.33 1.06 -9.45
C LYS A 53 8.49 0.07 -9.71
N ASN A 54 9.10 -0.43 -8.66
CA ASN A 54 10.21 -1.43 -8.80
C ASN A 54 9.64 -2.81 -9.18
N ASN A 55 8.32 -2.96 -9.14
CA ASN A 55 7.64 -4.26 -9.49
C ASN A 55 8.44 -5.49 -9.06
N ASP A 56 8.90 -5.51 -7.83
CA ASP A 56 9.67 -6.69 -7.34
C ASP A 56 8.77 -7.62 -6.51
N GLY A 57 7.60 -7.13 -6.10
CA GLY A 57 6.66 -7.98 -5.30
C GLY A 57 6.54 -7.48 -3.86
N ARG A 58 7.57 -6.86 -3.33
CA ARG A 58 7.49 -6.34 -1.93
C ARG A 58 7.62 -4.82 -1.90
N ILE A 59 6.71 -4.15 -1.24
CA ILE A 59 6.77 -2.66 -1.16
C ILE A 59 7.68 -2.24 0.00
N ASP A 60 8.49 -1.23 -0.20
CA ASP A 60 9.43 -0.77 0.88
C ASP A 60 9.00 0.61 1.42
N TYR A 61 9.39 0.92 2.63
CA TYR A 61 9.01 2.23 3.26
C TYR A 61 9.36 3.41 2.34
N ASP A 62 10.50 3.38 1.71
CA ASP A 62 10.90 4.50 0.80
C ASP A 62 9.86 4.67 -0.33
N GLU A 63 9.55 3.61 -1.04
CA GLU A 63 8.53 3.69 -2.12
C GLU A 63 7.15 4.05 -1.54
N PHE A 64 6.88 3.64 -0.32
CA PHE A 64 5.56 3.95 0.33
C PHE A 64 5.38 5.48 0.46
N LEU A 65 6.43 6.19 0.80
CA LEU A 65 6.32 7.68 0.95
C LEU A 65 6.04 8.34 -0.42
N GLU A 66 6.62 7.82 -1.47
CA GLU A 66 6.42 8.41 -2.83
C GLU A 66 4.96 8.21 -3.30
N PHE A 67 4.39 7.05 -3.05
CA PHE A 67 2.98 6.80 -3.51
C PHE A 67 1.97 7.69 -2.76
N MET A 68 2.11 7.82 -1.46
CA MET A 68 1.14 8.67 -0.68
C MET A 68 1.21 10.16 -1.06
N LYS A 69 2.13 10.56 -1.92
CA LYS A 69 2.21 12.01 -2.32
C LYS A 69 0.85 12.52 -2.80
N GLY A 70 0.06 11.67 -3.43
CA GLY A 70 -1.28 12.10 -3.92
C GLY A 70 -2.29 10.96 -3.75
N VAL A 71 -2.54 10.57 -2.53
CA VAL A 71 -3.51 9.45 -2.29
C VAL A 71 -4.60 9.92 -1.31
N GLU A 72 -5.83 9.58 -1.58
CA GLU A 72 -6.93 9.99 -0.65
C GLU A 72 -7.44 8.78 0.16
N MET A 1 -5.57 10.59 8.61
CA MET A 1 -6.21 9.85 7.48
C MET A 1 -5.14 9.14 6.63
N GLY A 2 -4.23 9.88 6.06
CA GLY A 2 -3.17 9.26 5.22
C GLY A 2 -2.57 10.32 4.29
N LYS A 3 -1.78 11.22 4.83
CA LYS A 3 -1.17 12.29 3.99
C LYS A 3 0.32 12.42 4.28
N SER A 4 0.66 12.92 5.45
CA SER A 4 2.11 13.06 5.82
C SER A 4 2.52 11.86 6.67
N GLU A 5 3.78 11.75 6.99
CA GLU A 5 4.26 10.60 7.82
C GLU A 5 3.36 10.44 9.07
N GLU A 6 2.78 11.52 9.54
CA GLU A 6 1.87 11.45 10.73
C GLU A 6 0.86 10.32 10.55
N GLU A 7 0.18 10.30 9.43
CA GLU A 7 -0.83 9.23 9.17
C GLU A 7 -0.21 8.09 8.32
N LEU A 8 0.74 8.42 7.48
CA LEU A 8 1.38 7.36 6.62
C LEU A 8 2.12 6.31 7.47
N SER A 9 2.92 6.75 8.41
CA SER A 9 3.68 5.78 9.28
C SER A 9 2.73 4.73 9.85
N ASP A 10 1.58 5.14 10.34
CA ASP A 10 0.61 4.17 10.92
C ASP A 10 -0.10 3.39 9.80
N LEU A 11 -0.50 4.07 8.74
CA LEU A 11 -1.20 3.36 7.61
C LEU A 11 -0.35 2.18 7.11
N PHE A 12 0.91 2.41 6.84
CA PHE A 12 1.80 1.30 6.36
C PHE A 12 2.09 0.32 7.50
N ARG A 13 2.39 0.82 8.68
CA ARG A 13 2.70 -0.06 9.85
C ARG A 13 1.51 -0.97 10.21
N MET A 14 0.30 -0.50 10.08
CA MET A 14 -0.88 -1.34 10.45
C MET A 14 -1.42 -2.12 9.24
N PHE A 15 -1.00 -1.79 8.04
CA PHE A 15 -1.53 -2.53 6.84
C PHE A 15 -0.71 -3.79 6.51
N ASP A 16 0.43 -3.99 7.13
CA ASP A 16 1.23 -5.22 6.83
C ASP A 16 0.65 -6.42 7.58
N LYS A 17 -0.34 -7.06 7.00
CA LYS A 17 -0.97 -8.26 7.67
C LYS A 17 0.03 -9.42 7.72
N ASN A 18 1.01 -9.43 6.83
CA ASN A 18 2.02 -10.54 6.82
C ASN A 18 3.02 -10.36 7.99
N ALA A 19 3.16 -9.15 8.49
CA ALA A 19 4.08 -8.87 9.65
C ALA A 19 5.56 -9.13 9.31
N ASP A 20 6.18 -8.28 8.51
CA ASP A 20 7.63 -8.47 8.19
C ASP A 20 8.34 -7.13 7.84
N GLY A 21 7.63 -6.02 7.82
CA GLY A 21 8.30 -4.72 7.51
C GLY A 21 7.95 -4.22 6.10
N TYR A 22 7.75 -5.12 5.16
CA TYR A 22 7.43 -4.67 3.76
C TYR A 22 6.10 -5.26 3.31
N ILE A 23 5.16 -4.42 2.90
CA ILE A 23 3.83 -4.95 2.45
C ILE A 23 3.94 -5.59 1.06
N ASP A 24 3.24 -6.67 0.84
CA ASP A 24 3.30 -7.37 -0.48
C ASP A 24 1.97 -7.22 -1.25
N LEU A 25 1.93 -7.68 -2.47
CA LEU A 25 0.70 -7.58 -3.32
C LEU A 25 -0.54 -8.14 -2.60
N ASP A 26 -0.42 -9.27 -1.95
CA ASP A 26 -1.60 -9.88 -1.25
C ASP A 26 -2.14 -8.97 -0.14
N GLU A 27 -1.29 -8.52 0.75
CA GLU A 27 -1.78 -7.65 1.87
C GLU A 27 -2.36 -6.34 1.32
N LEU A 28 -1.87 -5.88 0.19
CA LEU A 28 -2.40 -4.62 -0.41
C LEU A 28 -3.91 -4.76 -0.69
N LYS A 29 -4.32 -5.87 -1.25
CA LYS A 29 -5.78 -6.08 -1.55
C LYS A 29 -6.60 -5.97 -0.25
N ILE A 30 -6.09 -6.48 0.84
CA ILE A 30 -6.83 -6.40 2.15
C ILE A 30 -6.89 -4.95 2.68
N MET A 31 -6.08 -4.05 2.13
CA MET A 31 -6.13 -2.63 2.62
C MET A 31 -7.49 -2.00 2.28
N LEU A 32 -8.05 -2.32 1.13
CA LEU A 32 -9.36 -1.74 0.72
C LEU A 32 -10.53 -2.30 1.56
N GLN A 33 -10.30 -3.29 2.38
CA GLN A 33 -11.42 -3.87 3.20
C GLN A 33 -12.19 -2.76 3.94
N ALA A 34 -11.52 -1.72 4.37
CA ALA A 34 -12.23 -0.61 5.08
C ALA A 34 -12.77 0.43 4.10
N THR A 35 -12.07 0.69 3.02
CA THR A 35 -12.56 1.71 2.03
C THR A 35 -13.60 1.08 1.07
N GLY A 36 -13.42 -0.17 0.72
CA GLY A 36 -14.38 -0.84 -0.21
C GLY A 36 -13.66 -1.93 -1.00
N GLU A 37 -13.53 -3.11 -0.43
CA GLU A 37 -12.83 -4.23 -1.12
C GLU A 37 -13.83 -5.02 -1.99
N THR A 38 -13.98 -4.63 -3.24
CA THR A 38 -14.93 -5.34 -4.15
C THR A 38 -14.49 -5.11 -5.61
N ILE A 39 -13.26 -5.39 -5.92
CA ILE A 39 -12.75 -5.17 -7.31
C ILE A 39 -11.91 -6.37 -7.80
N THR A 40 -11.50 -6.35 -9.05
CA THR A 40 -10.69 -7.49 -9.61
C THR A 40 -9.24 -7.40 -9.12
N GLU A 41 -8.44 -8.40 -9.41
CA GLU A 41 -7.01 -8.40 -8.96
C GLU A 41 -6.20 -7.34 -9.73
N ASP A 42 -6.41 -7.22 -11.02
CA ASP A 42 -5.65 -6.21 -11.82
C ASP A 42 -5.83 -4.80 -11.23
N ASP A 43 -7.01 -4.48 -10.73
CA ASP A 43 -7.22 -3.13 -10.14
C ASP A 43 -6.33 -2.95 -8.89
N ILE A 44 -6.09 -4.01 -8.16
CA ILE A 44 -5.21 -3.91 -6.96
C ILE A 44 -3.78 -3.53 -7.41
N GLU A 45 -3.35 -4.07 -8.52
CA GLU A 45 -1.99 -3.74 -9.05
C GLU A 45 -1.93 -2.28 -9.54
N GLU A 46 -3.05 -1.69 -9.87
CA GLU A 46 -3.04 -0.26 -10.34
C GLU A 46 -2.40 0.63 -9.27
N LEU A 47 -2.67 0.38 -8.02
CA LEU A 47 -2.06 1.19 -6.92
C LEU A 47 -0.68 0.63 -6.57
N MET A 48 -0.47 -0.65 -6.78
CA MET A 48 0.86 -1.28 -6.46
C MET A 48 1.99 -0.62 -7.26
N LYS A 49 1.80 -0.40 -8.54
CA LYS A 49 2.88 0.26 -9.36
C LYS A 49 3.26 1.62 -8.75
N ASP A 50 2.28 2.34 -8.22
CA ASP A 50 2.60 3.65 -7.59
C ASP A 50 3.39 3.42 -6.29
N GLY A 51 3.10 2.34 -5.60
CA GLY A 51 3.84 2.01 -4.34
C GLY A 51 5.22 1.47 -4.71
N ASP A 52 5.27 0.41 -5.48
CA ASP A 52 6.57 -0.18 -5.89
C ASP A 52 6.81 0.07 -7.39
N LYS A 53 7.49 1.13 -7.72
CA LYS A 53 7.77 1.41 -9.18
C LYS A 53 8.81 0.42 -9.70
N ASN A 54 9.63 -0.14 -8.83
CA ASN A 54 10.65 -1.13 -9.28
C ASN A 54 9.98 -2.48 -9.57
N ASN A 55 8.85 -2.75 -8.95
CA ASN A 55 8.13 -4.04 -9.16
C ASN A 55 9.01 -5.22 -8.73
N ASP A 56 9.80 -5.04 -7.70
CA ASP A 56 10.69 -6.15 -7.21
C ASP A 56 9.86 -7.20 -6.46
N GLY A 57 8.69 -6.85 -5.97
CA GLY A 57 7.84 -7.85 -5.24
C GLY A 57 7.74 -7.50 -3.76
N ARG A 58 8.02 -6.27 -3.38
CA ARG A 58 7.91 -5.88 -1.94
C ARG A 58 7.83 -4.36 -1.80
N ILE A 59 6.87 -3.88 -1.05
CA ILE A 59 6.73 -2.41 -0.87
C ILE A 59 7.54 -1.96 0.35
N ASP A 60 8.30 -0.91 0.21
CA ASP A 60 9.12 -0.41 1.34
C ASP A 60 8.48 0.85 1.95
N TYR A 61 8.98 1.29 3.08
CA TYR A 61 8.42 2.51 3.73
C TYR A 61 8.77 3.76 2.91
N ASP A 62 9.97 3.82 2.39
CA ASP A 62 10.38 5.02 1.58
C ASP A 62 9.53 5.15 0.33
N GLU A 63 9.21 4.05 -0.34
CA GLU A 63 8.37 4.13 -1.57
C GLU A 63 6.90 4.46 -1.20
N PHE A 64 6.49 4.15 0.00
CA PHE A 64 5.08 4.45 0.41
C PHE A 64 4.86 5.96 0.47
N LEU A 65 5.82 6.71 0.95
CA LEU A 65 5.66 8.19 1.03
C LEU A 65 5.55 8.77 -0.39
N GLU A 66 6.34 8.27 -1.31
CA GLU A 66 6.25 8.76 -2.73
C GLU A 66 4.93 8.29 -3.37
N PHE A 67 4.33 7.25 -2.83
CA PHE A 67 3.05 6.72 -3.40
C PHE A 67 1.86 7.51 -2.83
N MET A 68 1.83 7.74 -1.54
CA MET A 68 0.68 8.50 -0.94
C MET A 68 0.56 9.90 -1.55
N LYS A 69 1.64 10.48 -1.98
CA LYS A 69 1.58 11.85 -2.59
C LYS A 69 1.05 11.78 -4.05
N GLY A 70 0.82 10.59 -4.55
CA GLY A 70 0.32 10.44 -5.95
C GLY A 70 -1.06 9.77 -5.94
N VAL A 71 -1.22 8.71 -5.18
CA VAL A 71 -2.54 8.01 -5.11
C VAL A 71 -3.62 8.94 -4.54
N GLU A 72 -4.86 8.67 -4.85
CA GLU A 72 -5.97 9.52 -4.34
C GLU A 72 -7.03 8.64 -3.66
N MET A 1 -6.05 11.59 9.26
CA MET A 1 -5.91 10.45 8.30
C MET A 1 -5.12 10.90 7.05
N GLY A 2 -4.03 10.25 6.76
CA GLY A 2 -3.23 10.63 5.55
C GLY A 2 -2.69 12.05 5.71
N LYS A 3 -1.63 12.23 6.47
CA LYS A 3 -1.05 13.59 6.65
C LYS A 3 0.41 13.59 6.20
N SER A 4 1.27 14.31 6.87
CA SER A 4 2.72 14.31 6.47
C SER A 4 3.36 12.99 6.89
N GLU A 5 4.66 12.92 6.88
CA GLU A 5 5.35 11.64 7.27
C GLU A 5 5.10 11.30 8.75
N GLU A 6 4.50 12.19 9.52
CA GLU A 6 4.21 11.87 10.96
C GLU A 6 3.01 10.91 11.04
N GLU A 7 2.02 11.12 10.22
CA GLU A 7 0.84 10.21 10.21
C GLU A 7 1.05 9.12 9.15
N LEU A 8 1.77 9.43 8.09
CA LEU A 8 2.06 8.44 7.02
C LEU A 8 2.71 7.18 7.61
N SER A 9 3.60 7.35 8.56
CA SER A 9 4.30 6.19 9.18
C SER A 9 3.29 5.17 9.73
N ASP A 10 2.22 5.63 10.34
CA ASP A 10 1.20 4.67 10.89
C ASP A 10 0.44 3.98 9.76
N LEU A 11 0.11 4.69 8.69
CA LEU A 11 -0.60 4.05 7.54
C LEU A 11 0.25 2.89 6.98
N PHE A 12 1.55 2.95 7.19
CA PHE A 12 2.46 1.86 6.71
C PHE A 12 2.67 0.82 7.83
N ARG A 13 2.65 1.28 9.07
CA ARG A 13 2.88 0.37 10.24
C ARG A 13 1.76 -0.67 10.39
N MET A 14 0.57 -0.23 10.70
CA MET A 14 -0.57 -1.18 10.91
C MET A 14 -1.06 -1.84 9.62
N PHE A 15 -0.56 -1.43 8.47
CA PHE A 15 -1.05 -2.05 7.20
C PHE A 15 -0.23 -3.28 6.79
N ASP A 16 0.78 -3.66 7.54
CA ASP A 16 1.55 -4.89 7.19
C ASP A 16 0.96 -6.10 7.92
N LYS A 17 -0.06 -6.71 7.35
CA LYS A 17 -0.73 -7.88 8.01
C LYS A 17 0.22 -9.09 8.09
N ASN A 18 1.11 -9.23 7.15
CA ASN A 18 2.04 -10.42 7.17
C ASN A 18 3.11 -10.27 8.28
N ALA A 19 3.35 -9.06 8.75
CA ALA A 19 4.35 -8.83 9.85
C ALA A 19 5.79 -9.10 9.37
N ASP A 20 6.49 -8.06 8.99
CA ASP A 20 7.91 -8.22 8.52
C ASP A 20 8.55 -6.84 8.21
N GLY A 21 7.76 -5.83 7.90
CA GLY A 21 8.34 -4.48 7.59
C GLY A 21 8.03 -4.06 6.15
N TYR A 22 7.53 -4.96 5.32
CA TYR A 22 7.22 -4.59 3.90
C TYR A 22 5.90 -5.26 3.48
N ILE A 23 4.94 -4.50 3.03
CA ILE A 23 3.64 -5.11 2.61
C ILE A 23 3.80 -5.81 1.25
N ASP A 24 3.05 -6.87 1.03
CA ASP A 24 3.15 -7.60 -0.28
C ASP A 24 1.83 -7.48 -1.07
N LEU A 25 1.83 -7.92 -2.31
CA LEU A 25 0.60 -7.82 -3.17
C LEU A 25 -0.64 -8.45 -2.51
N ASP A 26 -0.47 -9.43 -1.66
CA ASP A 26 -1.66 -10.09 -1.03
C ASP A 26 -2.21 -9.26 0.15
N GLU A 27 -1.36 -8.55 0.86
CA GLU A 27 -1.87 -7.74 2.02
C GLU A 27 -2.50 -6.42 1.55
N LEU A 28 -2.11 -5.92 0.39
CA LEU A 28 -2.71 -4.63 -0.10
C LEU A 28 -4.22 -4.78 -0.32
N LYS A 29 -4.65 -5.83 -0.97
CA LYS A 29 -6.11 -6.04 -1.26
C LYS A 29 -6.94 -6.21 0.03
N ILE A 30 -6.38 -6.79 1.06
CA ILE A 30 -7.16 -7.00 2.33
C ILE A 30 -7.46 -5.65 3.01
N MET A 31 -6.67 -4.64 2.76
CA MET A 31 -6.92 -3.32 3.40
C MET A 31 -7.98 -2.53 2.64
N LEU A 32 -7.92 -2.52 1.32
CA LEU A 32 -8.95 -1.76 0.53
C LEU A 32 -10.32 -2.47 0.58
N GLN A 33 -10.39 -3.66 1.12
CA GLN A 33 -11.71 -4.37 1.21
C GLN A 33 -12.70 -3.54 2.02
N ALA A 34 -12.23 -2.82 3.01
CA ALA A 34 -13.14 -1.96 3.84
C ALA A 34 -13.82 -0.90 2.96
N THR A 35 -13.07 -0.28 2.07
CA THR A 35 -13.67 0.75 1.17
C THR A 35 -14.41 0.09 0.01
N GLY A 36 -13.97 -1.06 -0.42
CA GLY A 36 -14.66 -1.77 -1.54
C GLY A 36 -13.75 -2.88 -2.09
N GLU A 37 -12.82 -2.54 -2.94
CA GLU A 37 -11.88 -3.57 -3.51
C GLU A 37 -12.66 -4.72 -4.18
N THR A 38 -13.74 -4.42 -4.84
CA THR A 38 -14.53 -5.49 -5.53
C THR A 38 -14.10 -5.55 -7.00
N ILE A 39 -12.85 -5.88 -7.25
CA ILE A 39 -12.34 -5.94 -8.65
C ILE A 39 -11.40 -7.15 -8.84
N THR A 40 -10.71 -7.21 -9.96
CA THR A 40 -9.79 -8.37 -10.23
C THR A 40 -8.36 -8.07 -9.73
N GLU A 41 -7.43 -8.97 -9.97
CA GLU A 41 -6.02 -8.75 -9.51
C GLU A 41 -5.37 -7.56 -10.25
N ASP A 42 -5.65 -7.39 -11.52
CA ASP A 42 -5.06 -6.24 -12.28
C ASP A 42 -5.51 -4.92 -11.64
N ASP A 43 -6.68 -4.90 -11.06
CA ASP A 43 -7.19 -3.66 -10.41
C ASP A 43 -6.33 -3.37 -9.16
N ILE A 44 -5.89 -4.40 -8.48
CA ILE A 44 -5.02 -4.18 -7.27
C ILE A 44 -3.72 -3.52 -7.73
N GLU A 45 -3.24 -3.89 -8.90
CA GLU A 45 -1.97 -3.29 -9.44
C GLU A 45 -2.14 -1.78 -9.70
N GLU A 46 -3.36 -1.30 -9.87
CA GLU A 46 -3.55 0.16 -10.13
C GLU A 46 -2.81 0.96 -9.04
N LEU A 47 -2.96 0.57 -7.80
CA LEU A 47 -2.25 1.27 -6.70
C LEU A 47 -0.87 0.64 -6.49
N MET A 48 -0.79 -0.68 -6.54
CA MET A 48 0.53 -1.36 -6.35
C MET A 48 1.58 -0.87 -7.36
N LYS A 49 1.18 -0.49 -8.55
CA LYS A 49 2.17 -0.01 -9.56
C LYS A 49 2.93 1.22 -9.02
N ASP A 50 2.22 2.27 -8.71
CA ASP A 50 2.90 3.49 -8.16
C ASP A 50 3.50 3.17 -6.78
N GLY A 51 2.87 2.29 -6.03
CA GLY A 51 3.41 1.91 -4.69
C GLY A 51 4.74 1.17 -4.91
N ASP A 52 4.69 0.09 -5.65
CA ASP A 52 5.93 -0.69 -5.94
C ASP A 52 6.29 -0.53 -7.42
N LYS A 53 6.80 0.62 -7.80
CA LYS A 53 7.18 0.83 -9.24
C LYS A 53 8.29 -0.15 -9.64
N ASN A 54 9.05 -0.64 -8.69
CA ASN A 54 10.12 -1.64 -9.02
C ASN A 54 9.49 -3.00 -9.32
N ASN A 55 8.30 -3.25 -8.80
CA ASN A 55 7.60 -4.55 -9.02
C ASN A 55 8.44 -5.72 -8.47
N ASP A 56 9.02 -5.53 -7.31
CA ASP A 56 9.85 -6.62 -6.70
C ASP A 56 8.96 -7.58 -5.86
N GLY A 57 7.75 -7.19 -5.55
CA GLY A 57 6.87 -8.11 -4.76
C GLY A 57 6.59 -7.54 -3.36
N ARG A 58 7.44 -6.71 -2.83
CA ARG A 58 7.18 -6.16 -1.45
C ARG A 58 7.33 -4.62 -1.42
N ILE A 59 6.33 -3.96 -0.90
CA ILE A 59 6.38 -2.47 -0.81
C ILE A 59 7.18 -2.04 0.42
N ASP A 60 7.97 -1.01 0.30
CA ASP A 60 8.79 -0.55 1.47
C ASP A 60 8.42 0.89 1.86
N TYR A 61 9.09 1.41 2.87
CA TYR A 61 8.82 2.79 3.35
C TYR A 61 9.14 3.85 2.29
N ASP A 62 10.28 3.73 1.64
CA ASP A 62 10.69 4.73 0.60
C ASP A 62 9.60 4.86 -0.48
N GLU A 63 9.18 3.77 -1.07
CA GLU A 63 8.12 3.84 -2.13
C GLU A 63 6.77 4.26 -1.54
N PHE A 64 6.53 3.94 -0.28
CA PHE A 64 5.23 4.30 0.36
C PHE A 64 4.98 5.82 0.31
N LEU A 65 5.96 6.61 0.68
CA LEU A 65 5.76 8.10 0.66
C LEU A 65 5.57 8.60 -0.80
N GLU A 66 6.20 7.97 -1.76
CA GLU A 66 6.05 8.41 -3.19
C GLU A 66 4.69 7.97 -3.77
N PHE A 67 4.01 7.03 -3.14
CA PHE A 67 2.69 6.58 -3.68
C PHE A 67 1.54 7.43 -3.13
N MET A 68 1.66 7.92 -1.91
CA MET A 68 0.56 8.75 -1.31
C MET A 68 0.12 9.89 -2.25
N LYS A 69 0.99 10.33 -3.13
CA LYS A 69 0.62 11.44 -4.06
C LYS A 69 -0.60 11.08 -4.93
N GLY A 70 -0.82 9.81 -5.21
CA GLY A 70 -1.98 9.42 -6.06
C GLY A 70 -2.90 8.45 -5.30
N VAL A 71 -3.31 8.81 -4.11
CA VAL A 71 -4.23 7.92 -3.32
C VAL A 71 -4.91 8.70 -2.19
N GLU A 72 -4.20 9.58 -1.53
CA GLU A 72 -4.80 10.39 -0.42
C GLU A 72 -4.57 11.88 -0.66
N MET A 1 -5.93 10.04 6.88
CA MET A 1 -5.75 9.48 5.51
C MET A 1 -4.26 9.50 5.11
N GLY A 2 -3.94 9.11 3.91
CA GLY A 2 -2.51 9.11 3.48
C GLY A 2 -2.09 10.54 3.14
N LYS A 3 -1.55 11.25 4.09
CA LYS A 3 -1.14 12.67 3.83
C LYS A 3 0.34 12.87 4.17
N SER A 4 0.72 12.77 5.41
CA SER A 4 2.14 12.97 5.80
C SER A 4 2.56 11.94 6.86
N GLU A 5 3.79 11.99 7.29
CA GLU A 5 4.30 11.02 8.33
C GLU A 5 3.30 10.85 9.49
N GLU A 6 2.48 11.84 9.75
CA GLU A 6 1.47 11.72 10.87
C GLU A 6 0.62 10.46 10.68
N GLU A 7 -0.01 10.33 9.53
CA GLU A 7 -0.86 9.12 9.27
C GLU A 7 -0.07 8.06 8.49
N LEU A 8 0.82 8.46 7.62
CA LEU A 8 1.60 7.47 6.81
C LEU A 8 2.31 6.44 7.72
N SER A 9 2.93 6.90 8.80
CA SER A 9 3.63 5.94 9.71
C SER A 9 2.70 4.82 10.17
N ASP A 10 1.54 5.15 10.69
CA ASP A 10 0.59 4.09 11.13
C ASP A 10 -0.05 3.41 9.91
N LEU A 11 -0.34 4.15 8.87
CA LEU A 11 -0.95 3.54 7.65
C LEU A 11 -0.02 2.45 7.07
N PHE A 12 1.26 2.52 7.35
CA PHE A 12 2.21 1.48 6.84
C PHE A 12 2.41 0.37 7.88
N ARG A 13 2.83 0.73 9.07
CA ARG A 13 3.08 -0.28 10.15
C ARG A 13 1.77 -0.92 10.65
N MET A 14 0.77 -0.14 10.95
CA MET A 14 -0.51 -0.73 11.46
C MET A 14 -1.30 -1.45 10.35
N PHE A 15 -0.86 -1.37 9.11
CA PHE A 15 -1.59 -2.05 8.01
C PHE A 15 -0.94 -3.39 7.66
N ASP A 16 0.36 -3.48 7.75
CA ASP A 16 1.06 -4.77 7.40
C ASP A 16 0.54 -5.93 8.26
N LYS A 17 -0.48 -6.60 7.81
CA LYS A 17 -1.03 -7.75 8.58
C LYS A 17 -0.07 -8.93 8.54
N ASN A 18 0.83 -8.95 7.59
CA ASN A 18 1.81 -10.09 7.50
C ASN A 18 2.79 -10.04 8.70
N ALA A 19 2.95 -8.87 9.29
CA ALA A 19 3.84 -8.69 10.50
C ALA A 19 5.34 -8.78 10.16
N ASP A 20 5.76 -8.38 8.98
CA ASP A 20 7.23 -8.42 8.67
C ASP A 20 7.78 -7.00 8.43
N GLY A 21 6.93 -6.05 8.09
CA GLY A 21 7.43 -4.65 7.89
C GLY A 21 7.25 -4.18 6.43
N TYR A 22 7.32 -5.08 5.47
CA TYR A 22 7.18 -4.65 4.04
C TYR A 22 5.80 -5.03 3.50
N ILE A 23 5.07 -4.08 2.97
CA ILE A 23 3.71 -4.40 2.41
C ILE A 23 3.85 -5.13 1.06
N ASP A 24 3.08 -6.17 0.86
CA ASP A 24 3.15 -6.94 -0.42
C ASP A 24 1.95 -6.65 -1.32
N LEU A 25 1.95 -7.18 -2.51
CA LEU A 25 0.82 -6.96 -3.46
C LEU A 25 -0.52 -7.44 -2.88
N ASP A 26 -0.51 -8.54 -2.17
CA ASP A 26 -1.78 -9.07 -1.59
C ASP A 26 -2.21 -8.31 -0.34
N GLU A 27 -1.30 -8.00 0.54
CA GLU A 27 -1.68 -7.24 1.77
C GLU A 27 -2.28 -5.87 1.41
N LEU A 28 -1.84 -5.28 0.31
CA LEU A 28 -2.39 -3.95 -0.11
C LEU A 28 -3.92 -4.01 -0.24
N LYS A 29 -4.44 -4.97 -0.98
CA LYS A 29 -5.92 -5.08 -1.16
C LYS A 29 -6.59 -5.72 0.07
N ILE A 30 -5.89 -6.58 0.78
CA ILE A 30 -6.51 -7.24 1.98
C ILE A 30 -7.02 -6.19 2.98
N MET A 31 -6.26 -5.15 3.24
CA MET A 31 -6.72 -4.10 4.20
C MET A 31 -7.83 -3.26 3.59
N LEU A 32 -7.87 -3.14 2.28
CA LEU A 32 -8.96 -2.32 1.64
C LEU A 32 -10.29 -3.08 1.62
N GLN A 33 -10.30 -4.36 1.95
CA GLN A 33 -11.59 -5.13 1.93
C GLN A 33 -12.63 -4.47 2.86
N ALA A 34 -12.18 -3.89 3.96
CA ALA A 34 -13.15 -3.22 4.90
C ALA A 34 -13.61 -1.87 4.34
N THR A 35 -12.74 -1.14 3.66
CA THR A 35 -13.15 0.20 3.10
C THR A 35 -13.79 0.05 1.70
N GLY A 36 -13.45 -0.98 0.98
CA GLY A 36 -14.03 -1.17 -0.38
C GLY A 36 -13.01 -1.87 -1.29
N GLU A 37 -13.13 -3.17 -1.45
CA GLU A 37 -12.18 -3.92 -2.34
C GLU A 37 -12.94 -4.96 -3.17
N THR A 38 -13.77 -4.50 -4.09
CA THR A 38 -14.55 -5.44 -4.94
C THR A 38 -14.12 -5.31 -6.41
N ILE A 39 -12.83 -5.38 -6.65
CA ILE A 39 -12.32 -5.25 -8.06
C ILE A 39 -11.36 -6.40 -8.40
N THR A 40 -11.00 -6.54 -9.65
CA THR A 40 -10.06 -7.65 -10.04
C THR A 40 -8.63 -7.31 -9.61
N GLU A 41 -7.75 -8.29 -9.62
CA GLU A 41 -6.33 -8.04 -9.20
C GLU A 41 -5.69 -6.92 -10.04
N ASP A 42 -6.08 -6.77 -11.29
CA ASP A 42 -5.50 -5.69 -12.14
C ASP A 42 -5.79 -4.32 -11.51
N ASP A 43 -7.01 -4.10 -11.08
CA ASP A 43 -7.36 -2.81 -10.42
C ASP A 43 -6.49 -2.63 -9.16
N ILE A 44 -6.17 -3.72 -8.49
CA ILE A 44 -5.29 -3.65 -7.28
C ILE A 44 -3.87 -3.30 -7.71
N GLU A 45 -3.41 -3.92 -8.78
CA GLU A 45 -2.03 -3.63 -9.28
C GLU A 45 -1.90 -2.14 -9.62
N GLU A 46 -2.98 -1.50 -10.05
CA GLU A 46 -2.93 -0.04 -10.37
C GLU A 46 -2.34 0.72 -9.18
N LEU A 47 -2.79 0.42 -7.98
CA LEU A 47 -2.23 1.09 -6.77
C LEU A 47 -0.77 0.60 -6.56
N MET A 48 -0.49 -0.63 -6.90
CA MET A 48 0.90 -1.17 -6.73
C MET A 48 1.86 -0.64 -7.81
N LYS A 49 1.36 -0.11 -8.91
CA LYS A 49 2.28 0.41 -9.97
C LYS A 49 3.04 1.64 -9.44
N ASP A 50 2.35 2.62 -8.92
CA ASP A 50 3.05 3.82 -8.39
C ASP A 50 3.85 3.46 -7.13
N GLY A 51 3.36 2.54 -6.32
CA GLY A 51 4.12 2.14 -5.10
C GLY A 51 5.31 1.28 -5.52
N ASP A 52 5.04 0.17 -6.16
CA ASP A 52 6.14 -0.73 -6.62
C ASP A 52 6.38 -0.53 -8.12
N LYS A 53 6.90 0.61 -8.50
CA LYS A 53 7.17 0.86 -9.96
C LYS A 53 8.18 -0.17 -10.50
N ASN A 54 9.02 -0.71 -9.64
CA ASN A 54 10.02 -1.73 -10.09
C ASN A 54 9.32 -3.08 -10.31
N ASN A 55 8.16 -3.27 -9.68
CA ASN A 55 7.39 -4.54 -9.83
C ASN A 55 8.09 -5.72 -9.15
N ASP A 56 8.84 -5.47 -8.10
CA ASP A 56 9.53 -6.60 -7.39
C ASP A 56 8.55 -7.29 -6.43
N GLY A 57 7.48 -6.61 -6.05
CA GLY A 57 6.47 -7.25 -5.14
C GLY A 57 6.68 -6.85 -3.67
N ARG A 58 7.62 -5.98 -3.38
CA ARG A 58 7.85 -5.59 -1.96
C ARG A 58 7.77 -4.06 -1.79
N ILE A 59 7.01 -3.58 -0.84
CA ILE A 59 6.90 -2.11 -0.63
C ILE A 59 7.55 -1.72 0.71
N ASP A 60 8.48 -0.80 0.67
CA ASP A 60 9.18 -0.36 1.93
C ASP A 60 8.66 1.02 2.39
N TYR A 61 9.25 1.56 3.44
CA TYR A 61 8.84 2.90 3.95
C TYR A 61 9.26 4.01 2.97
N ASP A 62 10.44 3.94 2.41
CA ASP A 62 10.89 5.00 1.45
C ASP A 62 10.01 4.95 0.19
N GLU A 63 9.67 3.78 -0.28
CA GLU A 63 8.80 3.67 -1.49
C GLU A 63 7.38 4.13 -1.13
N PHE A 64 6.96 3.90 0.09
CA PHE A 64 5.60 4.31 0.54
C PHE A 64 5.41 5.83 0.30
N LEU A 65 6.39 6.63 0.62
CA LEU A 65 6.27 8.10 0.39
C LEU A 65 6.07 8.40 -1.09
N GLU A 66 6.72 7.66 -1.96
CA GLU A 66 6.56 7.89 -3.43
C GLU A 66 5.10 7.64 -3.85
N PHE A 67 4.48 6.61 -3.33
CA PHE A 67 3.04 6.34 -3.70
C PHE A 67 2.10 7.36 -3.06
N MET A 68 2.39 7.79 -1.85
CA MET A 68 1.48 8.79 -1.17
C MET A 68 1.30 10.04 -2.05
N LYS A 69 2.29 10.37 -2.85
CA LYS A 69 2.18 11.57 -3.74
C LYS A 69 1.01 11.44 -4.73
N GLY A 70 0.66 10.24 -5.12
CA GLY A 70 -0.46 10.06 -6.09
C GLY A 70 -1.63 9.30 -5.44
N VAL A 71 -1.99 9.65 -4.23
CA VAL A 71 -3.12 8.95 -3.54
C VAL A 71 -3.56 9.72 -2.29
N GLU A 72 -4.81 9.63 -1.93
CA GLU A 72 -5.33 10.34 -0.72
C GLU A 72 -6.26 9.43 0.09
N MET A 1 -5.77 10.87 1.20
CA MET A 1 -4.80 11.98 0.94
C MET A 1 -3.65 11.97 1.95
N GLY A 2 -3.88 11.50 3.16
CA GLY A 2 -2.80 11.47 4.19
C GLY A 2 -2.91 12.70 5.11
N LYS A 3 -2.44 12.59 6.32
CA LYS A 3 -2.51 13.75 7.26
C LYS A 3 -1.10 14.27 7.54
N SER A 4 -0.32 13.53 8.27
CA SER A 4 1.09 13.95 8.58
C SER A 4 1.98 12.71 8.60
N GLU A 5 3.22 12.84 9.02
CA GLU A 5 4.11 11.65 9.06
C GLU A 5 3.61 10.65 10.12
N GLU A 6 2.69 11.05 10.96
CA GLU A 6 2.13 10.12 12.00
C GLU A 6 1.23 9.11 11.29
N GLU A 7 0.26 9.60 10.54
CA GLU A 7 -0.65 8.68 9.80
C GLU A 7 0.13 8.01 8.65
N LEU A 8 1.05 8.73 8.05
CA LEU A 8 1.88 8.15 6.93
C LEU A 8 2.61 6.90 7.42
N SER A 9 3.29 7.00 8.54
CA SER A 9 4.03 5.82 9.09
C SER A 9 3.05 4.74 9.57
N ASP A 10 1.98 5.13 10.22
CA ASP A 10 0.99 4.13 10.72
C ASP A 10 0.41 3.31 9.55
N LEU A 11 0.23 3.93 8.40
CA LEU A 11 -0.32 3.17 7.23
C LEU A 11 0.57 1.97 6.88
N PHE A 12 1.80 1.94 7.33
CA PHE A 12 2.70 0.78 7.02
C PHE A 12 2.66 -0.27 8.14
N ARG A 13 2.99 0.11 9.34
CA ARG A 13 3.01 -0.87 10.48
C ARG A 13 1.60 -1.37 10.84
N MET A 14 0.57 -0.61 10.54
CA MET A 14 -0.81 -1.05 10.90
C MET A 14 -1.50 -1.74 9.71
N PHE A 15 -0.89 -1.74 8.54
CA PHE A 15 -1.53 -2.38 7.35
C PHE A 15 -0.95 -3.76 7.04
N ASP A 16 0.27 -4.04 7.47
CA ASP A 16 0.88 -5.38 7.16
C ASP A 16 0.14 -6.50 7.90
N LYS A 17 -0.89 -7.03 7.29
CA LYS A 17 -1.66 -8.15 7.92
C LYS A 17 -0.89 -9.47 7.75
N ASN A 18 0.07 -9.50 6.85
CA ASN A 18 0.86 -10.76 6.63
C ASN A 18 1.88 -10.96 7.77
N ALA A 19 2.25 -9.89 8.45
CA ALA A 19 3.24 -9.99 9.59
C ALA A 19 4.65 -10.40 9.12
N ASP A 20 5.51 -9.43 8.91
CA ASP A 20 6.92 -9.71 8.46
C ASP A 20 7.74 -8.41 8.40
N GLY A 21 7.12 -7.30 8.07
CA GLY A 21 7.86 -6.01 8.00
C GLY A 21 7.87 -5.46 6.56
N TYR A 22 7.49 -6.26 5.60
CA TYR A 22 7.47 -5.79 4.18
C TYR A 22 6.07 -5.98 3.58
N ILE A 23 5.49 -4.94 3.07
CA ILE A 23 4.11 -5.06 2.49
C ILE A 23 4.16 -5.79 1.13
N ASP A 24 3.36 -6.81 0.96
CA ASP A 24 3.34 -7.57 -0.33
C ASP A 24 2.00 -7.41 -1.06
N LEU A 25 1.98 -7.66 -2.34
CA LEU A 25 0.73 -7.50 -3.18
C LEU A 25 -0.53 -8.08 -2.53
N ASP A 26 -0.42 -9.16 -1.79
CA ASP A 26 -1.65 -9.78 -1.18
C ASP A 26 -2.31 -8.87 -0.12
N GLU A 27 -1.56 -8.05 0.58
CA GLU A 27 -2.20 -7.18 1.62
C GLU A 27 -2.77 -5.89 1.02
N LEU A 28 -2.39 -5.54 -0.20
CA LEU A 28 -2.92 -4.26 -0.81
C LEU A 28 -4.46 -4.32 -0.88
N LYS A 29 -4.99 -5.40 -1.38
CA LYS A 29 -6.49 -5.52 -1.50
C LYS A 29 -7.12 -5.91 -0.15
N ILE A 30 -6.40 -6.59 0.70
CA ILE A 30 -6.98 -6.99 2.03
C ILE A 30 -7.07 -5.77 2.96
N MET A 31 -6.14 -4.86 2.89
CA MET A 31 -6.19 -3.64 3.76
C MET A 31 -7.27 -2.67 3.27
N LEU A 32 -7.48 -2.61 1.97
CA LEU A 32 -8.53 -1.69 1.41
C LEU A 32 -9.94 -2.24 1.68
N GLN A 33 -10.06 -3.50 2.03
CA GLN A 33 -11.41 -4.09 2.30
C GLN A 33 -12.13 -3.31 3.42
N ALA A 34 -11.39 -2.77 4.35
CA ALA A 34 -12.03 -2.00 5.47
C ALA A 34 -12.75 -0.75 4.92
N THR A 35 -12.18 -0.10 3.94
CA THR A 35 -12.83 1.12 3.37
C THR A 35 -13.81 0.75 2.24
N GLY A 36 -13.51 -0.26 1.47
CA GLY A 36 -14.43 -0.66 0.36
C GLY A 36 -13.63 -1.32 -0.76
N GLU A 37 -13.16 -2.53 -0.56
CA GLU A 37 -12.39 -3.24 -1.62
C GLU A 37 -13.28 -4.28 -2.30
N THR A 38 -13.94 -3.90 -3.35
CA THR A 38 -14.82 -4.85 -4.09
C THR A 38 -14.43 -4.84 -5.58
N ILE A 39 -13.17 -5.08 -5.86
CA ILE A 39 -12.69 -5.07 -7.27
C ILE A 39 -11.71 -6.24 -7.51
N THR A 40 -11.52 -6.64 -8.73
CA THR A 40 -10.59 -7.78 -9.02
C THR A 40 -9.14 -7.38 -8.69
N GLU A 41 -8.29 -8.37 -8.52
CA GLU A 41 -6.85 -8.08 -8.20
C GLU A 41 -6.18 -7.28 -9.32
N ASP A 42 -6.50 -7.58 -10.56
CA ASP A 42 -5.89 -6.84 -11.70
C ASP A 42 -6.05 -5.31 -11.50
N ASP A 43 -7.11 -4.91 -10.86
CA ASP A 43 -7.32 -3.45 -10.60
C ASP A 43 -6.42 -2.99 -9.44
N ILE A 44 -6.22 -3.84 -8.45
CA ILE A 44 -5.34 -3.48 -7.30
C ILE A 44 -3.92 -3.19 -7.81
N GLU A 45 -3.53 -3.83 -8.89
CA GLU A 45 -2.17 -3.61 -9.46
C GLU A 45 -1.93 -2.13 -9.78
N GLU A 46 -2.96 -1.37 -10.06
CA GLU A 46 -2.77 0.08 -10.36
C GLU A 46 -2.00 0.74 -9.22
N LEU A 47 -2.36 0.44 -7.99
CA LEU A 47 -1.62 1.01 -6.83
C LEU A 47 -0.20 0.42 -6.79
N MET A 48 -0.06 -0.86 -7.13
CA MET A 48 1.29 -1.51 -7.11
C MET A 48 2.20 -0.93 -8.20
N LYS A 49 1.69 -0.61 -9.36
CA LYS A 49 2.57 -0.06 -10.44
C LYS A 49 3.32 1.18 -9.94
N ASP A 50 2.63 2.13 -9.36
CA ASP A 50 3.33 3.34 -8.85
C ASP A 50 3.95 3.06 -7.47
N GLY A 51 3.33 2.22 -6.66
CA GLY A 51 3.90 1.90 -5.32
C GLY A 51 5.25 1.19 -5.51
N ASP A 52 5.32 0.28 -6.44
CA ASP A 52 6.60 -0.45 -6.70
C ASP A 52 7.02 -0.28 -8.16
N LYS A 53 7.28 0.94 -8.58
CA LYS A 53 7.70 1.17 -10.01
C LYS A 53 9.02 0.44 -10.30
N ASN A 54 9.86 0.27 -9.31
CA ASN A 54 11.15 -0.46 -9.54
C ASN A 54 10.87 -1.99 -9.60
N ASN A 55 9.79 -2.42 -8.98
CA ASN A 55 9.42 -3.87 -8.98
C ASN A 55 10.48 -4.74 -8.28
N ASP A 56 10.54 -4.64 -6.97
CA ASP A 56 11.53 -5.47 -6.20
C ASP A 56 10.82 -6.64 -5.50
N GLY A 57 9.50 -6.66 -5.51
CA GLY A 57 8.75 -7.77 -4.85
C GLY A 57 8.00 -7.28 -3.61
N ARG A 58 8.46 -6.24 -2.95
CA ARG A 58 7.76 -5.77 -1.71
C ARG A 58 7.64 -4.23 -1.68
N ILE A 59 6.57 -3.72 -1.12
CA ILE A 59 6.41 -2.25 -1.03
C ILE A 59 7.09 -1.74 0.25
N ASP A 60 8.21 -1.09 0.12
CA ASP A 60 8.93 -0.58 1.33
C ASP A 60 8.52 0.87 1.66
N TYR A 61 8.96 1.36 2.78
CA TYR A 61 8.61 2.76 3.21
C TYR A 61 9.18 3.81 2.25
N ASP A 62 10.39 3.62 1.77
CA ASP A 62 11.00 4.61 0.84
C ASP A 62 10.13 4.88 -0.39
N GLU A 63 9.50 3.86 -0.94
CA GLU A 63 8.64 4.07 -2.14
C GLU A 63 7.21 4.50 -1.74
N PHE A 64 6.82 4.27 -0.51
CA PHE A 64 5.45 4.68 -0.07
C PHE A 64 5.27 6.20 -0.20
N LEU A 65 6.29 6.96 0.12
CA LEU A 65 6.19 8.46 0.01
C LEU A 65 5.94 8.85 -1.46
N GLU A 66 6.56 8.15 -2.38
CA GLU A 66 6.36 8.46 -3.83
C GLU A 66 4.91 8.23 -4.26
N PHE A 67 4.30 7.16 -3.78
CA PHE A 67 2.89 6.86 -4.17
C PHE A 67 1.89 7.70 -3.36
N MET A 68 2.17 7.97 -2.11
CA MET A 68 1.21 8.76 -1.26
C MET A 68 0.87 10.12 -1.89
N LYS A 69 1.64 10.60 -2.83
CA LYS A 69 1.34 11.92 -3.47
C LYS A 69 0.05 11.84 -4.32
N GLY A 70 -0.28 10.70 -4.86
CA GLY A 70 -1.52 10.58 -5.69
C GLY A 70 -2.38 9.41 -5.20
N VAL A 71 -3.06 9.58 -4.10
CA VAL A 71 -3.93 8.46 -3.57
C VAL A 71 -5.34 9.00 -3.28
N GLU A 72 -6.35 8.20 -3.54
CA GLU A 72 -7.75 8.65 -3.28
C GLU A 72 -8.42 7.73 -2.26
N MET A 1 -7.10 10.47 8.91
CA MET A 1 -7.15 11.72 8.10
C MET A 1 -6.11 11.67 6.98
N GLY A 2 -4.85 11.62 7.32
CA GLY A 2 -3.78 11.57 6.27
C GLY A 2 -3.04 12.90 6.23
N LYS A 3 -1.92 13.00 6.91
CA LYS A 3 -1.14 14.28 6.93
C LYS A 3 0.34 14.00 6.63
N SER A 4 1.11 13.71 7.64
CA SER A 4 2.56 13.41 7.44
C SER A 4 2.87 12.01 7.97
N GLU A 5 4.12 11.64 8.02
CA GLU A 5 4.49 10.27 8.52
C GLU A 5 3.99 10.05 9.96
N GLU A 6 3.60 11.08 10.66
CA GLU A 6 3.06 10.89 12.05
C GLU A 6 1.89 9.88 12.00
N GLU A 7 0.97 10.11 11.09
CA GLU A 7 -0.19 9.18 10.94
C GLU A 7 0.12 8.19 9.82
N LEU A 8 0.87 8.61 8.82
CA LEU A 8 1.23 7.71 7.68
C LEU A 8 1.96 6.46 8.20
N SER A 9 2.79 6.61 9.21
CA SER A 9 3.52 5.44 9.78
C SER A 9 2.54 4.32 10.16
N ASP A 10 1.51 4.65 10.89
CA ASP A 10 0.49 3.62 11.28
C ASP A 10 -0.13 2.98 10.03
N LEU A 11 -0.41 3.79 9.03
CA LEU A 11 -1.01 3.27 7.76
C LEU A 11 -0.17 2.11 7.18
N PHE A 12 1.13 2.13 7.40
CA PHE A 12 2.00 1.04 6.85
C PHE A 12 1.98 -0.20 7.76
N ARG A 13 2.40 -0.06 8.99
CA ARG A 13 2.45 -1.24 9.93
C ARG A 13 1.04 -1.79 10.25
N MET A 14 0.03 -0.95 10.27
CA MET A 14 -1.34 -1.46 10.58
C MET A 14 -1.90 -2.26 9.38
N PHE A 15 -1.71 -1.77 8.18
CA PHE A 15 -2.24 -2.50 6.99
C PHE A 15 -1.33 -3.70 6.63
N ASP A 16 -0.11 -3.74 7.14
CA ASP A 16 0.80 -4.89 6.82
C ASP A 16 0.28 -6.17 7.51
N LYS A 17 -0.54 -6.91 6.82
CA LYS A 17 -1.11 -8.17 7.42
C LYS A 17 -0.02 -9.23 7.60
N ASN A 18 0.94 -9.28 6.72
CA ASN A 18 2.03 -10.30 6.85
C ASN A 18 2.97 -9.94 8.02
N ALA A 19 3.00 -8.68 8.40
CA ALA A 19 3.84 -8.21 9.55
C ALA A 19 5.35 -8.47 9.35
N ASP A 20 5.98 -7.76 8.45
CA ASP A 20 7.46 -7.94 8.25
C ASP A 20 8.15 -6.59 7.89
N GLY A 21 7.43 -5.49 7.93
CA GLY A 21 8.05 -4.17 7.60
C GLY A 21 7.69 -3.72 6.17
N TYR A 22 7.50 -4.63 5.26
CA TYR A 22 7.16 -4.25 3.85
C TYR A 22 5.82 -4.87 3.42
N ILE A 23 4.96 -4.10 2.80
CA ILE A 23 3.63 -4.64 2.36
C ILE A 23 3.76 -5.28 0.97
N ASP A 24 3.24 -6.47 0.81
CA ASP A 24 3.30 -7.15 -0.52
C ASP A 24 2.00 -6.95 -1.30
N LEU A 25 1.94 -7.48 -2.49
CA LEU A 25 0.70 -7.33 -3.33
C LEU A 25 -0.53 -7.91 -2.62
N ASP A 26 -0.40 -9.06 -2.01
CA ASP A 26 -1.58 -9.66 -1.30
C ASP A 26 -1.98 -8.81 -0.09
N GLU A 27 -1.02 -8.30 0.65
CA GLU A 27 -1.35 -7.46 1.84
C GLU A 27 -2.08 -6.19 1.38
N LEU A 28 -1.77 -5.68 0.21
CA LEU A 28 -2.48 -4.45 -0.30
C LEU A 28 -3.96 -4.77 -0.49
N LYS A 29 -4.26 -5.90 -1.10
CA LYS A 29 -5.67 -6.30 -1.33
C LYS A 29 -6.51 -6.25 -0.04
N ILE A 30 -5.91 -6.57 1.08
CA ILE A 30 -6.66 -6.54 2.37
C ILE A 30 -6.69 -5.12 2.98
N MET A 31 -5.74 -4.28 2.64
CA MET A 31 -5.71 -2.90 3.22
C MET A 31 -6.79 -2.00 2.59
N LEU A 32 -7.10 -2.18 1.32
CA LEU A 32 -8.13 -1.33 0.67
C LEU A 32 -9.54 -1.91 0.87
N GLN A 33 -9.65 -3.12 1.37
CA GLN A 33 -11.00 -3.73 1.60
C GLN A 33 -11.82 -2.89 2.59
N ALA A 34 -11.17 -2.30 3.58
CA ALA A 34 -11.91 -1.48 4.57
C ALA A 34 -12.52 -0.24 3.90
N THR A 35 -11.80 0.40 3.02
CA THR A 35 -12.34 1.63 2.34
C THR A 35 -13.09 1.26 1.04
N GLY A 36 -12.97 0.03 0.58
CA GLY A 36 -13.67 -0.38 -0.67
C GLY A 36 -13.05 -1.65 -1.24
N GLU A 37 -12.25 -1.53 -2.27
CA GLU A 37 -11.59 -2.72 -2.89
C GLU A 37 -12.64 -3.76 -3.32
N THR A 38 -13.47 -3.43 -4.28
CA THR A 38 -14.52 -4.39 -4.75
C THR A 38 -14.18 -4.88 -6.17
N ILE A 39 -12.94 -5.22 -6.41
CA ILE A 39 -12.54 -5.71 -7.77
C ILE A 39 -11.72 -7.01 -7.63
N THR A 40 -10.96 -7.37 -8.64
CA THR A 40 -10.16 -8.64 -8.56
C THR A 40 -8.66 -8.34 -8.31
N GLU A 41 -7.87 -9.36 -8.18
CA GLU A 41 -6.40 -9.17 -7.94
C GLU A 41 -5.74 -8.36 -9.07
N ASP A 42 -6.28 -8.43 -10.27
CA ASP A 42 -5.68 -7.67 -11.41
C ASP A 42 -5.71 -6.16 -11.13
N ASP A 43 -6.80 -5.67 -10.59
CA ASP A 43 -6.91 -4.20 -10.28
C ASP A 43 -5.89 -3.79 -9.20
N ILE A 44 -5.48 -4.73 -8.37
CA ILE A 44 -4.47 -4.40 -7.30
C ILE A 44 -3.18 -3.87 -7.94
N GLU A 45 -2.85 -4.33 -9.12
CA GLU A 45 -1.60 -3.88 -9.80
C GLU A 45 -1.68 -2.38 -10.15
N GLU A 46 -2.85 -1.82 -10.32
CA GLU A 46 -2.96 -0.36 -10.65
C GLU A 46 -2.34 0.46 -9.52
N LEU A 47 -2.72 0.21 -8.30
CA LEU A 47 -2.14 0.96 -7.14
C LEU A 47 -0.70 0.46 -6.91
N MET A 48 -0.43 -0.79 -7.16
CA MET A 48 0.95 -1.34 -6.95
C MET A 48 1.97 -0.71 -7.92
N LYS A 49 1.53 -0.25 -9.08
CA LYS A 49 2.51 0.37 -10.02
C LYS A 49 3.11 1.64 -9.41
N ASP A 50 2.28 2.53 -8.94
CA ASP A 50 2.81 3.78 -8.31
C ASP A 50 3.43 3.45 -6.95
N GLY A 51 2.87 2.50 -6.23
CA GLY A 51 3.45 2.11 -4.91
C GLY A 51 4.79 1.43 -5.15
N ASP A 52 4.83 0.47 -6.02
CA ASP A 52 6.10 -0.25 -6.34
C ASP A 52 6.40 -0.12 -7.84
N LYS A 53 7.02 0.96 -8.26
CA LYS A 53 7.34 1.10 -9.72
C LYS A 53 8.28 -0.02 -10.16
N ASN A 54 9.08 -0.54 -9.25
CA ASN A 54 10.00 -1.67 -9.61
C ASN A 54 9.18 -2.95 -9.82
N ASN A 55 7.99 -3.01 -9.24
CA ASN A 55 7.10 -4.20 -9.37
C ASN A 55 7.79 -5.48 -8.87
N ASP A 56 8.56 -5.38 -7.81
CA ASP A 56 9.21 -6.61 -7.25
C ASP A 56 8.24 -7.33 -6.29
N GLY A 57 7.11 -6.73 -5.99
CA GLY A 57 6.12 -7.39 -5.09
C GLY A 57 6.18 -6.80 -3.67
N ARG A 58 7.32 -6.33 -3.24
CA ARG A 58 7.42 -5.77 -1.86
C ARG A 58 7.43 -4.23 -1.88
N ILE A 59 6.58 -3.61 -1.11
CA ILE A 59 6.54 -2.12 -1.07
C ILE A 59 7.44 -1.62 0.06
N ASP A 60 8.28 -0.66 -0.21
CA ASP A 60 9.23 -0.15 0.82
C ASP A 60 8.75 1.19 1.43
N TYR A 61 9.45 1.65 2.45
CA TYR A 61 9.07 2.95 3.10
C TYR A 61 9.28 4.11 2.13
N ASP A 62 10.37 4.11 1.41
CA ASP A 62 10.63 5.21 0.42
C ASP A 62 9.49 5.23 -0.62
N GLU A 63 9.11 4.07 -1.08
CA GLU A 63 7.98 3.98 -2.07
C GLU A 63 6.68 4.49 -1.42
N PHE A 64 6.52 4.22 -0.15
CA PHE A 64 5.30 4.68 0.58
C PHE A 64 5.14 6.20 0.50
N LEU A 65 6.16 6.94 0.85
CA LEU A 65 6.09 8.44 0.80
C LEU A 65 5.87 8.92 -0.64
N GLU A 66 6.37 8.20 -1.62
CA GLU A 66 6.19 8.64 -3.04
C GLU A 66 4.78 8.30 -3.54
N PHE A 67 4.25 7.15 -3.16
CA PHE A 67 2.88 6.76 -3.62
C PHE A 67 1.79 7.50 -2.82
N MET A 68 1.94 7.61 -1.52
CA MET A 68 0.90 8.31 -0.69
C MET A 68 0.58 9.70 -1.25
N LYS A 69 1.50 10.32 -1.95
CA LYS A 69 1.24 11.68 -2.52
C LYS A 69 0.05 11.65 -3.50
N GLY A 70 -0.17 10.54 -4.18
CA GLY A 70 -1.29 10.48 -5.15
C GLY A 70 -2.20 9.27 -4.85
N VAL A 71 -1.67 8.07 -4.95
CA VAL A 71 -2.50 6.84 -4.69
C VAL A 71 -3.71 6.82 -5.64
N GLU A 72 -3.47 6.78 -6.93
CA GLU A 72 -4.59 6.78 -7.91
C GLU A 72 -4.69 5.42 -8.62
#